data_7DLX
#
_entry.id   7DLX
#
_cell.length_a   102.582
_cell.length_b   73.237
_cell.length_c   109.682
_cell.angle_alpha   90.00
_cell.angle_beta   95.48
_cell.angle_gamma   90.00
#
_symmetry.space_group_name_H-M   'P 1 21 1'
#
loop_
_entity.id
_entity.type
_entity.pdbx_description
1 polymer 'Histone H2B,Histone H2A'
2 water water
#
_entity_poly.entity_id   1
_entity_poly.type   'polypeptide(L)'
_entity_poly.pdbx_seq_one_letter_code
;MRKETYSSYIYKVLKQTHPDTGISQKSMSILNSFVNDIFERIATEASKLAAYNKKSTISAREIQTAVRLILPGELAKHAV
SEGTRAVTKYSSSTQASGGKGGKAGSAAKASQSRSAKAGLTFPVGRVHRLLRRGNYAQRIGSKAAIYLTAVLEYLTAEVL
ELAGNAARDNKKTRIIPRHLQLAIRNDDELNKLLGNVTIAQGGVLPNI
;
_entity_poly.pdbx_strand_id   A,B,C,D,E,F,G,H
#
# COMPACT_ATOMS: atom_id res chain seq x y z
N GLU A 4 21.60 16.10 11.83
CA GLU A 4 22.43 14.91 11.76
C GLU A 4 21.78 13.86 10.85
N THR A 5 20.46 13.93 10.72
CA THR A 5 19.72 12.99 9.88
C THR A 5 18.75 13.72 8.94
N TYR A 6 19.17 13.88 7.68
CA TYR A 6 18.35 14.52 6.67
C TYR A 6 17.70 13.48 5.75
N SER A 7 17.79 12.22 6.16
CA SER A 7 17.39 11.08 5.32
C SER A 7 16.04 11.24 4.63
N SER A 8 14.98 11.45 5.40
CA SER A 8 13.63 11.52 4.86
C SER A 8 13.49 12.65 3.85
N TYR A 9 14.17 13.77 4.12
CA TYR A 9 14.12 14.91 3.23
C TYR A 9 14.96 14.67 1.98
N ILE A 10 16.04 13.92 2.14
CA ILE A 10 16.87 13.52 1.01
C ILE A 10 16.07 12.63 0.08
N TYR A 11 15.37 11.67 0.67
CA TYR A 11 14.51 10.76 -0.09
C TYR A 11 13.40 11.52 -0.81
N LYS A 12 12.81 12.50 -0.15
CA LYS A 12 11.77 13.34 -0.76
C LYS A 12 12.32 14.06 -1.99
N VAL A 13 13.50 14.67 -1.83
CA VAL A 13 14.15 15.39 -2.91
C VAL A 13 14.38 14.49 -4.12
N LEU A 14 14.79 13.26 -3.87
CA LEU A 14 15.05 12.29 -4.92
C LEU A 14 13.81 12.00 -5.77
N LYS A 15 12.65 11.93 -5.13
CA LYS A 15 11.42 11.57 -5.81
C LYS A 15 10.77 12.75 -6.55
N GLN A 16 11.14 13.96 -6.14
CA GLN A 16 10.62 15.18 -6.78
C GLN A 16 11.12 15.30 -8.21
N THR A 17 12.29 14.71 -8.50
CA THR A 17 12.91 14.82 -9.81
C THR A 17 12.98 13.47 -10.50
N HIS A 18 13.27 12.44 -9.72
CA HIS A 18 13.47 11.09 -10.27
C HIS A 18 12.79 10.05 -9.41
N PRO A 19 11.47 9.97 -9.53
CA PRO A 19 10.69 8.94 -8.84
C PRO A 19 11.16 7.60 -9.42
N ASP A 20 11.75 7.76 -10.59
CA ASP A 20 12.43 6.76 -11.41
C ASP A 20 13.33 5.97 -10.47
N THR A 21 13.98 6.67 -9.56
CA THR A 21 15.24 6.16 -8.99
C THR A 21 15.14 5.95 -7.49
N GLY A 22 15.68 4.85 -7.00
CA GLY A 22 15.72 4.59 -5.57
C GLY A 22 17.13 4.73 -5.04
N ILE A 23 17.29 4.61 -3.72
CA ILE A 23 18.59 4.75 -3.08
C ILE A 23 18.74 3.83 -1.87
N SER A 24 19.91 3.19 -1.74
CA SER A 24 20.14 2.22 -0.69
C SER A 24 20.49 2.86 0.66
N GLN A 25 20.47 2.04 1.71
CA GLN A 25 20.76 2.51 3.06
C GLN A 25 22.15 3.13 3.17
N LYS A 26 23.16 2.41 2.70
CA LYS A 26 24.53 2.91 2.70
C LYS A 26 24.65 4.24 1.97
N SER A 27 24.04 4.31 0.79
CA SER A 27 24.10 5.51 -0.03
C SER A 27 23.50 6.71 0.69
N MET A 28 22.41 6.48 1.42
CA MET A 28 21.71 7.53 2.15
C MET A 28 22.53 8.06 3.32
N SER A 29 23.14 7.14 4.07
CA SER A 29 23.96 7.53 5.22
C SER A 29 25.21 8.27 4.79
N ILE A 30 25.80 7.83 3.68
CA ILE A 30 26.95 8.51 3.12
C ILE A 30 26.55 9.91 2.66
N LEU A 31 25.43 9.98 1.96
CA LEU A 31 24.93 11.26 1.45
C LEU A 31 24.50 12.15 2.61
N ASN A 32 24.00 11.52 3.67
CA ASN A 32 23.61 12.25 4.87
C ASN A 32 24.82 12.83 5.59
N SER A 33 25.94 12.14 5.51
CA SER A 33 27.18 12.60 6.14
C SER A 33 27.78 13.79 5.38
N PHE A 34 27.64 13.78 4.06
CA PHE A 34 28.06 14.90 3.22
C PHE A 34 27.31 16.16 3.58
N VAL A 35 26.02 16.02 3.87
CA VAL A 35 25.20 17.15 4.28
C VAL A 35 25.73 17.74 5.59
N ASN A 36 26.07 16.86 6.53
CA ASN A 36 26.65 17.28 7.81
C ASN A 36 27.99 18.00 7.63
N ASP A 37 28.87 17.42 6.81
CA ASP A 37 30.18 18.00 6.55
C ASP A 37 30.06 19.39 5.94
N ILE A 38 29.18 19.52 4.95
CA ILE A 38 28.96 20.79 4.27
C ILE A 38 28.32 21.83 5.19
N PHE A 39 27.47 21.36 6.09
CA PHE A 39 26.84 22.24 7.07
C PHE A 39 27.90 22.80 8.02
N GLU A 40 28.70 21.90 8.59
CA GLU A 40 29.79 22.27 9.51
C GLU A 40 30.72 23.31 8.91
N ARG A 41 31.20 23.05 7.69
CA ARG A 41 32.16 23.91 7.02
C ARG A 41 31.59 25.29 6.68
N ILE A 42 30.29 25.33 6.37
CA ILE A 42 29.64 26.60 6.06
C ILE A 42 29.35 27.39 7.33
N ALA A 43 28.81 26.73 8.35
CA ALA A 43 28.51 27.38 9.62
C ALA A 43 29.78 27.91 10.28
N THR A 44 30.84 27.11 10.25
CA THR A 44 32.13 27.51 10.82
C THR A 44 32.70 28.76 10.14
N GLU A 45 32.64 28.79 8.81
CA GLU A 45 33.17 29.92 8.05
C GLU A 45 32.35 31.19 8.30
N ALA A 46 31.04 31.04 8.34
CA ALA A 46 30.15 32.15 8.67
C ALA A 46 30.39 32.61 10.11
N SER A 47 30.77 31.67 10.96
CA SER A 47 31.06 31.97 12.36
C SER A 47 32.29 32.88 12.49
N LYS A 48 33.37 32.51 11.81
CA LYS A 48 34.59 33.32 11.81
C LYS A 48 34.36 34.66 11.13
N LEU A 49 33.45 34.68 10.17
CA LEU A 49 33.14 35.91 9.44
C LEU A 49 32.36 36.88 10.33
N ALA A 50 31.43 36.34 11.10
CA ALA A 50 30.64 37.15 12.04
C ALA A 50 31.56 37.78 13.08
N ALA A 51 32.48 37.00 13.61
CA ALA A 51 33.44 37.49 14.59
C ALA A 51 34.35 38.56 13.98
N TYR A 52 34.76 38.35 12.74
CA TYR A 52 35.66 39.27 12.05
C TYR A 52 35.01 40.63 11.81
N ASN A 53 33.73 40.63 11.48
CA ASN A 53 33.01 41.86 11.21
C ASN A 53 32.32 42.42 12.44
N LYS A 54 32.67 41.85 13.60
CA LYS A 54 32.11 42.31 14.87
C LYS A 54 30.60 42.15 14.91
N LYS A 55 30.13 40.95 14.55
CA LYS A 55 28.71 40.65 14.50
C LYS A 55 28.31 39.70 15.63
N SER A 56 27.29 40.10 16.38
CA SER A 56 26.73 39.22 17.41
C SER A 56 25.88 38.14 16.75
N THR A 57 25.40 38.43 15.55
CA THR A 57 24.47 37.54 14.87
C THR A 57 24.96 37.13 13.49
N ILE A 58 24.87 35.86 13.19
CA ILE A 58 25.16 35.35 11.89
C ILE A 58 24.00 35.59 11.04
N SER A 59 24.10 36.43 10.07
CA SER A 59 22.96 36.68 9.28
C SER A 59 23.12 36.09 7.92
N ALA A 60 22.22 36.38 7.01
CA ALA A 60 22.22 35.77 5.70
C ALA A 60 23.41 36.22 4.90
N ARG A 61 23.96 37.31 5.33
CA ARG A 61 25.07 37.87 4.67
C ARG A 61 26.31 37.09 4.94
N GLU A 62 26.49 36.70 6.15
CA GLU A 62 27.62 35.85 6.52
C GLU A 62 27.51 34.48 5.88
N ILE A 63 26.29 33.95 5.82
CA ILE A 63 26.03 32.67 5.18
C ILE A 63 26.40 32.72 3.69
N GLN A 64 26.01 33.81 3.03
CA GLN A 64 26.25 33.96 1.60
C GLN A 64 27.74 33.99 1.26
N THR A 65 28.48 34.82 1.99
CA THR A 65 29.93 34.92 1.81
C THR A 65 30.61 33.58 2.09
N ALA A 66 30.16 32.88 3.13
CA ALA A 66 30.72 31.59 3.48
C ALA A 66 30.47 30.57 2.37
N VAL A 67 29.36 30.72 1.66
CA VAL A 67 29.04 29.83 0.55
C VAL A 67 29.94 30.09 -0.67
N ARG A 68 30.35 31.34 -0.85
CA ARG A 68 31.23 31.72 -1.96
C ARG A 68 32.60 31.08 -1.78
N LEU A 69 33.03 30.99 -0.52
CA LEU A 69 34.40 30.60 -0.20
C LEU A 69 34.58 29.09 -0.17
N ILE A 70 33.57 28.38 0.33
CA ILE A 70 33.66 26.94 0.52
C ILE A 70 33.37 26.15 -0.77
N LEU A 71 32.42 26.65 -1.56
CA LEU A 71 31.98 25.92 -2.74
C LEU A 71 32.81 26.25 -3.97
N PRO A 72 33.16 25.23 -4.77
CA PRO A 72 33.79 25.40 -6.08
C PRO A 72 32.97 26.31 -6.99
N GLY A 73 33.62 26.82 -8.04
CA GLY A 73 33.07 27.87 -8.89
C GLY A 73 31.60 27.88 -9.23
N GLU A 74 31.15 26.89 -10.01
CA GLU A 74 29.78 26.88 -10.52
C GLU A 74 28.74 26.53 -9.46
N LEU A 75 29.11 25.64 -8.55
CA LEU A 75 28.22 25.26 -7.45
C LEU A 75 27.94 26.48 -6.58
N ALA A 76 28.95 27.30 -6.37
CA ALA A 76 28.84 28.49 -5.53
C ALA A 76 27.80 29.48 -6.06
N LYS A 77 27.91 29.82 -7.35
CA LYS A 77 27.01 30.79 -7.97
C LYS A 77 25.56 30.30 -8.00
N HIS A 78 25.37 28.99 -8.17
CA HIS A 78 24.03 28.42 -8.18
C HIS A 78 23.46 28.30 -6.77
N ALA A 79 24.30 27.98 -5.80
CA ALA A 79 23.88 27.93 -4.40
C ALA A 79 23.45 29.30 -3.92
N VAL A 80 24.25 30.31 -4.27
CA VAL A 80 23.95 31.69 -3.92
C VAL A 80 22.63 32.14 -4.53
N SER A 81 22.39 31.71 -5.77
CA SER A 81 21.16 32.03 -6.47
C SER A 81 19.95 31.38 -5.79
N GLU A 82 20.11 30.13 -5.38
CA GLU A 82 19.05 29.39 -4.70
C GLU A 82 18.78 29.95 -3.30
N GLY A 83 19.85 30.20 -2.55
CA GLY A 83 19.73 30.77 -1.23
C GLY A 83 19.08 32.14 -1.27
N THR A 84 19.42 32.90 -2.31
CA THR A 84 18.84 34.22 -2.52
C THR A 84 17.36 34.11 -2.90
N ARG A 85 17.03 33.02 -3.59
CA ARG A 85 15.65 32.80 -4.03
C ARG A 85 14.75 32.40 -2.85
N ALA A 86 15.27 31.53 -1.99
CA ALA A 86 14.51 31.04 -0.84
C ALA A 86 14.18 32.17 0.14
N VAL A 87 15.15 33.05 0.34
CA VAL A 87 14.98 34.19 1.26
C VAL A 87 14.10 35.27 0.67
N THR A 88 14.20 35.47 -0.65
CA THR A 88 13.41 36.49 -1.34
C THR A 88 11.94 36.11 -1.38
N LYS A 89 11.67 34.83 -1.61
CA LYS A 89 10.30 34.33 -1.70
C LYS A 89 9.63 34.34 -0.33
N TYR A 90 10.41 34.10 0.69
CA TYR A 90 9.86 34.05 1.99
C TYR A 90 9.61 35.42 2.52
N SER A 91 10.22 36.40 1.94
CA SER A 91 10.03 37.74 2.40
C SER A 91 8.83 38.35 1.77
N SER A 92 8.64 38.13 0.50
CA SER A 92 7.55 38.78 -0.15
C SER A 92 6.29 38.11 0.27
N SER A 93 6.44 36.87 0.65
CA SER A 93 5.33 36.12 1.24
C SER A 93 5.11 36.59 2.68
N THR A 94 6.09 37.29 3.22
CA THR A 94 6.05 37.77 4.59
C THR A 94 5.93 36.63 5.60
N SER A 113 4.53 26.89 7.11
CA SER A 113 5.86 26.87 7.70
C SER A 113 6.85 27.69 6.91
N ARG A 114 7.96 28.06 7.55
CA ARG A 114 9.04 28.79 6.92
C ARG A 114 9.57 28.09 5.67
N SER A 115 9.73 26.76 5.74
CA SER A 115 10.19 26.00 4.57
C SER A 115 9.23 26.15 3.40
N ALA A 116 7.94 26.06 3.68
CA ALA A 116 6.91 26.16 2.64
C ALA A 116 6.88 27.56 2.02
N LYS A 117 6.95 28.58 2.87
CA LYS A 117 6.96 29.96 2.38
C LYS A 117 8.21 30.24 1.53
N ALA A 118 9.32 29.60 1.88
CA ALA A 118 10.56 29.76 1.12
C ALA A 118 10.58 28.82 -0.08
N GLY A 119 9.67 27.85 -0.10
CA GLY A 119 9.62 26.90 -1.19
C GLY A 119 10.66 25.80 -1.05
N LEU A 120 10.99 25.46 0.17
CA LEU A 120 12.00 24.48 0.40
C LEU A 120 11.43 23.20 0.88
N THR A 121 12.16 22.14 0.71
CA THR A 121 11.74 20.85 1.12
C THR A 121 12.46 20.43 2.37
N PHE A 122 13.63 20.98 2.62
CA PHE A 122 14.47 20.61 3.74
C PHE A 122 13.99 21.43 4.92
N PRO A 123 14.17 20.94 6.11
CA PRO A 123 13.63 21.49 7.36
C PRO A 123 14.39 22.74 7.82
N VAL A 124 13.82 23.91 7.51
CA VAL A 124 14.41 25.19 7.90
C VAL A 124 14.52 25.30 9.42
N GLY A 125 13.52 24.79 10.13
CA GLY A 125 13.50 24.86 11.58
C GLY A 125 14.58 24.03 12.24
N ARG A 126 14.81 22.82 11.72
CA ARG A 126 15.82 21.93 12.28
C ARG A 126 17.24 22.45 12.02
N VAL A 127 17.43 23.14 10.92
CA VAL A 127 18.72 23.66 10.57
C VAL A 127 19.10 24.84 11.41
N HIS A 128 18.12 25.68 11.74
CA HIS A 128 18.26 26.85 12.55
C HIS A 128 18.62 26.45 13.93
N ARG A 129 17.99 25.40 14.37
CA ARG A 129 18.27 24.86 15.64
C ARG A 129 19.65 24.32 15.63
N LEU A 130 19.98 23.45 14.72
CA LEU A 130 21.32 22.99 14.67
C LEU A 130 22.31 24.14 14.70
N LEU A 131 22.10 25.16 13.91
CA LEU A 131 22.99 26.26 13.90
C LEU A 131 23.02 26.86 15.25
N ARG A 132 21.97 26.74 15.99
CA ARG A 132 21.83 27.52 17.17
C ARG A 132 22.42 26.79 18.36
N ARG A 133 22.42 25.48 18.36
CA ARG A 133 22.97 24.76 19.49
C ARG A 133 24.41 24.33 19.33
N GLY A 134 25.13 24.91 18.39
CA GLY A 134 26.49 24.52 18.14
C GLY A 134 27.36 25.70 18.35
N ASN A 135 26.73 26.79 18.70
CA ASN A 135 27.34 28.00 19.18
C ASN A 135 28.35 28.61 18.26
N TYR A 136 27.93 28.89 17.07
CA TYR A 136 28.78 29.55 16.16
C TYR A 136 28.69 31.01 16.38
N ALA A 137 27.66 31.45 17.04
CA ALA A 137 27.43 32.86 17.27
C ALA A 137 26.51 33.06 18.43
N GLN A 138 26.16 34.28 18.72
CA GLN A 138 25.29 34.56 19.82
C GLN A 138 23.89 34.31 19.34
N ARG A 139 23.61 34.79 18.14
CA ARG A 139 22.32 34.67 17.52
C ARG A 139 22.44 34.24 16.08
N ILE A 140 21.44 33.52 15.63
CA ILE A 140 21.27 33.10 14.27
C ILE A 140 20.02 33.66 13.75
N GLY A 141 20.12 34.57 12.83
CA GLY A 141 18.98 35.09 12.17
C GLY A 141 18.19 34.09 11.36
N SER A 142 16.96 34.40 11.09
CA SER A 142 16.06 33.52 10.42
C SER A 142 16.34 33.37 8.97
N LYS A 143 16.52 34.47 8.28
CA LYS A 143 16.84 34.47 6.90
C LYS A 143 18.10 33.71 6.58
N ALA A 144 18.99 33.64 7.54
CA ALA A 144 20.20 32.92 7.43
C ALA A 144 20.01 31.45 7.52
N ALA A 145 19.10 31.02 8.35
CA ALA A 145 18.75 29.60 8.44
C ALA A 145 18.03 29.14 7.18
N ILE A 146 17.23 30.03 6.61
CA ILE A 146 16.54 29.76 5.34
C ILE A 146 17.57 29.67 4.20
N TYR A 147 18.56 30.57 4.24
CA TYR A 147 19.59 30.62 3.22
C TYR A 147 20.41 29.33 3.21
N LEU A 148 20.85 28.91 4.39
CA LEU A 148 21.63 27.69 4.54
C LEU A 148 20.84 26.46 4.13
N THR A 149 19.55 26.43 4.49
CA THR A 149 18.69 25.28 4.17
C THR A 149 18.56 25.11 2.66
N ALA A 150 18.39 26.22 1.96
CA ALA A 150 18.25 26.18 0.50
C ALA A 150 19.54 25.70 -0.15
N VAL A 151 20.67 26.06 0.44
CA VAL A 151 21.97 25.63 -0.07
C VAL A 151 22.19 24.13 0.15
N LEU A 152 21.85 23.65 1.35
CA LEU A 152 21.97 22.22 1.65
C LEU A 152 21.08 21.38 0.75
N GLU A 153 19.94 21.95 0.37
CA GLU A 153 18.99 21.23 -0.47
C GLU A 153 19.45 21.21 -1.92
N TYR A 154 19.96 22.34 -2.41
CA TYR A 154 20.47 22.42 -3.77
C TYR A 154 21.65 21.47 -3.98
N LEU A 155 22.58 21.46 -3.02
CA LEU A 155 23.74 20.58 -3.11
C LEU A 155 23.34 19.11 -3.03
N THR A 156 22.40 18.79 -2.16
CA THR A 156 21.95 17.42 -1.97
C THR A 156 21.32 16.89 -3.25
N ALA A 157 20.53 17.75 -3.89
CA ALA A 157 19.89 17.42 -5.16
C ALA A 157 20.95 17.25 -6.24
N GLU A 158 22.00 18.05 -6.19
CA GLU A 158 23.08 17.97 -7.17
C GLU A 158 23.79 16.63 -7.11
N VAL A 159 24.14 16.21 -5.91
CA VAL A 159 24.76 14.90 -5.70
C VAL A 159 23.83 13.77 -6.12
N LEU A 160 22.55 13.87 -5.75
CA LEU A 160 21.55 12.87 -6.13
C LEU A 160 21.37 12.80 -7.64
N GLU A 161 21.45 13.96 -8.28
CA GLU A 161 21.34 14.05 -9.74
C GLU A 161 22.50 13.33 -10.41
N LEU A 162 23.72 13.62 -9.95
CA LEU A 162 24.92 13.01 -10.51
C LEU A 162 25.07 11.55 -10.08
N ALA A 163 24.73 11.25 -8.83
CA ALA A 163 24.76 9.88 -8.35
C ALA A 163 23.68 9.06 -9.07
N GLY A 164 22.57 9.73 -9.41
CA GLY A 164 21.49 9.10 -10.12
C GLY A 164 21.80 8.90 -11.59
N ASN A 165 22.47 9.87 -12.20
CA ASN A 165 22.88 9.76 -13.60
C ASN A 165 23.84 8.60 -13.83
N ALA A 166 24.77 8.42 -12.90
CA ALA A 166 25.70 7.31 -12.96
C ALA A 166 24.98 5.97 -12.84
N ALA A 167 23.87 5.97 -12.11
CA ALA A 167 23.07 4.76 -11.93
C ALA A 167 22.20 4.49 -13.16
N ARG A 168 21.50 5.52 -13.62
CA ARG A 168 20.61 5.39 -14.77
C ARG A 168 21.37 5.18 -16.08
N ASP A 169 22.51 5.87 -16.22
CA ASP A 169 23.35 5.68 -17.40
C ASP A 169 23.87 4.25 -17.48
N ASN A 170 24.06 3.63 -16.32
CA ASN A 170 24.51 2.24 -16.26
C ASN A 170 23.32 1.28 -16.23
N LYS A 171 22.15 1.77 -16.63
CA LYS A 171 20.94 0.96 -16.76
C LYS A 171 20.45 0.37 -15.43
N LYS A 172 20.71 1.09 -14.34
CA LYS A 172 20.20 0.69 -13.03
C LYS A 172 19.20 1.73 -12.52
N THR A 173 18.41 1.34 -11.51
CA THR A 173 17.39 2.22 -10.96
C THR A 173 17.52 2.40 -9.45
N ARG A 174 18.70 2.07 -8.91
CA ARG A 174 18.95 2.19 -7.47
C ARG A 174 20.36 2.73 -7.21
N ILE A 175 20.42 3.87 -6.53
CA ILE A 175 21.71 4.49 -6.21
C ILE A 175 22.47 3.68 -5.15
N ILE A 176 23.59 3.11 -5.56
CA ILE A 176 24.48 2.42 -4.63
C ILE A 176 25.71 3.28 -4.39
N PRO A 177 26.44 3.01 -3.29
CA PRO A 177 27.60 3.81 -2.87
C PRO A 177 28.61 4.04 -3.99
N ARG A 178 28.76 3.06 -4.88
CA ARG A 178 29.70 3.17 -5.98
C ARG A 178 29.34 4.34 -6.90
N HIS A 179 28.05 4.62 -7.03
CA HIS A 179 27.57 5.67 -7.91
C HIS A 179 27.89 7.06 -7.36
N LEU A 180 27.86 7.20 -6.04
CA LEU A 180 28.24 8.44 -5.38
C LEU A 180 29.72 8.74 -5.63
N GLN A 181 30.55 7.72 -5.47
CA GLN A 181 31.98 7.85 -5.70
C GLN A 181 32.27 8.19 -7.16
N LEU A 182 31.48 7.62 -8.07
CA LEU A 182 31.63 7.88 -9.49
C LEU A 182 31.17 9.28 -9.87
N ALA A 183 30.09 9.72 -9.24
CA ALA A 183 29.55 11.06 -9.49
C ALA A 183 30.53 12.14 -9.05
N ILE A 184 31.12 11.94 -7.87
CA ILE A 184 32.07 12.91 -7.32
C ILE A 184 33.39 12.89 -8.07
N ARG A 185 33.79 11.71 -8.55
CA ARG A 185 35.05 11.56 -9.27
C ARG A 185 34.95 12.12 -10.69
N ASN A 186 33.89 11.74 -11.42
CA ASN A 186 33.75 12.15 -12.81
C ASN A 186 33.26 13.59 -12.98
N ASP A 187 33.05 14.27 -11.86
CA ASP A 187 32.64 15.67 -11.89
C ASP A 187 33.64 16.53 -11.13
N ASP A 188 34.18 17.54 -11.82
CA ASP A 188 35.27 18.35 -11.30
C ASP A 188 34.93 19.10 -10.01
N GLU A 189 33.87 19.90 -10.04
CA GLU A 189 33.49 20.71 -8.89
C GLU A 189 33.02 19.88 -7.70
N LEU A 190 32.28 18.81 -7.97
CA LEU A 190 31.92 17.85 -6.92
C LEU A 190 33.19 17.25 -6.35
N ASN A 191 34.17 17.05 -7.22
CA ASN A 191 35.46 16.51 -6.81
C ASN A 191 36.23 17.44 -5.86
N LYS A 192 36.19 18.74 -6.15
CA LYS A 192 36.86 19.72 -5.31
C LYS A 192 36.24 19.75 -3.92
N LEU A 193 34.91 19.64 -3.87
CA LEU A 193 34.16 19.78 -2.63
C LEU A 193 34.13 18.49 -1.82
N LEU A 194 33.68 17.41 -2.44
CA LEU A 194 33.48 16.15 -1.75
C LEU A 194 34.66 15.20 -1.90
N GLY A 195 35.63 15.58 -2.73
CA GLY A 195 36.78 14.73 -3.01
C GLY A 195 37.58 14.37 -1.77
N THR B 5 -28.88 -40.00 8.16
CA THR B 5 -28.46 -40.40 6.82
C THR B 5 -29.29 -39.73 5.75
N TYR B 6 -28.70 -39.56 4.56
CA TYR B 6 -29.38 -38.96 3.44
C TYR B 6 -29.96 -40.03 2.53
N SER B 7 -30.13 -41.23 3.09
CA SER B 7 -30.56 -42.41 2.32
C SER B 7 -31.82 -42.20 1.50
N SER B 8 -32.90 -41.80 2.17
CA SER B 8 -34.19 -41.62 1.51
C SER B 8 -34.12 -40.61 0.38
N TYR B 9 -33.35 -39.54 0.58
CA TYR B 9 -33.27 -38.45 -0.38
C TYR B 9 -32.40 -38.78 -1.58
N ILE B 10 -31.29 -39.47 -1.34
CA ILE B 10 -30.42 -39.91 -2.44
C ILE B 10 -31.16 -40.86 -3.35
N TYR B 11 -32.01 -41.70 -2.76
CA TYR B 11 -32.83 -42.62 -3.54
C TYR B 11 -33.93 -41.85 -4.28
N LYS B 12 -34.53 -40.87 -3.60
CA LYS B 12 -35.52 -40.00 -4.24
C LYS B 12 -34.90 -39.28 -5.43
N VAL B 13 -33.69 -38.74 -5.21
CA VAL B 13 -32.96 -38.04 -6.27
C VAL B 13 -32.64 -38.97 -7.42
N LEU B 14 -32.35 -40.23 -7.11
CA LEU B 14 -32.03 -41.23 -8.12
C LEU B 14 -33.25 -41.54 -9.00
N LYS B 15 -34.44 -41.48 -8.41
CA LYS B 15 -35.66 -41.82 -9.13
C LYS B 15 -36.25 -40.63 -9.88
N GLN B 16 -35.91 -39.42 -9.44
CA GLN B 16 -36.38 -38.20 -10.09
C GLN B 16 -35.80 -38.07 -11.49
N THR B 17 -34.62 -38.65 -11.70
CA THR B 17 -33.93 -38.56 -12.98
C THR B 17 -33.92 -39.91 -13.68
N HIS B 18 -33.85 -40.98 -12.90
CA HIS B 18 -33.82 -42.33 -13.44
C HIS B 18 -34.52 -43.32 -12.52
N PRO B 19 -35.86 -43.37 -12.58
CA PRO B 19 -36.59 -44.46 -11.91
C PRO B 19 -36.11 -45.74 -12.55
N ASP B 20 -35.75 -45.59 -13.82
CA ASP B 20 -34.97 -46.52 -14.60
C ASP B 20 -34.01 -47.40 -13.79
N THR B 21 -33.28 -46.78 -12.86
CA THR B 21 -32.16 -47.45 -12.19
C THR B 21 -32.26 -47.52 -10.67
N GLY B 22 -31.63 -48.54 -10.08
CA GLY B 22 -31.57 -48.69 -8.64
C GLY B 22 -30.15 -48.62 -8.10
N ILE B 23 -29.99 -48.90 -6.82
CA ILE B 23 -28.68 -48.83 -6.17
C ILE B 23 -28.57 -49.78 -4.98
N SER B 24 -27.41 -50.40 -4.81
CA SER B 24 -27.19 -51.37 -3.74
C SER B 24 -27.01 -50.73 -2.37
N GLN B 25 -26.90 -51.57 -1.33
CA GLN B 25 -26.74 -51.11 0.04
C GLN B 25 -25.36 -50.48 0.30
N LYS B 26 -24.30 -51.19 -0.09
CA LYS B 26 -22.95 -50.68 0.10
C LYS B 26 -22.74 -49.37 -0.65
N SER B 27 -23.31 -49.28 -1.85
CA SER B 27 -23.18 -48.09 -2.67
C SER B 27 -23.84 -46.88 -2.00
N MET B 28 -24.95 -47.16 -1.30
CA MET B 28 -25.70 -46.12 -0.63
C MET B 28 -24.90 -45.45 0.48
N SER B 29 -24.23 -46.26 1.30
CA SER B 29 -23.44 -45.74 2.41
C SER B 29 -22.18 -45.04 1.92
N ILE B 30 -21.59 -45.57 0.85
CA ILE B 30 -20.41 -44.96 0.26
C ILE B 30 -20.73 -43.56 -0.24
N LEU B 31 -21.92 -43.41 -0.82
CA LEU B 31 -22.38 -42.11 -1.29
C LEU B 31 -22.85 -41.24 -0.13
N ASN B 32 -23.51 -41.87 0.85
CA ASN B 32 -24.00 -41.18 2.03
C ASN B 32 -22.84 -40.54 2.82
N SER B 33 -21.72 -41.23 2.88
CA SER B 33 -20.55 -40.74 3.61
C SER B 33 -19.78 -39.69 2.82
N PHE B 34 -19.87 -39.77 1.49
CA PHE B 34 -19.29 -38.73 0.63
C PHE B 34 -20.02 -37.41 0.83
N VAL B 35 -21.32 -37.49 1.13
CA VAL B 35 -22.10 -36.30 1.44
C VAL B 35 -21.67 -35.71 2.79
N ASN B 36 -21.51 -36.58 3.78
CA ASN B 36 -21.05 -36.17 5.10
C ASN B 36 -19.65 -35.56 5.05
N ASP B 37 -18.76 -36.19 4.29
CA ASP B 37 -17.38 -35.71 4.17
C ASP B 37 -17.34 -34.31 3.58
N ILE B 38 -18.14 -34.09 2.54
CA ILE B 38 -18.22 -32.78 1.89
C ILE B 38 -18.93 -31.77 2.79
N PHE B 39 -19.86 -32.25 3.60
CA PHE B 39 -20.53 -31.39 4.57
C PHE B 39 -19.53 -30.90 5.60
N GLU B 40 -18.70 -31.82 6.10
CA GLU B 40 -17.66 -31.48 7.06
C GLU B 40 -16.66 -30.49 6.48
N ARG B 41 -16.24 -30.73 5.24
CA ARG B 41 -15.29 -29.85 4.56
C ARG B 41 -15.84 -28.44 4.43
N ILE B 42 -16.98 -28.30 3.77
CA ILE B 42 -17.58 -26.99 3.48
C ILE B 42 -17.93 -26.23 4.77
N ALA B 43 -18.55 -26.93 5.72
CA ALA B 43 -18.90 -26.31 6.99
C ALA B 43 -17.67 -25.84 7.74
N THR B 44 -16.68 -26.72 7.84
CA THR B 44 -15.41 -26.39 8.49
C THR B 44 -14.78 -25.13 7.88
N GLU B 45 -14.67 -25.13 6.56
CA GLU B 45 -14.11 -23.99 5.84
C GLU B 45 -14.91 -22.72 6.11
N ALA B 46 -16.23 -22.86 6.14
CA ALA B 46 -17.12 -21.73 6.38
C ALA B 46 -17.03 -21.24 7.82
N SER B 47 -16.72 -22.15 8.73
CA SER B 47 -16.57 -21.82 10.15
C SER B 47 -15.35 -20.93 10.38
N LYS B 48 -14.25 -21.24 9.71
CA LYS B 48 -13.03 -20.45 9.83
C LYS B 48 -13.20 -19.10 9.15
N LEU B 49 -13.96 -19.08 8.05
CA LEU B 49 -14.27 -17.83 7.38
C LEU B 49 -15.14 -16.95 8.27
N ALA B 50 -15.91 -17.59 9.15
CA ALA B 50 -16.79 -16.86 10.06
C ALA B 50 -15.99 -16.06 11.09
N ALA B 51 -15.23 -16.78 11.92
CA ALA B 51 -14.42 -16.15 12.96
C ALA B 51 -13.41 -15.15 12.38
N TYR B 52 -12.79 -15.53 11.26
CA TYR B 52 -11.83 -14.66 10.57
C TYR B 52 -12.46 -13.33 10.16
N ASN B 53 -13.60 -13.41 9.48
CA ASN B 53 -14.32 -12.22 9.04
C ASN B 53 -15.01 -11.49 10.19
N LYS B 54 -14.78 -11.96 11.41
CA LYS B 54 -15.40 -11.37 12.61
C LYS B 54 -16.91 -11.48 12.55
N LYS B 55 -17.41 -12.54 11.92
CA LYS B 55 -18.84 -12.79 11.82
C LYS B 55 -19.30 -13.71 12.95
N SER B 56 -20.48 -13.41 13.48
CA SER B 56 -21.06 -14.24 14.54
C SER B 56 -21.91 -15.34 13.94
N THR B 57 -22.32 -15.15 12.68
CA THR B 57 -23.22 -16.08 12.03
C THR B 57 -22.65 -16.57 10.70
N ILE B 58 -22.75 -17.87 10.46
CA ILE B 58 -22.33 -18.43 9.22
C ILE B 58 -23.39 -18.10 8.28
N SER B 59 -23.05 -17.75 7.09
CA SER B 59 -24.02 -17.20 6.25
C SER B 59 -23.95 -17.73 4.85
N ALA B 60 -24.63 -17.10 3.94
CA ALA B 60 -24.72 -17.67 2.64
C ALA B 60 -23.55 -17.27 1.83
N ARG B 61 -22.97 -16.17 2.20
CA ARG B 61 -21.74 -15.67 1.60
C ARG B 61 -20.53 -16.52 2.04
N GLU B 62 -20.52 -16.89 3.32
CA GLU B 62 -19.48 -17.78 3.85
C GLU B 62 -19.55 -19.16 3.22
N ILE B 63 -20.77 -19.66 3.01
CA ILE B 63 -20.98 -20.97 2.38
C ILE B 63 -20.52 -20.94 0.93
N GLN B 64 -20.85 -19.86 0.22
CA GLN B 64 -20.49 -19.72 -1.18
C GLN B 64 -18.99 -19.61 -1.34
N THR B 65 -18.36 -18.86 -0.43
CA THR B 65 -16.92 -18.66 -0.46
C THR B 65 -16.20 -19.95 -0.08
N ALA B 66 -16.76 -20.67 0.88
CA ALA B 66 -16.18 -21.93 1.34
C ALA B 66 -16.34 -23.01 0.28
N VAL B 67 -17.32 -22.85 -0.59
CA VAL B 67 -17.54 -23.78 -1.69
C VAL B 67 -16.47 -23.59 -2.77
N ARG B 68 -16.00 -22.36 -2.92
CA ARG B 68 -14.97 -22.05 -3.91
C ARG B 68 -13.60 -22.51 -3.45
N LEU B 69 -13.36 -22.49 -2.14
CA LEU B 69 -12.09 -22.91 -1.57
C LEU B 69 -11.94 -24.42 -1.56
N ILE B 70 -13.06 -25.13 -1.56
CA ILE B 70 -13.06 -26.58 -1.42
C ILE B 70 -13.32 -27.31 -2.75
N LEU B 71 -14.34 -26.86 -3.48
CA LEU B 71 -14.69 -27.49 -4.75
C LEU B 71 -13.80 -26.99 -5.89
N PRO B 72 -13.44 -27.89 -6.81
CA PRO B 72 -12.68 -27.55 -8.02
C PRO B 72 -13.43 -26.53 -8.87
N GLY B 73 -12.79 -26.07 -9.95
CA GLY B 73 -13.35 -25.04 -10.79
C GLY B 73 -14.76 -25.26 -11.29
N GLU B 74 -14.96 -26.32 -12.07
CA GLU B 74 -16.24 -26.58 -12.72
C GLU B 74 -17.35 -26.93 -11.73
N LEU B 75 -17.06 -27.85 -10.81
CA LEU B 75 -18.02 -28.26 -9.80
C LEU B 75 -18.45 -27.07 -8.93
N ALA B 76 -17.52 -26.15 -8.70
CA ALA B 76 -17.83 -24.96 -7.90
C ALA B 76 -18.78 -24.01 -8.62
N LYS B 77 -18.56 -23.81 -9.92
CA LYS B 77 -19.41 -22.95 -10.72
C LYS B 77 -20.86 -23.43 -10.73
N HIS B 78 -21.06 -24.74 -10.79
CA HIS B 78 -22.39 -25.32 -10.80
C HIS B 78 -23.01 -25.29 -9.41
N ALA B 79 -22.23 -25.68 -8.41
CA ALA B 79 -22.68 -25.68 -7.03
C ALA B 79 -23.04 -24.27 -6.56
N VAL B 80 -22.26 -23.29 -7.00
CA VAL B 80 -22.54 -21.89 -6.67
C VAL B 80 -23.79 -21.41 -7.40
N SER B 81 -24.00 -21.92 -8.60
CA SER B 81 -25.18 -21.57 -9.39
C SER B 81 -26.44 -22.22 -8.81
N GLU B 82 -26.30 -23.45 -8.32
CA GLU B 82 -27.41 -24.18 -7.73
C GLU B 82 -27.79 -23.59 -6.38
N GLY B 83 -26.79 -23.28 -5.56
CA GLY B 83 -27.02 -22.69 -4.26
C GLY B 83 -27.68 -21.33 -4.36
N THR B 84 -27.37 -20.62 -5.43
CA THR B 84 -27.95 -19.30 -5.64
C THR B 84 -29.38 -19.40 -6.16
N ARG B 85 -29.67 -20.49 -6.88
CA ARG B 85 -31.00 -20.74 -7.40
C ARG B 85 -31.96 -21.08 -6.27
N ALA B 86 -31.49 -21.89 -5.32
CA ALA B 86 -32.30 -22.32 -4.19
C ALA B 86 -32.64 -21.14 -3.29
N VAL B 87 -31.64 -20.32 -3.00
CA VAL B 87 -31.82 -19.17 -2.13
C VAL B 87 -32.72 -18.11 -2.79
N THR B 88 -32.59 -17.97 -4.11
CA THR B 88 -33.38 -16.99 -4.85
C THR B 88 -34.84 -17.42 -4.97
N LYS B 89 -35.06 -18.71 -5.20
CA LYS B 89 -36.39 -19.26 -5.29
C LYS B 89 -37.12 -19.13 -3.95
N TYR B 90 -36.43 -19.51 -2.89
CA TYR B 90 -36.99 -19.43 -1.54
C TYR B 90 -37.31 -17.99 -1.13
N SER B 91 -36.49 -17.06 -1.57
CA SER B 91 -36.67 -15.65 -1.23
C SER B 91 -37.92 -15.06 -1.89
N SER B 92 -38.16 -15.44 -3.14
CA SER B 92 -39.33 -14.97 -3.86
C SER B 92 -40.61 -15.53 -3.25
N SER B 93 -40.50 -16.71 -2.63
CA SER B 93 -41.63 -17.33 -1.95
C SER B 93 -41.76 -16.75 -0.55
N THR B 94 -40.83 -15.88 -0.18
CA THR B 94 -40.83 -15.26 1.15
C THR B 94 -40.69 -16.30 2.25
N SER B 113 -42.42 -27.17 3.55
CA SER B 113 -41.04 -27.32 3.99
C SER B 113 -40.12 -26.36 3.26
N ARG B 114 -39.12 -25.85 3.97
CA ARG B 114 -38.11 -24.98 3.38
C ARG B 114 -37.47 -25.57 2.13
N SER B 115 -37.38 -26.89 2.07
CA SER B 115 -36.83 -27.56 0.89
C SER B 115 -37.73 -27.36 -0.32
N ALA B 116 -39.03 -27.59 -0.13
CA ALA B 116 -40.00 -27.46 -1.21
C ALA B 116 -40.06 -26.02 -1.72
N LYS B 117 -40.12 -25.08 -0.79
CA LYS B 117 -40.14 -23.66 -1.13
C LYS B 117 -38.88 -23.26 -1.89
N ALA B 118 -37.78 -23.96 -1.63
CA ALA B 118 -36.52 -23.69 -2.31
C ALA B 118 -36.31 -24.67 -3.47
N GLY B 119 -37.29 -25.55 -3.69
CA GLY B 119 -37.22 -26.49 -4.80
C GLY B 119 -36.15 -27.54 -4.65
N LEU B 120 -35.93 -27.98 -3.41
CA LEU B 120 -34.89 -28.98 -3.13
C LEU B 120 -35.50 -30.29 -2.66
N THR B 121 -34.79 -31.39 -2.94
CA THR B 121 -35.21 -32.71 -2.49
C THR B 121 -34.50 -33.06 -1.18
N PHE B 122 -33.28 -32.56 -1.02
CA PHE B 122 -32.53 -32.77 0.22
C PHE B 122 -33.14 -31.97 1.37
N PRO B 123 -33.00 -32.48 2.60
CA PRO B 123 -33.63 -31.91 3.80
C PRO B 123 -32.92 -30.66 4.31
N VAL B 124 -33.52 -29.49 4.09
CA VAL B 124 -32.93 -28.23 4.53
C VAL B 124 -32.91 -28.13 6.05
N GLY B 125 -33.95 -28.67 6.69
CA GLY B 125 -34.06 -28.63 8.14
C GLY B 125 -33.04 -29.52 8.83
N ARG B 126 -32.67 -30.63 8.20
CA ARG B 126 -31.71 -31.55 8.79
C ARG B 126 -30.27 -31.09 8.59
N VAL B 127 -30.05 -30.32 7.52
CA VAL B 127 -28.74 -29.75 7.25
C VAL B 127 -28.49 -28.55 8.17
N HIS B 128 -29.54 -27.77 8.39
CA HIS B 128 -29.46 -26.61 9.28
C HIS B 128 -29.24 -27.05 10.72
N ARG B 129 -29.99 -28.06 11.15
CA ARG B 129 -29.86 -28.59 12.51
C ARG B 129 -28.50 -29.27 12.69
N LEU B 130 -27.90 -29.72 11.59
CA LEU B 130 -26.61 -30.39 11.63
C LEU B 130 -25.48 -29.37 11.62
N LEU B 131 -25.75 -28.20 11.05
CA LEU B 131 -24.77 -27.12 11.01
C LEU B 131 -24.66 -26.42 12.36
N ARG B 132 -25.77 -26.36 13.10
CA ARG B 132 -25.81 -25.67 14.38
C ARG B 132 -25.40 -26.57 15.54
N ARG B 133 -25.51 -27.87 15.35
CA ARG B 133 -25.10 -28.83 16.37
C ARG B 133 -23.68 -29.33 16.10
N GLY B 134 -22.94 -28.57 15.31
CA GLY B 134 -21.56 -28.89 15.01
C GLY B 134 -20.62 -27.83 15.54
N ASN B 135 -21.18 -26.74 16.03
CA ASN B 135 -20.41 -25.63 16.60
C ASN B 135 -19.45 -24.99 15.59
N TYR B 136 -19.94 -24.77 14.38
CA TYR B 136 -19.14 -24.10 13.35
C TYR B 136 -19.22 -22.58 13.53
N ALA B 137 -20.12 -22.15 14.40
CA ALA B 137 -20.30 -20.73 14.68
C ALA B 137 -21.28 -20.55 15.83
N GLN B 138 -21.61 -19.30 16.13
CA GLN B 138 -22.60 -19.00 17.15
C GLN B 138 -24.00 -19.23 16.62
N ARG B 139 -24.22 -18.85 15.36
CA ARG B 139 -25.51 -19.04 14.72
C ARG B 139 -25.36 -19.40 13.24
N ILE B 140 -26.24 -20.27 12.77
CA ILE B 140 -26.25 -20.66 11.36
C ILE B 140 -27.42 -19.99 10.65
N GLY B 141 -27.11 -19.20 9.62
CA GLY B 141 -28.13 -18.52 8.85
C GLY B 141 -29.03 -19.49 8.11
N SER B 142 -30.30 -19.13 7.96
CA SER B 142 -31.27 -19.98 7.28
C SER B 142 -30.93 -20.15 5.81
N LYS B 143 -30.66 -19.05 5.12
CA LYS B 143 -30.31 -19.09 3.71
C LYS B 143 -28.98 -19.83 3.48
N ALA B 144 -28.19 -19.96 4.54
CA ALA B 144 -26.93 -20.70 4.49
C ALA B 144 -27.22 -22.20 4.39
N ALA B 145 -28.17 -22.66 5.20
CA ALA B 145 -28.57 -24.07 5.20
C ALA B 145 -29.18 -24.47 3.87
N ILE B 146 -29.95 -23.57 3.27
CA ILE B 146 -30.57 -23.82 1.98
C ILE B 146 -29.51 -23.89 0.89
N TYR B 147 -28.54 -22.97 0.96
CA TYR B 147 -27.43 -22.95 0.03
C TYR B 147 -26.64 -24.25 0.10
N LEU B 148 -26.20 -24.59 1.31
CA LEU B 148 -25.42 -25.81 1.54
C LEU B 148 -26.19 -27.06 1.12
N THR B 149 -27.48 -27.08 1.44
CA THR B 149 -28.33 -28.21 1.08
C THR B 149 -28.40 -28.36 -0.44
N ALA B 150 -28.61 -27.25 -1.14
CA ALA B 150 -28.68 -27.25 -2.59
C ALA B 150 -27.36 -27.72 -3.20
N VAL B 151 -26.26 -27.33 -2.57
CA VAL B 151 -24.93 -27.75 -2.99
C VAL B 151 -24.74 -29.26 -2.81
N LEU B 152 -25.13 -29.79 -1.65
CA LEU B 152 -24.99 -31.22 -1.39
C LEU B 152 -25.88 -32.06 -2.30
N GLU B 153 -27.01 -31.49 -2.71
CA GLU B 153 -27.93 -32.19 -3.60
C GLU B 153 -27.35 -32.25 -5.01
N TYR B 154 -26.74 -31.16 -5.46
CA TYR B 154 -26.13 -31.13 -6.78
C TYR B 154 -25.00 -32.15 -6.90
N LEU B 155 -24.13 -32.18 -5.88
CA LEU B 155 -22.99 -33.09 -5.86
C LEU B 155 -23.42 -34.56 -5.83
N THR B 156 -24.45 -34.86 -5.04
CA THR B 156 -24.99 -36.21 -4.95
C THR B 156 -25.65 -36.61 -6.26
N ALA B 157 -26.41 -35.68 -6.85
CA ALA B 157 -27.06 -35.91 -8.13
C ALA B 157 -26.05 -36.17 -9.23
N GLU B 158 -24.93 -35.44 -9.18
CA GLU B 158 -23.86 -35.61 -10.16
C GLU B 158 -23.20 -36.97 -10.06
N VAL B 159 -22.87 -37.39 -8.84
CA VAL B 159 -22.26 -38.70 -8.62
C VAL B 159 -23.20 -39.83 -9.06
N LEU B 160 -24.48 -39.71 -8.73
CA LEU B 160 -25.48 -40.70 -9.14
C LEU B 160 -25.67 -40.73 -10.65
N GLU B 161 -25.58 -39.55 -11.28
CA GLU B 161 -25.67 -39.45 -12.73
C GLU B 161 -24.51 -40.20 -13.39
N LEU B 162 -23.30 -39.85 -13.01
CA LEU B 162 -22.11 -40.48 -13.57
C LEU B 162 -22.01 -41.96 -13.20
N ALA B 163 -22.32 -42.29 -11.95
CA ALA B 163 -22.29 -43.68 -11.50
C ALA B 163 -23.41 -44.49 -12.15
N GLY B 164 -24.58 -43.87 -12.29
CA GLY B 164 -25.70 -44.52 -12.95
C GLY B 164 -25.46 -44.69 -14.43
N ASN B 165 -24.76 -43.73 -15.04
CA ASN B 165 -24.41 -43.82 -16.45
C ASN B 165 -23.39 -44.92 -16.72
N ALA B 166 -22.56 -45.21 -15.74
CA ALA B 166 -21.55 -46.26 -15.88
C ALA B 166 -22.21 -47.63 -15.85
N ALA B 167 -23.22 -47.78 -14.99
CA ALA B 167 -23.94 -49.05 -14.86
C ALA B 167 -24.81 -49.32 -16.08
N ARG B 168 -25.52 -48.30 -16.54
CA ARG B 168 -26.40 -48.41 -17.70
C ARG B 168 -25.59 -48.72 -18.98
N ASP B 169 -24.47 -48.04 -19.15
CA ASP B 169 -23.63 -48.25 -20.33
C ASP B 169 -23.05 -49.67 -20.38
N ASN B 170 -23.02 -50.33 -19.24
CA ASN B 170 -22.54 -51.71 -19.16
C ASN B 170 -23.70 -52.70 -19.11
N LYS B 171 -24.89 -52.22 -19.43
CA LYS B 171 -26.09 -53.06 -19.46
C LYS B 171 -26.50 -53.58 -18.08
N LYS B 172 -26.28 -52.75 -17.06
CA LYS B 172 -26.73 -53.08 -15.71
C LYS B 172 -27.78 -52.05 -15.27
N THR B 173 -28.60 -52.42 -14.29
CA THR B 173 -29.66 -51.55 -13.81
C THR B 173 -29.51 -51.23 -12.33
N ARG B 174 -28.50 -51.80 -11.69
CA ARG B 174 -28.27 -51.58 -10.28
C ARG B 174 -26.86 -51.02 -10.04
N ILE B 175 -26.78 -49.90 -9.35
CA ILE B 175 -25.51 -49.25 -9.08
C ILE B 175 -24.74 -49.96 -7.96
N ILE B 176 -23.60 -50.55 -8.31
CA ILE B 176 -22.74 -51.18 -7.33
C ILE B 176 -21.48 -50.34 -7.13
N PRO B 177 -20.74 -50.61 -6.04
CA PRO B 177 -19.54 -49.85 -5.66
C PRO B 177 -18.57 -49.61 -6.81
N ARG B 178 -18.34 -50.62 -7.64
CA ARG B 178 -17.41 -50.50 -8.76
C ARG B 178 -17.79 -49.35 -9.68
N HIS B 179 -19.10 -49.10 -9.80
CA HIS B 179 -19.60 -48.02 -10.63
C HIS B 179 -19.33 -46.67 -9.96
N LEU B 180 -19.26 -46.67 -8.64
CA LEU B 180 -18.91 -45.47 -7.89
C LEU B 180 -17.42 -45.13 -8.08
N GLN B 181 -16.59 -46.15 -8.02
CA GLN B 181 -15.15 -45.98 -8.23
C GLN B 181 -14.88 -45.46 -9.64
N LEU B 182 -15.49 -46.10 -10.64
CA LEU B 182 -15.30 -45.73 -12.04
C LEU B 182 -15.73 -44.31 -12.34
N ALA B 183 -16.93 -43.94 -11.87
CA ALA B 183 -17.47 -42.61 -12.11
C ALA B 183 -16.59 -41.51 -11.50
N ILE B 184 -16.19 -41.71 -10.26
CA ILE B 184 -15.38 -40.72 -9.55
C ILE B 184 -13.96 -40.63 -10.10
N ARG B 185 -13.39 -41.77 -10.49
CA ARG B 185 -12.03 -41.82 -10.99
C ARG B 185 -11.94 -41.23 -12.39
N ASN B 186 -12.86 -41.62 -13.26
CA ASN B 186 -12.86 -41.18 -14.65
C ASN B 186 -13.33 -39.74 -14.83
N ASP B 187 -13.64 -39.08 -13.72
CA ASP B 187 -13.99 -37.67 -13.76
C ASP B 187 -12.88 -36.83 -13.15
N ASP B 188 -12.46 -35.79 -13.87
CA ASP B 188 -11.31 -35.00 -13.49
C ASP B 188 -11.49 -34.28 -12.16
N GLU B 189 -12.62 -33.60 -11.99
CA GLU B 189 -12.86 -32.80 -10.80
C GLU B 189 -13.36 -33.62 -9.61
N LEU B 190 -14.18 -34.64 -9.88
CA LEU B 190 -14.62 -35.54 -8.81
C LEU B 190 -13.41 -36.29 -8.23
N ASN B 191 -12.46 -36.64 -9.10
CA ASN B 191 -11.24 -37.31 -8.66
C ASN B 191 -10.41 -36.41 -7.76
N LYS B 192 -10.32 -35.13 -8.12
CA LYS B 192 -9.62 -34.15 -7.30
C LYS B 192 -10.37 -33.94 -5.99
N LEU B 193 -11.67 -34.15 -6.03
CA LEU B 193 -12.54 -33.91 -4.88
C LEU B 193 -12.67 -35.15 -4.00
N LEU B 194 -13.06 -36.26 -4.60
CA LEU B 194 -13.29 -37.50 -3.85
C LEU B 194 -12.45 -38.68 -4.34
N GLY B 195 -11.59 -38.44 -5.33
CA GLY B 195 -10.76 -39.49 -5.88
C GLY B 195 -9.66 -39.91 -4.93
N GLU C 4 -10.17 1.64 15.76
CA GLU C 4 -9.51 0.95 16.85
C GLU C 4 -8.20 0.34 16.38
N THR C 5 -8.13 0.08 15.07
CA THR C 5 -6.90 -0.39 14.43
C THR C 5 -6.53 0.53 13.27
N TYR C 6 -5.26 0.88 13.18
CA TYR C 6 -4.78 1.82 12.18
C TYR C 6 -3.60 1.25 11.40
N SER C 7 -3.44 -0.07 11.45
CA SER C 7 -2.26 -0.76 10.93
C SER C 7 -1.89 -0.39 9.50
N SER C 8 -2.87 -0.41 8.59
CA SER C 8 -2.62 -0.12 7.19
C SER C 8 -2.20 1.33 6.96
N TYR C 9 -2.81 2.24 7.68
CA TYR C 9 -2.48 3.67 7.55
C TYR C 9 -1.12 3.98 8.14
N ILE C 10 -0.77 3.29 9.22
CA ILE C 10 0.54 3.45 9.84
C ILE C 10 1.65 3.02 8.89
N TYR C 11 1.45 1.88 8.25
CA TYR C 11 2.37 1.39 7.23
C TYR C 11 2.56 2.43 6.14
N LYS C 12 1.45 2.98 5.66
CA LYS C 12 1.45 3.94 4.57
C LYS C 12 2.20 5.22 4.94
N VAL C 13 2.11 5.60 6.20
CA VAL C 13 2.83 6.78 6.70
C VAL C 13 4.32 6.48 6.85
N LEU C 14 4.63 5.27 7.30
CA LEU C 14 6.02 4.83 7.43
C LEU C 14 6.69 4.76 6.06
N LYS C 15 5.95 4.29 5.06
CA LYS C 15 6.45 4.15 3.70
C LYS C 15 6.75 5.50 3.05
N GLN C 16 6.04 6.54 3.48
CA GLN C 16 6.16 7.87 2.88
C GLN C 16 7.60 8.38 2.84
N THR C 17 8.43 7.90 3.74
CA THR C 17 9.82 8.36 3.82
C THR C 17 10.78 7.20 4.06
N HIS C 18 10.29 6.14 4.69
CA HIS C 18 11.10 4.98 5.01
C HIS C 18 10.54 3.71 4.36
N PRO C 19 10.47 3.68 3.02
CA PRO C 19 9.94 2.52 2.30
C PRO C 19 10.78 1.28 2.57
N ASP C 20 12.01 1.52 3.01
CA ASP C 20 12.95 0.46 3.35
C ASP C 20 12.53 -0.31 4.59
N THR C 21 12.09 0.42 5.62
CA THR C 21 11.84 -0.17 6.93
C THR C 21 10.47 -0.82 7.04
N GLY C 22 10.39 -1.88 7.84
CA GLY C 22 9.14 -2.58 8.10
C GLY C 22 8.75 -2.50 9.56
N ILE C 23 7.63 -3.10 9.92
CA ILE C 23 7.15 -3.06 11.30
C ILE C 23 6.71 -4.43 11.78
N SER C 24 7.26 -4.87 12.91
CA SER C 24 6.85 -6.13 13.50
C SER C 24 5.40 -6.06 13.98
N GLN C 25 4.80 -7.21 14.24
CA GLN C 25 3.42 -7.25 14.74
C GLN C 25 3.31 -6.61 16.12
N LYS C 26 4.29 -6.88 16.98
CA LYS C 26 4.27 -6.37 18.34
C LYS C 26 4.43 -4.85 18.38
N SER C 27 5.17 -4.31 17.41
CA SER C 27 5.37 -2.87 17.33
C SER C 27 4.13 -2.14 16.81
N MET C 28 3.44 -2.77 15.87
CA MET C 28 2.22 -2.21 15.31
C MET C 28 1.14 -2.12 16.37
N SER C 29 1.04 -3.16 17.20
CA SER C 29 0.08 -3.18 18.30
C SER C 29 0.40 -2.09 19.31
N ILE C 30 1.69 -1.86 19.53
CA ILE C 30 2.14 -0.79 20.42
C ILE C 30 1.80 0.57 19.82
N LEU C 31 2.01 0.69 18.52
CA LEU C 31 1.72 1.93 17.82
C LEU C 31 0.21 2.19 17.76
N ASN C 32 -0.56 1.11 17.68
CA ASN C 32 -2.01 1.22 17.69
C ASN C 32 -2.54 1.62 19.08
N SER C 33 -1.94 1.07 20.12
CA SER C 33 -2.30 1.42 21.49
C SER C 33 -1.97 2.88 21.77
N PHE C 34 -0.97 3.40 21.08
CA PHE C 34 -0.59 4.81 21.20
C PHE C 34 -1.64 5.72 20.57
N VAL C 35 -2.09 5.36 19.38
CA VAL C 35 -3.09 6.15 18.65
C VAL C 35 -4.41 6.20 19.42
N ASN C 36 -4.81 5.06 19.98
CA ASN C 36 -6.05 4.98 20.75
C ASN C 36 -6.01 5.79 22.04
N ASP C 37 -4.88 5.75 22.74
CA ASP C 37 -4.75 6.47 24.02
C ASP C 37 -4.79 7.99 23.83
N ILE C 38 -4.06 8.47 22.84
CA ILE C 38 -4.06 9.90 22.52
C ILE C 38 -5.42 10.39 22.03
N PHE C 39 -6.10 9.54 21.25
CA PHE C 39 -7.43 9.86 20.76
C PHE C 39 -8.41 10.08 21.91
N GLU C 40 -8.44 9.12 22.83
CA GLU C 40 -9.38 9.18 23.94
C GLU C 40 -9.09 10.33 24.89
N ARG C 41 -7.82 10.68 25.02
CA ARG C 41 -7.41 11.79 25.89
C ARG C 41 -7.85 13.13 25.30
N ILE C 42 -7.60 13.34 24.03
CA ILE C 42 -8.00 14.58 23.37
C ILE C 42 -9.52 14.69 23.28
N ALA C 43 -10.17 13.58 22.93
CA ALA C 43 -11.63 13.54 22.81
C ALA C 43 -12.30 13.80 24.15
N THR C 44 -11.75 13.20 25.21
CA THR C 44 -12.25 13.41 26.56
C THR C 44 -12.13 14.88 26.98
N GLU C 45 -10.98 15.48 26.70
CA GLU C 45 -10.74 16.89 27.02
C GLU C 45 -11.62 17.81 26.18
N ALA C 46 -11.88 17.38 24.94
CA ALA C 46 -12.74 18.13 24.04
C ALA C 46 -14.18 18.14 24.53
N SER C 47 -14.57 17.06 25.19
CA SER C 47 -15.91 16.93 25.74
C SER C 47 -16.12 17.89 26.91
N LYS C 48 -15.16 17.90 27.85
CA LYS C 48 -15.22 18.79 29.00
C LYS C 48 -15.23 20.24 28.55
N LEU C 49 -14.40 20.56 27.55
CA LEU C 49 -14.33 21.91 27.01
C LEU C 49 -15.65 22.32 26.35
N ALA C 50 -16.26 21.40 25.63
CA ALA C 50 -17.52 21.67 24.93
C ALA C 50 -18.64 21.97 25.91
N ALA C 51 -18.82 21.08 26.90
CA ALA C 51 -19.87 21.26 27.91
C ALA C 51 -19.69 22.57 28.68
N TYR C 52 -18.44 22.90 29.00
CA TYR C 52 -18.14 24.15 29.68
C TYR C 52 -18.51 25.35 28.81
N ASN C 53 -18.28 25.23 27.50
CA ASN C 53 -18.63 26.28 26.56
C ASN C 53 -20.12 26.28 26.28
N LYS C 54 -20.83 25.33 26.88
CA LYS C 54 -22.27 25.20 26.68
C LYS C 54 -22.61 24.90 25.22
N LYS C 55 -21.77 24.08 24.60
CA LYS C 55 -21.98 23.66 23.22
C LYS C 55 -22.43 22.20 23.16
N SER C 56 -23.43 21.93 22.33
CA SER C 56 -23.88 20.56 22.13
C SER C 56 -23.01 19.86 21.08
N THR C 57 -22.20 20.65 20.39
CA THR C 57 -21.36 20.14 19.31
C THR C 57 -19.87 20.33 19.60
N ILE C 58 -19.10 19.26 19.52
CA ILE C 58 -17.67 19.32 19.69
C ILE C 58 -17.08 19.82 18.44
N SER C 59 -16.52 20.98 18.49
CA SER C 59 -16.08 21.62 17.31
C SER C 59 -14.63 21.35 17.10
N ALA C 60 -14.04 21.93 16.08
CA ALA C 60 -12.61 21.89 15.88
C ALA C 60 -11.90 22.79 16.83
N ARG C 61 -12.56 23.84 17.24
CA ARG C 61 -12.11 24.70 18.26
C ARG C 61 -11.82 23.94 19.50
N GLU C 62 -12.78 23.11 19.90
CA GLU C 62 -12.64 22.30 21.14
C GLU C 62 -11.48 21.30 20.99
N ILE C 63 -11.35 20.72 19.79
CA ILE C 63 -10.29 19.75 19.52
C ILE C 63 -8.93 20.42 19.60
N GLN C 64 -8.82 21.59 18.99
CA GLN C 64 -7.57 22.36 19.00
C GLN C 64 -7.18 22.74 20.43
N THR C 65 -8.14 23.24 21.19
CA THR C 65 -7.90 23.64 22.58
C THR C 65 -7.47 22.44 23.42
N ALA C 66 -8.18 21.33 23.24
CA ALA C 66 -7.86 20.09 23.93
C ALA C 66 -6.46 19.62 23.56
N VAL C 67 -6.06 19.89 22.32
CA VAL C 67 -4.74 19.51 21.83
C VAL C 67 -3.65 20.33 22.53
N ARG C 68 -3.91 21.62 22.72
CA ARG C 68 -2.95 22.50 23.36
C ARG C 68 -2.75 22.14 24.83
N LEU C 69 -3.84 21.78 25.50
CA LEU C 69 -3.82 21.45 26.91
C LEU C 69 -3.20 20.08 27.19
N ILE C 70 -3.49 19.10 26.33
CA ILE C 70 -3.03 17.73 26.52
C ILE C 70 -1.60 17.51 26.03
N LEU C 71 -1.30 17.97 24.82
CA LEU C 71 0.03 17.79 24.24
C LEU C 71 1.04 18.74 24.85
N PRO C 72 2.27 18.26 25.07
CA PRO C 72 3.35 19.01 25.71
C PRO C 72 4.18 19.84 24.75
N GLY C 73 4.50 21.06 25.14
CA GLY C 73 5.47 21.90 24.45
C GLY C 73 5.33 22.03 22.95
N GLU C 74 6.36 21.61 22.23
CA GLU C 74 6.44 21.81 20.79
C GLU C 74 5.59 20.83 19.99
N LEU C 75 5.30 19.67 20.58
CA LEU C 75 4.42 18.70 19.94
C LEU C 75 3.05 19.30 19.73
N ALA C 76 2.63 20.13 20.69
CA ALA C 76 1.33 20.79 20.65
C ALA C 76 1.29 21.86 19.57
N LYS C 77 2.39 22.61 19.42
CA LYS C 77 2.45 23.69 18.45
C LYS C 77 2.41 23.13 17.02
N HIS C 78 3.17 22.06 16.79
CA HIS C 78 3.25 21.45 15.46
C HIS C 78 1.98 20.69 15.14
N ALA C 79 1.36 20.08 16.15
CA ALA C 79 0.11 19.36 15.97
C ALA C 79 -1.01 20.32 15.60
N VAL C 80 -1.07 21.44 16.32
CA VAL C 80 -2.03 22.49 16.04
C VAL C 80 -1.84 23.02 14.62
N SER C 81 -0.59 23.02 14.16
CA SER C 81 -0.26 23.48 12.81
C SER C 81 -0.67 22.43 11.77
N GLU C 82 -0.69 21.17 12.17
CA GLU C 82 -1.06 20.07 11.28
C GLU C 82 -2.59 19.95 11.15
N GLY C 83 -3.28 20.12 12.27
CA GLY C 83 -4.73 20.07 12.27
C GLY C 83 -5.31 21.23 11.49
N THR C 84 -4.67 22.39 11.59
CA THR C 84 -5.13 23.58 10.88
C THR C 84 -4.96 23.45 9.38
N ARG C 85 -3.79 23.00 8.94
CA ARG C 85 -3.54 22.84 7.52
C ARG C 85 -4.44 21.78 6.88
N ALA C 86 -4.82 20.78 7.68
CA ALA C 86 -5.66 19.70 7.18
C ALA C 86 -7.10 20.17 6.98
N VAL C 87 -7.55 21.04 7.87
CA VAL C 87 -8.88 21.62 7.77
C VAL C 87 -8.94 22.69 6.67
N THR C 88 -7.84 23.41 6.51
CA THR C 88 -7.76 24.45 5.49
C THR C 88 -7.65 23.85 4.09
N LYS C 89 -6.97 22.71 3.99
CA LYS C 89 -6.82 22.00 2.72
C LYS C 89 -8.18 21.46 2.30
N TYR C 90 -8.91 20.91 3.26
CA TYR C 90 -10.26 20.34 3.03
C TYR C 90 -11.24 21.43 2.61
N SER C 91 -11.18 22.59 3.26
CA SER C 91 -12.08 23.72 2.93
C SER C 91 -11.70 24.28 1.57
N SER C 92 -10.43 24.28 1.23
CA SER C 92 -10.03 24.81 -0.03
C SER C 92 -10.65 24.00 -1.13
N SER C 93 -10.96 22.78 -0.80
CA SER C 93 -11.62 21.88 -1.68
C SER C 93 -13.09 22.17 -1.59
N THR C 94 -13.44 23.44 -1.59
CA THR C 94 -14.77 23.87 -1.28
C THR C 94 -15.75 22.75 -1.26
N SER C 113 -13.25 10.96 -0.45
CA SER C 113 -13.20 10.90 1.01
C SER C 113 -12.58 12.17 1.59
N ARG C 114 -13.05 12.54 2.78
CA ARG C 114 -12.52 13.70 3.49
C ARG C 114 -11.01 13.61 3.71
N SER C 115 -10.49 12.39 3.90
CA SER C 115 -9.06 12.18 4.04
C SER C 115 -8.31 12.64 2.79
N ALA C 116 -8.85 12.29 1.63
CA ALA C 116 -8.22 12.67 0.36
C ALA C 116 -8.33 14.17 0.15
N LYS C 117 -9.48 14.74 0.53
CA LYS C 117 -9.68 16.18 0.41
C LYS C 117 -8.82 16.96 1.40
N ALA C 118 -8.50 16.33 2.53
CA ALA C 118 -7.70 16.99 3.55
C ALA C 118 -6.22 16.65 3.42
N GLY C 119 -5.88 15.87 2.39
CA GLY C 119 -4.50 15.46 2.18
C GLY C 119 -3.97 14.62 3.33
N LEU C 120 -4.85 13.82 3.92
CA LEU C 120 -4.48 12.98 5.04
C LEU C 120 -4.38 11.51 4.66
N THR C 121 -3.58 10.76 5.41
CA THR C 121 -3.44 9.33 5.19
C THR C 121 -4.32 8.55 6.17
N PHE C 122 -4.39 9.03 7.40
CA PHE C 122 -5.28 8.44 8.40
C PHE C 122 -6.74 8.64 8.00
N PRO C 123 -7.60 7.67 8.35
CA PRO C 123 -9.01 7.65 7.95
C PRO C 123 -9.88 8.60 8.75
N VAL C 124 -10.30 9.69 8.12
CA VAL C 124 -11.12 10.69 8.79
C VAL C 124 -12.50 10.14 9.13
N GLY C 125 -13.07 9.38 8.20
CA GLY C 125 -14.40 8.81 8.39
C GLY C 125 -14.46 7.87 9.57
N ARG C 126 -13.41 7.07 9.75
CA ARG C 126 -13.34 6.14 10.86
C ARG C 126 -13.13 6.88 12.19
N VAL C 127 -12.39 7.98 12.15
CA VAL C 127 -12.14 8.78 13.35
C VAL C 127 -13.40 9.54 13.77
N HIS C 128 -14.10 10.12 12.79
CA HIS C 128 -15.33 10.84 13.06
C HIS C 128 -16.37 9.89 13.64
N ARG C 129 -16.45 8.70 13.06
CA ARG C 129 -17.38 7.68 13.53
C ARG C 129 -17.04 7.24 14.94
N LEU C 130 -15.74 7.15 15.22
CA LEU C 130 -15.27 6.75 16.55
C LEU C 130 -15.70 7.77 17.59
N LEU C 131 -15.62 9.03 17.22
CA LEU C 131 -16.05 10.14 18.09
C LEU C 131 -17.57 10.04 18.25
N ARG C 132 -18.30 9.57 17.25
CA ARG C 132 -19.77 9.48 17.39
C ARG C 132 -20.12 8.35 18.33
N ARG C 133 -19.41 7.24 18.29
CA ARG C 133 -19.75 6.10 19.17
C ARG C 133 -19.21 6.31 20.58
N GLY C 134 -18.65 7.47 20.85
CA GLY C 134 -18.02 7.69 22.15
C GLY C 134 -18.87 8.45 23.15
N ASN C 135 -19.95 9.05 22.68
CA ASN C 135 -20.83 9.83 23.55
C ASN C 135 -20.13 11.04 24.18
N TYR C 136 -19.08 11.52 23.51
CA TYR C 136 -18.34 12.68 24.00
C TYR C 136 -19.20 13.94 23.88
N ALA C 137 -20.23 13.86 23.05
CA ALA C 137 -21.15 14.97 22.85
C ALA C 137 -22.32 14.50 21.99
N GLN C 138 -23.28 15.39 21.75
CA GLN C 138 -24.44 15.06 20.92
C GLN C 138 -24.06 15.06 19.45
N ARG C 139 -23.37 16.12 19.03
CA ARG C 139 -22.92 16.25 17.65
C ARG C 139 -21.41 16.35 17.55
N ILE C 140 -20.86 15.84 16.45
CA ILE C 140 -19.44 15.95 16.17
C ILE C 140 -19.23 16.67 14.84
N GLY C 141 -18.61 17.85 14.90
CA GLY C 141 -18.31 18.60 13.70
C GLY C 141 -17.40 17.83 12.76
N SER C 142 -17.61 18.01 11.46
CA SER C 142 -16.81 17.31 10.46
C SER C 142 -15.35 17.73 10.52
N LYS C 143 -15.12 19.03 10.63
CA LYS C 143 -13.77 19.56 10.65
C LYS C 143 -13.04 19.17 11.94
N ALA C 144 -13.80 18.86 12.98
CA ALA C 144 -13.23 18.37 14.23
C ALA C 144 -12.52 17.04 14.00
N ALA C 145 -13.20 16.14 13.30
CA ALA C 145 -12.66 14.83 12.99
C ALA C 145 -11.46 14.93 12.06
N ILE C 146 -11.50 15.90 11.15
CA ILE C 146 -10.39 16.14 10.25
C ILE C 146 -9.18 16.63 11.04
N TYR C 147 -9.41 17.54 11.98
CA TYR C 147 -8.37 18.11 12.80
C TYR C 147 -7.70 17.02 13.64
N LEU C 148 -8.51 16.26 14.36
CA LEU C 148 -8.01 15.18 15.20
C LEU C 148 -7.27 14.11 14.40
N THR C 149 -7.77 13.81 13.21
CA THR C 149 -7.13 12.83 12.33
C THR C 149 -5.75 13.31 11.95
N ALA C 150 -5.63 14.60 11.67
CA ALA C 150 -4.34 15.20 11.27
C ALA C 150 -3.34 15.18 12.43
N VAL C 151 -3.85 15.32 13.64
CA VAL C 151 -3.02 15.28 14.84
C VAL C 151 -2.51 13.87 15.10
N LEU C 152 -3.40 12.89 15.02
CA LEU C 152 -3.03 11.50 15.26
C LEU C 152 -1.97 11.02 14.27
N GLU C 153 -2.15 11.40 13.00
CA GLU C 153 -1.20 11.04 11.95
C GLU C 153 0.15 11.71 12.16
N TYR C 154 0.12 12.95 12.63
CA TYR C 154 1.34 13.70 12.89
C TYR C 154 2.16 13.03 13.99
N LEU C 155 1.51 12.73 15.11
CA LEU C 155 2.18 12.10 16.24
C LEU C 155 2.72 10.73 15.85
N THR C 156 1.98 10.04 14.98
CA THR C 156 2.41 8.73 14.48
C THR C 156 3.63 8.87 13.58
N ALA C 157 3.62 9.91 12.75
CA ALA C 157 4.75 10.18 11.86
C ALA C 157 6.01 10.50 12.67
N GLU C 158 5.86 11.32 13.70
CA GLU C 158 6.99 11.68 14.57
C GLU C 158 7.58 10.44 15.23
N VAL C 159 6.71 9.55 15.71
CA VAL C 159 7.14 8.33 16.38
C VAL C 159 7.83 7.36 15.40
N LEU C 160 7.28 7.25 14.20
CA LEU C 160 7.86 6.41 13.16
C LEU C 160 9.21 6.96 12.70
N GLU C 161 9.30 8.28 12.58
CA GLU C 161 10.54 8.95 12.20
C GLU C 161 11.66 8.59 13.17
N LEU C 162 11.37 8.70 14.47
CA LEU C 162 12.35 8.41 15.51
C LEU C 162 12.62 6.92 15.63
N ALA C 163 11.57 6.11 15.59
CA ALA C 163 11.71 4.66 15.67
C ALA C 163 12.44 4.12 14.45
N GLY C 164 12.11 4.66 13.28
CA GLY C 164 12.75 4.27 12.04
C GLY C 164 14.24 4.57 12.03
N ASN C 165 14.59 5.77 12.51
CA ASN C 165 16.00 6.16 12.59
C ASN C 165 16.78 5.27 13.55
N ALA C 166 16.18 4.96 14.69
CA ALA C 166 16.80 4.10 15.69
C ALA C 166 17.04 2.72 15.10
N ALA C 167 16.20 2.33 14.16
CA ALA C 167 16.36 1.05 13.47
C ALA C 167 17.55 1.10 12.52
N ARG C 168 17.64 2.17 11.73
CA ARG C 168 18.71 2.33 10.75
C ARG C 168 20.06 2.60 11.43
N ASP C 169 20.03 3.35 12.52
CA ASP C 169 21.24 3.62 13.29
C ASP C 169 21.67 2.35 14.05
N ASN C 170 20.78 1.38 14.12
CA ASN C 170 21.07 0.09 14.73
C ASN C 170 21.28 -0.96 13.64
N LYS C 171 21.30 -0.49 12.40
CA LYS C 171 21.44 -1.36 11.22
C LYS C 171 20.42 -2.49 11.17
N LYS C 172 19.15 -2.13 11.26
CA LYS C 172 18.04 -3.06 11.08
C LYS C 172 16.92 -2.32 10.35
N THR C 173 16.39 -2.93 9.31
CA THR C 173 15.33 -2.30 8.52
C THR C 173 13.95 -2.82 8.88
N ARG C 174 13.78 -3.25 10.13
CA ARG C 174 12.48 -3.67 10.64
C ARG C 174 12.28 -3.10 12.04
N ILE C 175 11.28 -2.23 12.19
CA ILE C 175 11.00 -1.60 13.47
C ILE C 175 10.49 -2.59 14.51
N ILE C 176 11.11 -2.55 15.66
CA ILE C 176 10.79 -3.42 16.75
C ILE C 176 10.71 -2.78 18.13
N PRO C 177 9.95 -3.39 19.00
CA PRO C 177 9.65 -2.82 20.30
C PRO C 177 10.75 -1.98 20.83
N ARG C 178 11.87 -2.62 21.01
CA ARG C 178 13.07 -2.00 21.47
C ARG C 178 13.36 -0.68 20.81
N HIS C 179 13.11 -0.61 19.51
CA HIS C 179 13.37 0.59 18.72
C HIS C 179 12.43 1.74 19.09
N LEU C 180 11.17 1.41 19.34
CA LEU C 180 10.18 2.39 19.74
C LEU C 180 10.48 2.97 21.12
N GLN C 181 10.97 2.12 22.02
CA GLN C 181 11.29 2.55 23.37
C GLN C 181 12.43 3.56 23.39
N LEU C 182 13.46 3.32 22.58
CA LEU C 182 14.62 4.20 22.53
C LEU C 182 14.25 5.58 22.00
N ALA C 183 13.53 5.61 20.89
CA ALA C 183 13.12 6.88 20.27
C ALA C 183 12.24 7.70 21.20
N ILE C 184 11.27 7.05 21.81
CA ILE C 184 10.33 7.71 22.71
C ILE C 184 10.97 8.14 24.03
N ARG C 185 11.83 7.28 24.58
CA ARG C 185 12.50 7.57 25.85
C ARG C 185 13.51 8.71 25.71
N ASN C 186 14.21 8.75 24.59
CA ASN C 186 15.23 9.77 24.37
C ASN C 186 14.65 11.11 23.93
N ASP C 187 13.37 11.12 23.57
CA ASP C 187 12.69 12.36 23.22
C ASP C 187 11.93 12.88 24.43
N ASP C 188 12.23 14.12 24.83
CA ASP C 188 11.63 14.73 26.01
C ASP C 188 10.11 14.78 25.96
N GLU C 189 9.57 15.43 24.94
CA GLU C 189 8.13 15.64 24.85
C GLU C 189 7.35 14.36 24.59
N LEU C 190 7.89 13.49 23.74
CA LEU C 190 7.22 12.22 23.44
C LEU C 190 7.16 11.32 24.66
N ASN C 191 8.27 11.27 25.41
CA ASN C 191 8.32 10.47 26.62
C ASN C 191 7.36 10.96 27.70
N LYS C 192 7.20 12.28 27.78
CA LYS C 192 6.25 12.88 28.72
C LYS C 192 4.81 12.58 28.28
N LEU C 193 4.59 12.49 26.98
CA LEU C 193 3.26 12.24 26.44
C LEU C 193 2.90 10.76 26.40
N LEU C 194 3.86 9.92 26.03
CA LEU C 194 3.59 8.51 25.80
C LEU C 194 4.32 7.58 26.78
N GLY C 195 5.36 8.09 27.42
CA GLY C 195 6.22 7.29 28.27
C GLY C 195 5.48 6.56 29.38
N GLU D 4 6.64 -1.13 -11.32
CA GLU D 4 5.43 -0.55 -11.87
C GLU D 4 5.51 -0.44 -13.39
N THR D 5 6.50 -1.10 -13.97
CA THR D 5 6.70 -1.10 -15.42
C THR D 5 7.25 -2.44 -15.92
N TYR D 6 6.46 -3.12 -16.74
CA TYR D 6 6.85 -4.44 -17.26
C TYR D 6 7.06 -4.37 -18.76
N SER D 7 7.21 -3.16 -19.29
CA SER D 7 7.27 -2.93 -20.73
C SER D 7 8.40 -3.69 -21.43
N SER D 8 9.59 -3.71 -20.84
CA SER D 8 10.74 -4.38 -21.44
C SER D 8 10.52 -5.89 -21.47
N TYR D 9 9.89 -6.42 -20.43
CA TYR D 9 9.64 -7.85 -20.33
C TYR D 9 8.47 -8.28 -21.21
N ILE D 10 7.50 -7.39 -21.37
CA ILE D 10 6.36 -7.66 -22.24
C ILE D 10 6.80 -7.69 -23.71
N TYR D 11 7.68 -6.77 -24.08
CA TYR D 11 8.22 -6.72 -25.43
C TYR D 11 9.02 -7.99 -25.74
N LYS D 12 9.73 -8.49 -24.73
CA LYS D 12 10.52 -9.71 -24.88
C LYS D 12 9.61 -10.94 -25.03
N VAL D 13 8.44 -10.88 -24.39
CA VAL D 13 7.45 -11.95 -24.50
C VAL D 13 6.88 -12.02 -25.91
N LEU D 14 6.69 -10.86 -26.52
CA LEU D 14 6.10 -10.78 -27.86
C LEU D 14 6.99 -11.40 -28.92
N LYS D 15 8.23 -10.92 -29.01
CA LYS D 15 9.16 -11.36 -30.04
C LYS D 15 9.60 -12.82 -29.86
N GLN D 16 9.30 -13.40 -28.69
CA GLN D 16 9.66 -14.79 -28.42
C GLN D 16 8.75 -15.77 -29.17
N THR D 17 7.57 -15.30 -29.55
CA THR D 17 6.63 -16.13 -30.29
C THR D 17 6.32 -15.52 -31.64
N HIS D 18 6.27 -14.20 -31.68
CA HIS D 18 6.02 -13.47 -32.92
C HIS D 18 6.95 -12.27 -33.04
N PRO D 19 8.23 -12.53 -33.37
CA PRO D 19 9.18 -11.44 -33.63
C PRO D 19 8.59 -10.60 -34.73
N ASP D 20 7.90 -11.29 -35.64
CA ASP D 20 7.20 -10.68 -36.77
C ASP D 20 6.33 -9.48 -36.40
N THR D 21 5.91 -9.42 -35.13
CA THR D 21 4.97 -8.38 -34.69
C THR D 21 5.55 -7.48 -33.60
N GLY D 22 5.11 -6.21 -33.60
CA GLY D 22 5.52 -5.25 -32.60
C GLY D 22 4.33 -4.52 -32.00
N ILE D 23 4.61 -3.60 -31.07
CA ILE D 23 3.55 -2.86 -30.36
C ILE D 23 3.93 -1.40 -30.15
N SER D 24 2.93 -0.55 -29.90
CA SER D 24 3.15 0.89 -29.75
C SER D 24 3.24 1.33 -28.28
N GLN D 25 3.53 2.61 -28.10
CA GLN D 25 3.64 3.23 -26.77
C GLN D 25 2.29 3.13 -26.06
N LYS D 26 1.31 3.84 -26.58
CA LYS D 26 -0.02 3.95 -25.97
C LYS D 26 -0.62 2.56 -25.72
N SER D 27 -0.16 1.58 -26.48
CA SER D 27 -0.61 0.21 -26.33
C SER D 27 0.09 -0.45 -25.16
N MET D 28 1.42 -0.30 -25.12
CA MET D 28 2.23 -0.84 -24.04
C MET D 28 1.81 -0.30 -22.68
N SER D 29 1.32 0.94 -22.66
CA SER D 29 0.85 1.55 -21.41
C SER D 29 -0.36 0.81 -20.86
N ILE D 30 -1.29 0.44 -21.73
CA ILE D 30 -2.49 -0.29 -21.33
C ILE D 30 -2.14 -1.66 -20.80
N LEU D 31 -1.40 -2.42 -21.61
CA LEU D 31 -0.96 -3.76 -21.26
C LEU D 31 -0.12 -3.74 -19.98
N ASN D 32 0.50 -2.61 -19.69
CA ASN D 32 1.34 -2.48 -18.50
C ASN D 32 0.52 -2.27 -17.24
N SER D 33 -0.53 -1.44 -17.33
CA SER D 33 -1.41 -1.17 -16.21
C SER D 33 -2.36 -2.33 -15.95
N PHE D 34 -2.43 -3.25 -16.92
CA PHE D 34 -3.19 -4.49 -16.75
C PHE D 34 -2.46 -5.39 -15.77
N VAL D 35 -1.15 -5.50 -15.94
CA VAL D 35 -0.32 -6.35 -15.11
C VAL D 35 -0.33 -5.87 -13.65
N ASN D 36 -0.27 -4.56 -13.47
CA ASN D 36 -0.28 -3.97 -12.12
C ASN D 36 -1.56 -4.27 -11.35
N ASP D 37 -2.70 -4.13 -12.03
CA ASP D 37 -3.98 -4.32 -11.36
C ASP D 37 -4.20 -5.77 -10.94
N ILE D 38 -3.92 -6.69 -11.85
CA ILE D 38 -4.00 -8.12 -11.55
C ILE D 38 -3.00 -8.49 -10.45
N PHE D 39 -1.90 -7.75 -10.40
CA PHE D 39 -0.88 -7.94 -9.37
C PHE D 39 -1.46 -7.68 -7.99
N GLU D 40 -2.02 -6.49 -7.79
CA GLU D 40 -2.62 -6.11 -6.51
C GLU D 40 -3.80 -7.00 -6.15
N ARG D 41 -4.61 -7.33 -7.16
CA ARG D 41 -5.80 -8.16 -6.95
C ARG D 41 -5.43 -9.55 -6.44
N ILE D 42 -4.43 -10.16 -7.06
CA ILE D 42 -3.95 -11.46 -6.63
C ILE D 42 -3.23 -11.33 -5.29
N ALA D 43 -2.39 -10.31 -5.19
CA ALA D 43 -1.61 -10.06 -3.98
C ALA D 43 -2.51 -9.76 -2.78
N THR D 44 -3.52 -8.94 -2.99
CA THR D 44 -4.45 -8.57 -1.92
C THR D 44 -5.22 -9.79 -1.42
N GLU D 45 -5.65 -10.63 -2.36
CA GLU D 45 -6.35 -11.87 -2.02
C GLU D 45 -5.40 -12.86 -1.34
N ALA D 46 -4.19 -12.96 -1.84
CA ALA D 46 -3.17 -13.81 -1.22
C ALA D 46 -2.85 -13.31 0.17
N SER D 47 -2.92 -11.99 0.37
CA SER D 47 -2.66 -11.40 1.68
C SER D 47 -3.72 -11.82 2.69
N LYS D 48 -4.99 -11.78 2.27
CA LYS D 48 -6.09 -12.19 3.14
C LYS D 48 -6.05 -13.67 3.44
N LEU D 49 -5.70 -14.48 2.44
CA LEU D 49 -5.63 -15.92 2.62
C LEU D 49 -4.58 -16.30 3.66
N ALA D 50 -3.42 -15.65 3.61
CA ALA D 50 -2.36 -15.90 4.59
C ALA D 50 -2.83 -15.54 6.00
N ALA D 51 -3.48 -14.38 6.14
CA ALA D 51 -4.04 -13.98 7.42
C ALA D 51 -5.13 -14.93 7.88
N TYR D 52 -5.95 -15.40 6.94
CA TYR D 52 -7.00 -16.37 7.22
C TYR D 52 -6.44 -17.70 7.70
N ASN D 53 -5.36 -18.14 7.07
CA ASN D 53 -4.69 -19.37 7.48
C ASN D 53 -3.79 -19.14 8.67
N LYS D 54 -3.79 -17.91 9.18
CA LYS D 54 -3.02 -17.55 10.36
C LYS D 54 -1.52 -17.77 10.14
N LYS D 55 -1.04 -17.36 8.98
CA LYS D 55 0.38 -17.45 8.63
C LYS D 55 0.98 -16.06 8.55
N SER D 56 2.28 -15.95 8.84
CA SER D 56 2.98 -14.68 8.73
C SER D 56 3.72 -14.60 7.39
N THR D 57 3.62 -15.66 6.61
CA THR D 57 4.32 -15.76 5.33
C THR D 57 3.40 -16.13 4.18
N ILE D 58 3.43 -15.33 3.14
CA ILE D 58 2.66 -15.59 1.96
C ILE D 58 3.36 -16.64 1.22
N SER D 59 2.74 -17.76 1.04
CA SER D 59 3.37 -18.88 0.48
C SER D 59 2.93 -18.99 -0.94
N ALA D 60 3.43 -19.96 -1.64
CA ALA D 60 3.03 -20.16 -3.01
C ALA D 60 1.66 -20.75 -3.05
N ARG D 61 1.33 -21.42 -2.00
CA ARG D 61 0.00 -21.99 -1.77
C ARG D 61 -1.09 -20.92 -1.73
N GLU D 62 -0.84 -19.84 -0.99
CA GLU D 62 -1.77 -18.72 -0.93
C GLU D 62 -1.92 -18.05 -2.30
N ILE D 63 -0.83 -18.00 -3.04
CA ILE D 63 -0.85 -17.45 -4.40
C ILE D 63 -1.71 -18.32 -5.31
N GLN D 64 -1.54 -19.63 -5.20
CA GLN D 64 -2.26 -20.58 -6.05
C GLN D 64 -3.75 -20.61 -5.75
N THR D 65 -4.11 -20.33 -4.50
CA THR D 65 -5.52 -20.27 -4.10
C THR D 65 -6.12 -18.95 -4.55
N ALA D 66 -5.35 -17.88 -4.40
CA ALA D 66 -5.81 -16.55 -4.78
C ALA D 66 -6.09 -16.46 -6.28
N VAL D 67 -5.25 -17.10 -7.08
CA VAL D 67 -5.43 -17.10 -8.53
C VAL D 67 -6.67 -17.89 -8.96
N ARG D 68 -7.01 -18.93 -8.20
CA ARG D 68 -8.22 -19.70 -8.48
C ARG D 68 -9.48 -18.88 -8.20
N LEU D 69 -9.45 -18.15 -7.08
CA LEU D 69 -10.59 -17.38 -6.62
C LEU D 69 -10.85 -16.16 -7.49
N ILE D 70 -9.82 -15.72 -8.22
CA ILE D 70 -9.89 -14.48 -9.00
C ILE D 70 -9.88 -14.73 -10.51
N LEU D 71 -9.31 -15.86 -10.94
CA LEU D 71 -9.28 -16.21 -12.36
C LEU D 71 -10.43 -17.14 -12.73
N PRO D 72 -11.07 -16.87 -13.89
CA PRO D 72 -12.22 -17.65 -14.37
C PRO D 72 -11.82 -18.90 -15.14
N GLY D 73 -12.49 -20.01 -14.83
CA GLY D 73 -12.39 -21.25 -15.57
C GLY D 73 -11.07 -21.67 -16.19
N GLU D 74 -11.01 -21.60 -17.52
CA GLU D 74 -9.87 -22.08 -18.28
C GLU D 74 -8.58 -21.31 -17.99
N LEU D 75 -8.71 -20.01 -17.75
CA LEU D 75 -7.56 -19.18 -17.42
C LEU D 75 -6.92 -19.66 -16.11
N ALA D 76 -7.73 -19.86 -15.09
CA ALA D 76 -7.26 -20.32 -13.78
C ALA D 76 -6.58 -21.67 -13.88
N LYS D 77 -7.13 -22.54 -14.72
CA LYS D 77 -6.57 -23.88 -14.91
C LYS D 77 -5.16 -23.82 -15.49
N HIS D 78 -4.97 -22.98 -16.50
CA HIS D 78 -3.68 -22.89 -17.17
C HIS D 78 -2.80 -21.79 -16.60
N ALA D 79 -3.33 -21.06 -15.62
CA ALA D 79 -2.53 -20.09 -14.87
C ALA D 79 -1.87 -20.82 -13.71
N VAL D 80 -2.64 -21.69 -13.08
CA VAL D 80 -2.16 -22.53 -11.99
C VAL D 80 -1.10 -23.52 -12.45
N SER D 81 -1.31 -24.10 -13.63
CA SER D 81 -0.36 -25.06 -14.17
C SER D 81 0.90 -24.37 -14.67
N GLU D 82 0.77 -23.08 -14.98
CA GLU D 82 1.90 -22.26 -15.41
C GLU D 82 2.73 -21.85 -14.20
N GLY D 83 2.06 -21.52 -13.10
CA GLY D 83 2.75 -21.16 -11.88
C GLY D 83 3.46 -22.33 -11.26
N THR D 84 2.81 -23.49 -11.27
CA THR D 84 3.37 -24.71 -10.72
C THR D 84 4.57 -25.17 -11.54
N ARG D 85 4.47 -25.02 -12.86
CA ARG D 85 5.58 -25.38 -13.76
C ARG D 85 6.80 -24.51 -13.47
N ALA D 86 6.56 -23.23 -13.17
CA ALA D 86 7.65 -22.29 -12.91
C ALA D 86 8.35 -22.62 -11.60
N VAL D 87 7.57 -22.75 -10.53
CA VAL D 87 8.09 -23.14 -9.23
C VAL D 87 8.78 -24.50 -9.26
N THR D 88 8.15 -25.48 -9.90
CA THR D 88 8.70 -26.83 -9.98
C THR D 88 10.02 -26.87 -10.76
N LYS D 89 10.10 -26.06 -11.81
CA LYS D 89 11.33 -25.95 -12.59
C LYS D 89 12.43 -25.26 -11.78
N TYR D 90 12.03 -24.25 -11.04
CA TYR D 90 12.95 -23.57 -10.19
C TYR D 90 13.46 -24.50 -9.11
N SER D 91 12.60 -25.26 -8.51
CA SER D 91 13.02 -26.19 -7.50
C SER D 91 13.88 -27.30 -8.03
N SER D 92 13.52 -27.88 -9.14
CA SER D 92 14.30 -28.95 -9.76
C SER D 92 15.71 -28.47 -10.05
N SER D 93 15.84 -27.18 -10.33
CA SER D 93 17.14 -26.56 -10.51
C SER D 93 17.70 -26.19 -9.14
N THR D 94 16.96 -26.52 -8.10
CA THR D 94 17.32 -26.24 -6.72
C THR D 94 17.75 -24.79 -6.50
N SER D 113 19.66 -15.89 -12.41
CA SER D 113 18.50 -15.23 -11.84
C SER D 113 17.33 -16.20 -11.69
N ARG D 114 16.52 -15.98 -10.67
CA ARG D 114 15.36 -16.82 -10.41
C ARG D 114 14.41 -16.91 -11.61
N SER D 115 14.31 -15.83 -12.39
CA SER D 115 13.48 -15.84 -13.60
C SER D 115 14.03 -16.83 -14.61
N ALA D 116 15.36 -16.90 -14.69
CA ALA D 116 16.02 -17.83 -15.60
C ALA D 116 15.85 -19.26 -15.12
N LYS D 117 16.04 -19.50 -13.82
CA LYS D 117 15.89 -20.85 -13.26
C LYS D 117 14.44 -21.32 -13.31
N ALA D 118 13.51 -20.37 -13.39
CA ALA D 118 12.09 -20.71 -13.42
C ALA D 118 11.56 -20.76 -14.85
N GLY D 119 12.44 -20.51 -15.81
CA GLY D 119 12.06 -20.48 -17.21
C GLY D 119 11.07 -19.37 -17.53
N LEU D 120 11.17 -18.26 -16.80
CA LEU D 120 10.26 -17.13 -17.00
C LEU D 120 10.96 -15.96 -17.69
N THR D 121 10.16 -15.04 -18.22
CA THR D 121 10.69 -13.84 -18.85
C THR D 121 10.46 -12.64 -17.95
N PHE D 122 9.31 -12.61 -17.28
CA PHE D 122 9.02 -11.58 -16.29
C PHE D 122 10.00 -11.67 -15.14
N PRO D 123 10.36 -10.51 -14.56
CA PRO D 123 11.38 -10.42 -13.51
C PRO D 123 10.88 -10.83 -12.13
N VAL D 124 11.31 -11.99 -11.66
CA VAL D 124 10.91 -12.49 -10.35
C VAL D 124 11.36 -11.54 -9.25
N GLY D 125 12.61 -11.07 -9.35
CA GLY D 125 13.18 -10.20 -8.34
C GLY D 125 12.42 -8.90 -8.16
N ARG D 126 12.05 -8.26 -9.27
CA ARG D 126 11.28 -7.03 -9.22
C ARG D 126 9.86 -7.27 -8.69
N VAL D 127 9.30 -8.43 -9.00
CA VAL D 127 7.98 -8.79 -8.49
C VAL D 127 8.03 -9.11 -7.00
N HIS D 128 9.12 -9.76 -6.58
CA HIS D 128 9.32 -10.10 -5.18
C HIS D 128 9.50 -8.85 -4.33
N ARG D 129 10.22 -7.88 -4.90
CA ARG D 129 10.48 -6.62 -4.22
C ARG D 129 9.16 -5.86 -4.02
N LEU D 130 8.27 -5.99 -4.99
CA LEU D 130 7.02 -5.26 -4.97
C LEU D 130 6.03 -5.91 -3.99
N LEU D 131 6.06 -7.23 -3.91
CA LEU D 131 5.26 -7.97 -2.93
C LEU D 131 5.68 -7.58 -1.51
N ARG D 132 6.95 -7.25 -1.36
CA ARG D 132 7.51 -6.96 -0.04
C ARG D 132 7.23 -5.53 0.40
N ARG D 133 7.28 -4.60 -0.57
CA ARG D 133 7.11 -3.18 -0.27
C ARG D 133 5.65 -2.79 -0.06
N GLY D 134 4.74 -3.60 -0.58
CA GLY D 134 3.32 -3.35 -0.44
C GLY D 134 2.78 -3.91 0.86
N ASN D 135 3.63 -4.67 1.55
CA ASN D 135 3.27 -5.31 2.83
C ASN D 135 1.93 -6.04 2.80
N TYR D 136 1.84 -7.08 1.99
CA TYR D 136 0.67 -7.93 1.96
C TYR D 136 0.79 -8.97 3.06
N ALA D 137 2.03 -9.17 3.51
CA ALA D 137 2.33 -10.05 4.62
C ALA D 137 3.63 -9.58 5.28
N GLN D 138 3.99 -10.21 6.39
CA GLN D 138 5.21 -9.84 7.09
C GLN D 138 6.42 -10.44 6.36
N ARG D 139 6.19 -11.53 5.65
CA ARG D 139 7.23 -12.21 4.91
C ARG D 139 6.71 -12.78 3.60
N ILE D 140 7.46 -12.55 2.52
CA ILE D 140 7.10 -13.07 1.21
C ILE D 140 8.03 -14.21 0.82
N GLY D 141 7.46 -15.38 0.53
CA GLY D 141 8.25 -16.52 0.10
C GLY D 141 8.78 -16.30 -1.31
N SER D 142 9.95 -16.85 -1.59
CA SER D 142 10.55 -16.69 -2.91
C SER D 142 9.73 -17.42 -3.96
N LYS D 143 9.26 -18.62 -3.62
CA LYS D 143 8.43 -19.39 -4.53
C LYS D 143 7.08 -18.70 -4.77
N ALA D 144 6.68 -17.85 -3.82
CA ALA D 144 5.47 -17.06 -3.98
C ALA D 144 5.64 -16.06 -5.12
N ALA D 145 6.74 -15.31 -5.09
CA ALA D 145 7.03 -14.33 -6.13
C ALA D 145 7.28 -15.00 -7.48
N ILE D 146 7.79 -16.22 -7.46
CA ILE D 146 8.01 -16.98 -8.68
C ILE D 146 6.69 -17.40 -9.31
N TYR D 147 5.79 -17.93 -8.48
CA TYR D 147 4.48 -18.39 -8.94
C TYR D 147 3.70 -17.22 -9.54
N LEU D 148 3.59 -16.13 -8.77
CA LEU D 148 2.91 -14.93 -9.23
C LEU D 148 3.49 -14.39 -10.52
N THR D 149 4.82 -14.36 -10.61
CA THR D 149 5.49 -13.84 -11.80
C THR D 149 5.13 -14.67 -13.03
N ALA D 150 5.07 -15.98 -12.85
CA ALA D 150 4.74 -16.91 -13.94
C ALA D 150 3.31 -16.72 -14.43
N VAL D 151 2.42 -16.39 -13.51
CA VAL D 151 1.03 -16.14 -13.83
C VAL D 151 0.86 -14.83 -14.60
N LEU D 152 1.55 -13.80 -14.14
CA LEU D 152 1.50 -12.50 -14.80
C LEU D 152 2.05 -12.58 -16.22
N GLU D 153 3.12 -13.35 -16.40
CA GLU D 153 3.70 -13.58 -17.72
C GLU D 153 2.76 -14.38 -18.61
N TYR D 154 1.95 -15.24 -17.99
CA TYR D 154 1.02 -16.07 -18.74
C TYR D 154 -0.15 -15.26 -19.31
N LEU D 155 -0.72 -14.41 -18.46
CA LEU D 155 -1.85 -13.57 -18.85
C LEU D 155 -1.44 -12.59 -19.95
N THR D 156 -0.24 -12.04 -19.84
CA THR D 156 0.27 -11.08 -20.81
C THR D 156 0.47 -11.71 -22.19
N ALA D 157 0.94 -12.96 -22.22
CA ALA D 157 1.14 -13.67 -23.48
C ALA D 157 -0.21 -13.95 -24.14
N GLU D 158 -1.25 -14.12 -23.33
CA GLU D 158 -2.59 -14.37 -23.84
C GLU D 158 -3.13 -13.16 -24.58
N VAL D 159 -3.02 -11.99 -23.97
CA VAL D 159 -3.45 -10.75 -24.60
C VAL D 159 -2.60 -10.45 -25.83
N LEU D 160 -1.29 -10.64 -25.69
CA LEU D 160 -0.37 -10.45 -26.81
C LEU D 160 -0.69 -11.42 -27.97
N GLU D 161 -1.13 -12.63 -27.62
CA GLU D 161 -1.52 -13.62 -28.61
C GLU D 161 -2.75 -13.15 -29.38
N LEU D 162 -3.84 -12.89 -28.64
CA LEU D 162 -5.10 -12.44 -29.24
C LEU D 162 -4.92 -11.12 -29.98
N ALA D 163 -4.39 -10.12 -29.26
CA ALA D 163 -4.14 -8.81 -29.86
C ALA D 163 -3.15 -8.91 -31.00
N GLY D 164 -2.27 -9.91 -30.93
CA GLY D 164 -1.31 -10.16 -32.00
C GLY D 164 -2.03 -10.66 -33.23
N ASN D 165 -2.92 -11.64 -33.04
CA ASN D 165 -3.74 -12.14 -34.13
C ASN D 165 -4.64 -11.03 -34.68
N ALA D 166 -5.25 -10.26 -33.79
CA ALA D 166 -6.13 -9.17 -34.18
C ALA D 166 -5.41 -8.17 -35.10
N ALA D 167 -4.20 -7.78 -34.69
CA ALA D 167 -3.37 -6.90 -35.50
C ALA D 167 -3.04 -7.57 -36.83
N ARG D 168 -2.53 -8.79 -36.78
CA ARG D 168 -2.15 -9.52 -37.98
C ARG D 168 -3.37 -9.96 -38.80
N ASP D 169 -4.54 -9.90 -38.18
CA ASP D 169 -5.80 -10.15 -38.90
C ASP D 169 -6.11 -8.99 -39.83
N ASN D 170 -6.04 -7.77 -39.29
CA ASN D 170 -6.29 -6.57 -40.08
C ASN D 170 -5.10 -6.19 -40.96
N LYS D 171 -4.29 -7.19 -41.32
CA LYS D 171 -3.12 -6.98 -42.17
C LYS D 171 -2.15 -5.98 -41.55
N LYS D 172 -1.85 -6.15 -40.27
CA LYS D 172 -0.96 -5.24 -39.57
C LYS D 172 0.24 -6.00 -39.00
N THR D 173 1.22 -5.24 -38.51
CA THR D 173 2.40 -5.82 -37.89
C THR D 173 2.68 -5.14 -36.55
N ARG D 174 2.01 -4.02 -36.31
CA ARG D 174 2.13 -3.30 -35.05
C ARG D 174 0.80 -3.31 -34.29
N ILE D 175 0.84 -3.72 -33.03
CA ILE D 175 -0.36 -3.76 -32.21
C ILE D 175 -0.70 -2.38 -31.65
N ILE D 176 -1.96 -2.00 -31.74
CA ILE D 176 -2.43 -0.70 -31.29
C ILE D 176 -3.57 -0.89 -30.28
N PRO D 177 -4.11 0.23 -29.73
CA PRO D 177 -5.16 0.15 -28.70
C PRO D 177 -6.38 -0.66 -29.15
N ARG D 178 -6.74 -0.54 -30.42
CA ARG D 178 -7.90 -1.25 -30.96
C ARG D 178 -7.73 -2.76 -30.89
N HIS D 179 -6.57 -3.24 -31.30
CA HIS D 179 -6.27 -4.67 -31.28
C HIS D 179 -6.29 -5.20 -29.84
N LEU D 180 -6.19 -4.28 -28.89
CA LEU D 180 -6.23 -4.61 -27.47
C LEU D 180 -7.65 -4.58 -26.92
N GLN D 181 -8.46 -3.64 -27.41
CA GLN D 181 -9.86 -3.54 -27.00
C GLN D 181 -10.68 -4.64 -27.65
N LEU D 182 -10.29 -5.02 -28.87
CA LEU D 182 -11.00 -6.09 -29.60
C LEU D 182 -10.67 -7.47 -29.02
N ALA D 183 -9.38 -7.78 -28.97
CA ALA D 183 -8.93 -9.07 -28.42
C ALA D 183 -9.42 -9.27 -26.99
N ILE D 184 -9.56 -8.18 -26.26
CA ILE D 184 -10.05 -8.24 -24.89
C ILE D 184 -11.55 -8.47 -24.87
N ARG D 185 -12.22 -8.11 -25.96
CA ARG D 185 -13.67 -8.17 -26.03
C ARG D 185 -14.17 -9.50 -26.59
N ASN D 186 -13.55 -9.97 -27.66
CA ASN D 186 -13.95 -11.23 -28.30
C ASN D 186 -13.80 -12.44 -27.37
N ASP D 187 -12.64 -12.56 -26.73
CA ASP D 187 -12.40 -13.62 -25.77
C ASP D 187 -13.29 -13.41 -24.55
N ASP D 188 -14.19 -14.37 -24.31
CA ASP D 188 -15.17 -14.25 -23.23
C ASP D 188 -14.55 -14.12 -21.84
N GLU D 189 -13.54 -14.95 -21.56
CA GLU D 189 -12.91 -14.97 -20.23
C GLU D 189 -12.13 -13.70 -19.90
N LEU D 190 -11.34 -13.22 -20.86
CA LEU D 190 -10.55 -12.01 -20.64
C LEU D 190 -11.44 -10.81 -20.38
N ASN D 191 -12.65 -10.85 -20.94
CA ASN D 191 -13.60 -9.75 -20.81
C ASN D 191 -14.18 -9.63 -19.40
N LYS D 192 -14.32 -10.75 -18.71
CA LYS D 192 -14.79 -10.73 -17.33
C LYS D 192 -13.62 -10.60 -16.35
N LEU D 193 -12.45 -10.28 -16.88
CA LEU D 193 -11.26 -10.08 -16.07
C LEU D 193 -10.72 -8.67 -16.21
N LEU D 194 -10.50 -8.27 -17.46
CA LEU D 194 -9.96 -6.94 -17.75
C LEU D 194 -11.05 -6.00 -18.22
N GLU E 4 -25.60 36.52 -20.17
CA GLU E 4 -25.48 36.52 -21.62
C GLU E 4 -24.07 36.93 -22.06
N THR E 5 -23.14 36.93 -21.09
CA THR E 5 -21.76 37.31 -21.37
C THR E 5 -20.77 36.20 -21.01
N TYR E 6 -20.15 35.62 -22.04
CA TYR E 6 -19.16 34.56 -21.85
C TYR E 6 -17.79 35.04 -22.31
N SER E 7 -17.72 36.32 -22.66
CA SER E 7 -16.52 36.90 -23.28
C SER E 7 -15.21 36.58 -22.57
N SER E 8 -15.17 36.80 -21.27
CA SER E 8 -13.95 36.56 -20.49
C SER E 8 -13.59 35.07 -20.46
N TYR E 9 -14.61 34.22 -20.55
CA TYR E 9 -14.42 32.78 -20.50
C TYR E 9 -14.02 32.20 -21.85
N ILE E 10 -14.50 32.83 -22.92
CA ILE E 10 -14.16 32.41 -24.27
C ILE E 10 -12.71 32.74 -24.59
N TYR E 11 -12.23 33.86 -24.03
CA TYR E 11 -10.86 34.31 -24.25
C TYR E 11 -9.87 33.28 -23.71
N LYS E 12 -10.22 32.62 -22.62
CA LYS E 12 -9.35 31.61 -22.02
C LYS E 12 -9.34 30.33 -22.86
N VAL E 13 -10.50 29.99 -23.41
CA VAL E 13 -10.64 28.78 -24.23
C VAL E 13 -9.75 28.82 -25.47
N LEU E 14 -9.71 29.97 -26.15
CA LEU E 14 -8.89 30.14 -27.34
C LEU E 14 -7.40 30.08 -26.99
N LYS E 15 -7.07 30.43 -25.75
CA LYS E 15 -5.69 30.50 -25.31
C LYS E 15 -5.16 29.17 -24.78
N GLN E 16 -6.06 28.30 -24.35
CA GLN E 16 -5.66 27.02 -23.77
C GLN E 16 -5.13 26.04 -24.81
N THR E 17 -5.46 26.27 -26.08
CA THR E 17 -5.00 25.40 -27.15
C THR E 17 -4.20 26.16 -28.21
N HIS E 18 -4.41 27.47 -28.26
CA HIS E 18 -3.70 28.32 -29.21
C HIS E 18 -3.41 29.70 -28.62
N PRO E 19 -2.41 29.78 -27.74
CA PRO E 19 -2.02 31.02 -27.06
C PRO E 19 -1.56 32.09 -28.04
N ASP E 20 -0.90 31.67 -29.12
CA ASP E 20 -0.37 32.60 -30.12
C ASP E 20 -1.45 33.42 -30.78
N THR E 21 -2.58 32.79 -31.08
CA THR E 21 -3.67 33.46 -31.78
C THR E 21 -4.54 34.29 -30.84
N GLY E 22 -5.30 35.21 -31.41
CA GLY E 22 -6.21 36.04 -30.65
C GLY E 22 -7.56 36.18 -31.33
N ILE E 23 -8.34 37.19 -30.93
CA ILE E 23 -9.66 37.43 -31.50
C ILE E 23 -10.17 38.83 -31.17
N SER E 24 -10.89 39.44 -32.10
CA SER E 24 -11.36 40.81 -31.95
C SER E 24 -12.63 40.89 -31.09
N GLN E 25 -13.14 42.12 -30.93
CA GLN E 25 -14.37 42.34 -30.16
C GLN E 25 -15.60 41.96 -30.97
N LYS E 26 -15.63 42.36 -32.23
CA LYS E 26 -16.75 42.06 -33.11
C LYS E 26 -16.96 40.56 -33.25
N SER E 27 -15.87 39.81 -33.17
CA SER E 27 -15.91 38.36 -33.33
C SER E 27 -16.34 37.66 -32.05
N MET E 28 -15.94 38.23 -30.91
CA MET E 28 -16.24 37.63 -29.62
C MET E 28 -17.68 37.89 -29.18
N SER E 29 -18.33 38.86 -29.83
CA SER E 29 -19.74 39.12 -29.58
C SER E 29 -20.59 38.23 -30.48
N ILE E 30 -20.09 37.99 -31.69
CA ILE E 30 -20.73 37.06 -32.61
C ILE E 30 -20.70 35.65 -32.03
N LEU E 31 -19.53 35.26 -31.56
CA LEU E 31 -19.34 33.93 -30.98
C LEU E 31 -20.13 33.80 -29.69
N ASN E 32 -20.39 34.94 -29.04
CA ASN E 32 -21.18 34.96 -27.82
C ASN E 32 -22.67 34.76 -28.08
N SER E 33 -23.14 35.25 -29.24
CA SER E 33 -24.52 35.05 -29.63
C SER E 33 -24.76 33.59 -29.99
N PHE E 34 -23.76 32.96 -30.57
CA PHE E 34 -23.84 31.55 -30.96
C PHE E 34 -24.08 30.66 -29.75
N VAL E 35 -23.43 30.98 -28.64
CA VAL E 35 -23.57 30.20 -27.41
C VAL E 35 -24.91 30.45 -26.72
N ASN E 36 -25.29 31.73 -26.61
CA ASN E 36 -26.60 32.08 -26.07
C ASN E 36 -27.73 31.45 -26.88
N ASP E 37 -27.52 31.34 -28.19
CA ASP E 37 -28.51 30.75 -29.08
C ASP E 37 -28.58 29.23 -28.91
N ILE E 38 -27.41 28.58 -28.90
CA ILE E 38 -27.35 27.13 -28.69
C ILE E 38 -27.82 26.79 -27.28
N PHE E 39 -27.63 27.72 -26.35
CA PHE E 39 -28.11 27.55 -24.99
C PHE E 39 -29.63 27.50 -24.92
N GLU E 40 -30.29 28.49 -25.53
CA GLU E 40 -31.75 28.57 -25.53
C GLU E 40 -32.39 27.36 -26.22
N ARG E 41 -31.79 26.92 -27.31
CA ARG E 41 -32.31 25.79 -28.08
C ARG E 41 -32.26 24.50 -27.26
N ILE E 42 -31.14 24.26 -26.59
CA ILE E 42 -30.99 23.08 -25.74
C ILE E 42 -31.93 23.16 -24.52
N ALA E 43 -31.95 24.31 -23.87
CA ALA E 43 -32.79 24.52 -22.69
C ALA E 43 -34.27 24.39 -23.05
N THR E 44 -34.68 25.04 -24.14
CA THR E 44 -36.06 24.97 -24.59
C THR E 44 -36.47 23.53 -24.90
N GLU E 45 -35.61 22.81 -25.61
CA GLU E 45 -35.85 21.40 -25.92
C GLU E 45 -35.87 20.57 -24.64
N ALA E 46 -34.94 20.86 -23.72
CA ALA E 46 -34.87 20.15 -22.45
C ALA E 46 -36.12 20.40 -21.61
N SER E 47 -36.64 21.63 -21.69
CA SER E 47 -37.86 21.98 -20.98
C SER E 47 -39.05 21.16 -21.46
N LYS E 48 -39.10 20.92 -22.77
CA LYS E 48 -40.18 20.13 -23.35
C LYS E 48 -40.06 18.67 -22.95
N LEU E 49 -38.83 18.18 -22.90
CA LEU E 49 -38.57 16.79 -22.51
C LEU E 49 -38.93 16.57 -21.04
N ALA E 50 -38.82 17.61 -20.23
CA ALA E 50 -39.14 17.53 -18.81
C ALA E 50 -40.64 17.41 -18.58
N ALA E 51 -41.40 18.24 -19.29
CA ALA E 51 -42.86 18.21 -19.21
C ALA E 51 -43.40 16.90 -19.80
N TYR E 52 -42.71 16.41 -20.83
CA TYR E 52 -43.11 15.17 -21.50
C TYR E 52 -42.85 13.95 -20.62
N ASN E 53 -41.87 14.04 -19.74
CA ASN E 53 -41.54 12.94 -18.84
C ASN E 53 -42.29 12.99 -17.51
N LYS E 54 -43.22 13.95 -17.41
CA LYS E 54 -43.99 14.14 -16.19
C LYS E 54 -43.10 14.59 -15.02
N LYS E 55 -42.21 15.54 -15.29
CA LYS E 55 -41.33 16.07 -14.25
C LYS E 55 -41.30 17.58 -14.26
N SER E 56 -41.11 18.17 -13.08
CA SER E 56 -40.94 19.60 -12.96
C SER E 56 -39.47 19.93 -12.72
N THR E 57 -38.62 18.94 -12.94
CA THR E 57 -37.18 19.09 -12.75
C THR E 57 -36.41 18.80 -14.04
N ILE E 58 -35.65 19.78 -14.51
CA ILE E 58 -34.73 19.56 -15.62
C ILE E 58 -33.41 19.01 -15.07
N SER E 59 -33.18 17.78 -15.39
CA SER E 59 -32.02 17.10 -14.97
C SER E 59 -31.05 16.86 -16.09
N ALA E 60 -30.02 16.13 -15.78
CA ALA E 60 -28.94 15.95 -16.68
C ALA E 60 -29.39 15.06 -17.76
N ARG E 61 -30.40 14.29 -17.47
CA ARG E 61 -30.96 13.38 -18.46
C ARG E 61 -31.60 14.15 -19.61
N GLU E 62 -32.36 15.19 -19.28
CA GLU E 62 -33.04 15.98 -20.31
C GLU E 62 -32.04 16.81 -21.11
N ILE E 63 -31.00 17.29 -20.44
CA ILE E 63 -29.95 18.04 -21.11
C ILE E 63 -29.26 17.17 -22.16
N GLN E 64 -28.99 15.92 -21.81
CA GLN E 64 -28.31 14.99 -22.70
C GLN E 64 -29.17 14.67 -23.93
N THR E 65 -30.43 14.33 -23.68
CA THR E 65 -31.37 14.04 -24.77
C THR E 65 -31.54 15.24 -25.69
N ALA E 66 -31.71 16.43 -25.11
CA ALA E 66 -31.83 17.66 -25.87
C ALA E 66 -30.60 17.87 -26.76
N VAL E 67 -29.43 17.55 -26.21
CA VAL E 67 -28.19 17.65 -26.96
C VAL E 67 -28.16 16.64 -28.12
N ARG E 68 -28.67 15.44 -27.88
CA ARG E 68 -28.71 14.39 -28.89
C ARG E 68 -29.58 14.79 -30.08
N LEU E 69 -30.69 15.47 -29.80
CA LEU E 69 -31.66 15.83 -30.82
C LEU E 69 -31.25 17.04 -31.64
N ILE E 70 -30.74 18.07 -30.96
CA ILE E 70 -30.43 19.33 -31.61
C ILE E 70 -29.11 19.33 -32.39
N LEU E 71 -28.12 18.62 -31.88
CA LEU E 71 -26.81 18.59 -32.52
C LEU E 71 -26.69 17.50 -33.57
N PRO E 72 -26.00 17.81 -34.69
CA PRO E 72 -25.66 16.81 -35.72
C PRO E 72 -24.79 15.71 -35.14
N GLY E 73 -24.69 14.59 -35.87
CA GLY E 73 -24.06 13.38 -35.38
C GLY E 73 -22.76 13.49 -34.63
N GLU E 74 -21.70 13.91 -35.32
CA GLU E 74 -20.37 13.96 -34.73
C GLU E 74 -20.28 14.99 -33.60
N LEU E 75 -20.90 16.14 -33.80
CA LEU E 75 -20.92 17.18 -32.76
C LEU E 75 -21.63 16.69 -31.51
N ALA E 76 -22.73 15.98 -31.71
CA ALA E 76 -23.52 15.44 -30.60
C ALA E 76 -22.76 14.41 -29.78
N LYS E 77 -22.13 13.45 -30.46
CA LYS E 77 -21.42 12.38 -29.78
C LYS E 77 -20.31 12.89 -28.88
N HIS E 78 -19.57 13.89 -29.36
CA HIS E 78 -18.47 14.47 -28.60
C HIS E 78 -18.96 15.42 -27.51
N ALA E 79 -20.08 16.10 -27.77
CA ALA E 79 -20.67 16.98 -26.77
C ALA E 79 -21.24 16.15 -25.62
N VAL E 80 -21.77 14.98 -25.95
CA VAL E 80 -22.36 14.09 -24.95
C VAL E 80 -21.31 13.45 -24.06
N SER E 81 -20.15 13.12 -24.63
CA SER E 81 -19.06 12.52 -23.87
C SER E 81 -18.38 13.56 -22.99
N GLU E 82 -18.27 14.78 -23.51
CA GLU E 82 -17.70 15.89 -22.74
C GLU E 82 -18.64 16.24 -21.59
N GLY E 83 -19.94 16.17 -21.84
CA GLY E 83 -20.93 16.44 -20.83
C GLY E 83 -20.94 15.36 -19.76
N THR E 84 -20.82 14.12 -20.21
CA THR E 84 -20.75 12.99 -19.29
C THR E 84 -19.45 13.03 -18.48
N ARG E 85 -18.39 13.56 -19.09
CA ARG E 85 -17.09 13.64 -18.44
C ARG E 85 -17.11 14.66 -17.30
N ALA E 86 -17.68 15.83 -17.57
CA ALA E 86 -17.73 16.91 -16.58
C ALA E 86 -18.51 16.50 -15.34
N VAL E 87 -19.59 15.76 -15.54
CA VAL E 87 -20.41 15.28 -14.43
C VAL E 87 -19.73 14.16 -13.67
N THR E 88 -19.06 13.27 -14.40
CA THR E 88 -18.34 12.16 -13.78
C THR E 88 -17.17 12.68 -12.94
N LYS E 89 -16.51 13.71 -13.43
CA LYS E 89 -15.40 14.34 -12.71
C LYS E 89 -15.91 15.05 -11.47
N TYR E 90 -17.01 15.76 -11.61
CA TYR E 90 -17.62 16.50 -10.50
C TYR E 90 -18.05 15.54 -9.40
N SER E 91 -18.45 14.33 -9.79
CA SER E 91 -18.90 13.34 -8.83
C SER E 91 -17.73 12.67 -8.11
N SER E 92 -16.65 12.42 -8.84
CA SER E 92 -15.44 11.86 -8.25
C SER E 92 -14.88 12.80 -7.20
N SER E 93 -14.94 14.10 -7.48
CA SER E 93 -14.58 15.11 -6.49
C SER E 93 -15.65 15.17 -5.40
N THR E 94 -16.83 14.65 -5.73
CA THR E 94 -17.99 14.68 -4.84
C THR E 94 -18.38 16.12 -4.50
N SER E 113 -15.35 25.91 -6.71
CA SER E 113 -16.43 26.06 -7.69
C SER E 113 -16.69 24.74 -8.42
N ARG E 114 -17.95 24.52 -8.76
CA ARG E 114 -18.34 23.34 -9.52
C ARG E 114 -17.59 23.26 -10.84
N SER E 115 -17.25 24.42 -11.40
CA SER E 115 -16.48 24.46 -12.64
C SER E 115 -15.11 23.82 -12.48
N ALA E 116 -14.46 24.10 -11.36
CA ALA E 116 -13.15 23.52 -11.07
C ALA E 116 -13.27 22.04 -10.76
N LYS E 117 -14.29 21.67 -9.99
CA LYS E 117 -14.54 20.26 -9.65
C LYS E 117 -14.84 19.44 -10.90
N ALA E 118 -15.34 20.11 -11.93
CA ALA E 118 -15.75 19.42 -13.16
C ALA E 118 -14.69 19.54 -14.25
N GLY E 119 -13.61 20.26 -13.96
CA GLY E 119 -12.55 20.47 -14.93
C GLY E 119 -12.98 21.36 -16.06
N LEU E 120 -13.96 22.23 -15.80
CA LEU E 120 -14.50 23.12 -16.82
C LEU E 120 -13.89 24.52 -16.72
N THR E 121 -13.83 25.20 -17.86
CA THR E 121 -13.37 26.59 -17.90
C THR E 121 -14.57 27.53 -17.94
N PHE E 122 -15.67 27.07 -18.53
CA PHE E 122 -16.92 27.81 -18.53
C PHE E 122 -17.51 27.83 -17.13
N PRO E 123 -18.25 28.91 -16.80
CA PRO E 123 -18.82 29.12 -15.47
C PRO E 123 -20.13 28.35 -15.26
N VAL E 124 -20.06 27.29 -14.45
CA VAL E 124 -21.24 26.50 -14.14
C VAL E 124 -22.30 27.32 -13.43
N GLY E 125 -21.87 28.17 -12.50
CA GLY E 125 -22.76 29.00 -11.71
C GLY E 125 -23.66 29.90 -12.52
N ARG E 126 -23.09 30.54 -13.54
CA ARG E 126 -23.84 31.42 -14.42
C ARG E 126 -24.92 30.67 -15.22
N VAL E 127 -24.54 29.50 -15.74
CA VAL E 127 -25.47 28.69 -16.54
C VAL E 127 -26.64 28.21 -15.69
N HIS E 128 -26.35 27.76 -14.47
CA HIS E 128 -27.38 27.28 -13.56
C HIS E 128 -28.34 28.41 -13.22
N ARG E 129 -27.78 29.57 -12.90
CA ARG E 129 -28.58 30.75 -12.58
C ARG E 129 -29.41 31.14 -13.81
N LEU E 130 -28.80 31.03 -14.99
CA LEU E 130 -29.48 31.34 -16.25
C LEU E 130 -30.54 30.27 -16.55
N LEU E 131 -30.20 29.02 -16.27
CA LEU E 131 -31.12 27.90 -16.46
C LEU E 131 -32.25 27.94 -15.43
N ARG E 132 -32.22 28.92 -14.54
CA ARG E 132 -33.21 29.02 -13.47
C ARG E 132 -34.15 30.20 -13.67
N ARG E 133 -33.61 31.30 -14.17
CA ARG E 133 -34.42 32.49 -14.42
C ARG E 133 -34.98 32.51 -15.85
N GLY E 134 -35.49 31.36 -16.28
CA GLY E 134 -36.06 31.23 -17.61
C GLY E 134 -37.29 30.36 -17.63
N ASN E 135 -37.74 29.98 -16.43
CA ASN E 135 -38.91 29.10 -16.25
C ASN E 135 -38.98 27.92 -17.22
N TYR E 136 -37.86 27.26 -17.44
CA TYR E 136 -37.84 26.07 -18.28
C TYR E 136 -38.49 24.92 -17.54
N ALA E 137 -38.36 24.95 -16.21
CA ALA E 137 -38.94 23.93 -15.34
C ALA E 137 -39.01 24.45 -13.92
N GLN E 138 -39.74 23.75 -13.06
CA GLN E 138 -39.89 24.16 -11.67
C GLN E 138 -38.54 24.14 -10.94
N ARG E 139 -37.74 23.11 -11.20
CA ARG E 139 -36.41 22.99 -10.60
C ARG E 139 -35.35 22.71 -11.67
N ILE E 140 -34.10 23.05 -11.35
CA ILE E 140 -32.99 22.83 -12.27
C ILE E 140 -31.81 22.20 -11.56
N GLY E 141 -31.52 20.94 -11.87
CA GLY E 141 -30.45 20.21 -11.22
C GLY E 141 -29.08 20.81 -11.42
N SER E 142 -28.21 20.65 -10.42
CA SER E 142 -26.86 21.18 -10.52
C SER E 142 -26.06 20.44 -11.59
N LYS E 143 -26.26 19.13 -11.68
CA LYS E 143 -25.57 18.32 -12.67
C LYS E 143 -26.06 18.62 -14.08
N ALA E 144 -27.30 19.10 -14.19
CA ALA E 144 -27.85 19.53 -15.47
C ALA E 144 -27.09 20.76 -15.96
N ALA E 145 -26.82 21.68 -15.03
CA ALA E 145 -26.09 22.90 -15.33
C ALA E 145 -24.63 22.60 -15.65
N ILE E 146 -24.07 21.59 -15.00
CA ILE E 146 -22.70 21.17 -15.25
C ILE E 146 -22.58 20.58 -16.65
N TYR E 147 -23.49 19.66 -16.96
CA TYR E 147 -23.51 19.00 -18.26
C TYR E 147 -23.63 20.01 -19.39
N LEU E 148 -24.58 20.94 -19.25
CA LEU E 148 -24.81 21.97 -20.25
C LEU E 148 -23.62 22.91 -20.43
N THR E 149 -22.94 23.21 -19.33
CA THR E 149 -21.78 24.09 -19.36
C THR E 149 -20.66 23.45 -20.17
N ALA E 150 -20.42 22.17 -19.93
CA ALA E 150 -19.38 21.43 -20.63
C ALA E 150 -19.66 21.36 -22.13
N VAL E 151 -20.93 21.19 -22.49
CA VAL E 151 -21.32 21.14 -23.90
C VAL E 151 -21.08 22.47 -24.60
N LEU E 152 -21.45 23.57 -23.94
CA LEU E 152 -21.25 24.90 -24.52
C LEU E 152 -19.77 25.22 -24.66
N GLU E 153 -18.96 24.74 -23.73
CA GLU E 153 -17.52 24.96 -23.78
C GLU E 153 -16.90 24.19 -24.93
N TYR E 154 -17.38 22.96 -25.14
CA TYR E 154 -16.88 22.13 -26.24
C TYR E 154 -17.18 22.75 -27.60
N LEU E 155 -18.40 23.25 -27.78
CA LEU E 155 -18.80 23.85 -29.04
C LEU E 155 -18.03 25.14 -29.31
N THR E 156 -17.80 25.91 -28.24
CA THR E 156 -17.06 27.16 -28.35
C THR E 156 -15.63 26.90 -28.80
N ALA E 157 -15.02 25.87 -28.22
CA ALA E 157 -13.67 25.47 -28.59
C ALA E 157 -13.63 24.95 -30.02
N GLU E 158 -14.77 24.45 -30.49
CA GLU E 158 -14.88 23.91 -31.85
C GLU E 158 -14.83 25.06 -32.87
N VAL E 159 -15.65 26.08 -32.63
CA VAL E 159 -15.70 27.24 -33.52
C VAL E 159 -14.40 28.04 -33.47
N LEU E 160 -13.74 28.02 -32.32
CA LEU E 160 -12.47 28.73 -32.14
C LEU E 160 -11.31 28.00 -32.81
N GLU E 161 -11.24 26.68 -32.60
CA GLU E 161 -10.19 25.86 -33.18
C GLU E 161 -10.24 25.86 -34.71
N LEU E 162 -11.45 25.91 -35.25
CA LEU E 162 -11.63 25.94 -36.69
C LEU E 162 -11.48 27.34 -37.25
N ALA E 163 -11.88 28.35 -36.48
CA ALA E 163 -11.72 29.73 -36.89
C ALA E 163 -10.24 30.09 -36.98
N GLY E 164 -9.46 29.58 -36.04
CA GLY E 164 -8.02 29.78 -36.03
C GLY E 164 -7.38 29.25 -37.30
N ASN E 165 -7.78 28.04 -37.70
CA ASN E 165 -7.27 27.46 -38.94
C ASN E 165 -7.71 28.25 -40.16
N ALA E 166 -8.79 29.00 -40.01
CA ALA E 166 -9.27 29.87 -41.08
C ALA E 166 -8.38 31.12 -41.17
N ALA E 167 -7.99 31.63 -40.01
CA ALA E 167 -7.09 32.77 -39.94
C ALA E 167 -5.64 32.33 -40.16
N ARG E 168 -5.34 31.12 -39.70
CA ARG E 168 -3.98 30.59 -39.78
C ARG E 168 -3.48 30.43 -41.21
N ASP E 169 -4.21 29.67 -42.02
CA ASP E 169 -3.79 29.40 -43.40
C ASP E 169 -3.71 30.68 -44.24
N ASN E 170 -4.45 31.70 -43.82
CA ASN E 170 -4.38 33.01 -44.48
C ASN E 170 -3.26 33.85 -43.88
N LYS E 171 -2.50 33.25 -42.97
CA LYS E 171 -1.31 33.87 -42.40
C LYS E 171 -1.63 35.07 -41.52
N LYS E 172 -2.59 34.91 -40.61
CA LYS E 172 -2.92 35.94 -39.63
C LYS E 172 -2.61 35.46 -38.21
N THR E 173 -2.99 36.28 -37.24
CA THR E 173 -2.82 35.95 -35.83
C THR E 173 -3.98 36.51 -35.01
N ARG E 174 -5.11 36.73 -35.69
CA ARG E 174 -6.27 37.34 -35.07
C ARG E 174 -7.54 36.99 -35.86
N ILE E 175 -8.56 36.50 -35.17
CA ILE E 175 -9.76 36.02 -35.82
C ILE E 175 -10.83 37.10 -35.96
N ILE E 176 -11.29 37.31 -37.20
CA ILE E 176 -12.38 38.24 -37.47
C ILE E 176 -13.65 37.48 -37.78
N PRO E 177 -14.78 38.19 -37.90
CA PRO E 177 -16.06 37.57 -38.28
C PRO E 177 -15.92 36.91 -39.65
N ARG E 178 -14.97 37.42 -40.44
CA ARG E 178 -14.61 36.82 -41.72
C ARG E 178 -14.16 35.38 -41.52
N HIS E 179 -13.31 35.18 -40.53
CA HIS E 179 -12.82 33.84 -40.19
C HIS E 179 -13.90 33.02 -39.52
N LEU E 180 -14.71 33.67 -38.70
CA LEU E 180 -15.82 33.02 -38.01
C LEU E 180 -16.86 32.51 -39.02
N GLN E 181 -17.16 33.32 -40.03
CA GLN E 181 -18.11 32.93 -41.05
C GLN E 181 -17.54 31.85 -41.95
N LEU E 182 -16.26 31.98 -42.28
CA LEU E 182 -15.58 30.98 -43.09
C LEU E 182 -15.44 29.66 -42.35
N ALA E 183 -15.24 29.73 -41.04
CA ALA E 183 -15.13 28.54 -40.22
C ALA E 183 -16.41 27.71 -40.25
N ILE E 184 -17.55 28.41 -40.22
CA ILE E 184 -18.86 27.75 -40.25
C ILE E 184 -19.12 27.08 -41.60
N ARG E 185 -18.89 27.82 -42.67
CA ARG E 185 -19.15 27.33 -44.02
C ARG E 185 -18.32 26.10 -44.37
N ASN E 186 -17.01 26.20 -44.15
CA ASN E 186 -16.09 25.13 -44.51
C ASN E 186 -16.10 23.95 -43.54
N ASP E 187 -17.14 23.88 -42.71
CA ASP E 187 -17.29 22.77 -41.78
C ASP E 187 -18.67 22.14 -41.96
N ASP E 188 -18.69 20.82 -42.18
CA ASP E 188 -19.93 20.11 -42.47
C ASP E 188 -21.01 20.33 -41.42
N GLU E 189 -20.76 19.83 -40.22
CA GLU E 189 -21.74 19.90 -39.14
C GLU E 189 -21.95 21.32 -38.63
N LEU E 190 -20.85 22.07 -38.53
CA LEU E 190 -20.90 23.44 -38.03
C LEU E 190 -21.85 24.28 -38.88
N ASN E 191 -21.82 24.05 -40.19
CA ASN E 191 -22.69 24.76 -41.12
C ASN E 191 -24.17 24.46 -40.89
N LYS E 192 -24.47 23.20 -40.57
CA LYS E 192 -25.85 22.78 -40.34
C LYS E 192 -26.50 23.53 -39.18
N LEU E 193 -25.78 23.57 -38.05
CA LEU E 193 -26.27 24.18 -36.82
C LEU E 193 -26.86 25.57 -37.05
N LEU E 194 -26.13 26.41 -37.78
CA LEU E 194 -26.53 27.80 -37.98
C LEU E 194 -26.06 28.35 -39.32
N SER F 7 33.58 -4.80 22.23
CA SER F 7 34.53 -3.81 21.71
C SER F 7 35.97 -4.11 22.13
N SER F 8 36.16 -4.46 23.40
CA SER F 8 37.47 -4.81 23.91
C SER F 8 37.71 -6.31 23.76
N TYR F 9 36.62 -7.06 23.69
CA TYR F 9 36.68 -8.51 23.62
C TYR F 9 36.83 -9.01 22.18
N ILE F 10 36.59 -8.11 21.23
CA ILE F 10 36.77 -8.44 19.82
C ILE F 10 38.19 -8.13 19.39
N TYR F 11 38.74 -7.07 19.91
CA TYR F 11 40.03 -6.66 19.48
C TYR F 11 41.04 -7.66 19.93
N LYS F 12 40.78 -8.27 21.07
CA LYS F 12 41.81 -9.03 21.72
C LYS F 12 41.97 -10.37 21.08
N VAL F 13 40.81 -10.93 20.74
CA VAL F 13 40.75 -12.19 20.01
C VAL F 13 41.68 -12.19 18.79
N LEU F 14 41.52 -11.17 17.94
CA LEU F 14 42.38 -11.01 16.77
C LEU F 14 43.84 -10.83 17.19
N LYS F 15 44.05 -10.09 18.26
CA LYS F 15 45.39 -9.81 18.76
C LYS F 15 46.06 -11.04 19.34
N GLN F 16 45.20 -11.98 19.72
CA GLN F 16 45.65 -13.25 20.34
C GLN F 16 45.63 -14.35 19.28
N THR F 17 46.18 -14.03 18.11
CA THR F 17 46.40 -15.07 17.09
C THR F 17 47.29 -14.49 15.99
N HIS F 18 46.93 -13.28 15.53
CA HIS F 18 47.65 -12.58 14.47
C HIS F 18 48.08 -11.20 14.98
N PRO F 19 49.20 -11.15 15.72
CA PRO F 19 49.69 -9.91 16.35
C PRO F 19 50.22 -8.89 15.34
N ASP F 20 50.43 -9.34 14.10
CA ASP F 20 50.96 -8.48 13.04
C ASP F 20 49.89 -7.57 12.45
N THR F 21 48.72 -8.13 12.18
CA THR F 21 47.66 -7.38 11.50
C THR F 21 46.73 -6.66 12.47
N GLY F 22 46.21 -5.52 12.04
CA GLY F 22 45.28 -4.74 12.83
C GLY F 22 43.90 -4.66 12.20
N ILE F 23 43.02 -3.85 12.79
CA ILE F 23 41.66 -3.70 12.30
C ILE F 23 41.16 -2.27 12.50
N SER F 24 40.46 -1.73 11.51
CA SER F 24 39.96 -0.36 11.56
C SER F 24 38.72 -0.22 12.44
N GLN F 25 38.27 1.01 12.65
CA GLN F 25 37.10 1.27 13.49
C GLN F 25 35.79 0.78 12.88
N LYS F 26 35.45 1.30 11.71
CA LYS F 26 34.22 0.94 11.01
C LYS F 26 34.16 -0.57 10.76
N SER F 27 35.32 -1.14 10.47
CA SER F 27 35.42 -2.58 10.24
C SER F 27 35.08 -3.34 11.52
N MET F 28 35.43 -2.76 12.66
CA MET F 28 35.12 -3.35 13.96
C MET F 28 33.63 -3.25 14.25
N SER F 29 33.04 -2.14 13.82
CA SER F 29 31.61 -1.90 14.04
C SER F 29 30.77 -2.84 13.19
N ILE F 30 31.14 -2.98 11.93
CA ILE F 30 30.47 -3.90 11.03
C ILE F 30 30.54 -5.31 11.58
N LEU F 31 31.72 -5.72 12.00
CA LEU F 31 31.93 -7.04 12.58
C LEU F 31 31.12 -7.21 13.86
N ASN F 32 30.94 -6.11 14.58
CA ASN F 32 30.14 -6.12 15.81
C ASN F 32 28.67 -6.42 15.52
N SER F 33 28.11 -5.73 14.53
CA SER F 33 26.71 -5.92 14.16
C SER F 33 26.47 -7.29 13.57
N PHE F 34 27.48 -7.84 12.90
CA PHE F 34 27.41 -9.18 12.33
C PHE F 34 27.17 -10.22 13.43
N VAL F 35 28.02 -10.19 14.45
CA VAL F 35 27.87 -11.07 15.60
C VAL F 35 26.54 -10.81 16.31
N ASN F 36 26.13 -9.55 16.36
CA ASN F 36 24.89 -9.17 17.01
C ASN F 36 23.67 -9.80 16.34
N ASP F 37 23.65 -9.79 15.01
CA ASP F 37 22.56 -10.40 14.24
C ASP F 37 22.48 -11.90 14.52
N ILE F 38 23.62 -12.56 14.52
CA ILE F 38 23.69 -14.00 14.81
C ILE F 38 23.17 -14.28 16.22
N PHE F 39 23.44 -13.36 17.13
CA PHE F 39 22.97 -13.49 18.51
C PHE F 39 21.45 -13.43 18.59
N GLU F 40 20.86 -12.43 17.94
CA GLU F 40 19.41 -12.25 17.95
C GLU F 40 18.69 -13.47 17.38
N ARG F 41 19.21 -14.00 16.28
CA ARG F 41 18.61 -15.15 15.63
C ARG F 41 18.69 -16.41 16.50
N ILE F 42 19.85 -16.62 17.12
CA ILE F 42 20.04 -17.76 18.02
C ILE F 42 19.14 -17.64 19.24
N ALA F 43 19.04 -16.42 19.78
CA ALA F 43 18.21 -16.17 20.95
C ALA F 43 16.73 -16.32 20.61
N THR F 44 16.33 -15.76 19.47
CA THR F 44 14.96 -15.86 18.99
C THR F 44 14.55 -17.31 18.78
N GLU F 45 15.38 -18.06 18.07
CA GLU F 45 15.14 -19.47 17.81
C GLU F 45 15.10 -20.26 19.12
N ALA F 46 15.97 -19.88 20.05
CA ALA F 46 16.01 -20.48 21.38
C ALA F 46 14.73 -20.15 22.14
N SER F 47 14.21 -18.95 21.91
CA SER F 47 12.97 -18.50 22.54
C SER F 47 11.79 -19.37 22.11
N LYS F 48 11.72 -19.65 20.81
CA LYS F 48 10.66 -20.47 20.25
C LYS F 48 10.80 -21.92 20.74
N LEU F 49 12.03 -22.40 20.80
CA LEU F 49 12.30 -23.75 21.30
C LEU F 49 11.88 -23.88 22.77
N ALA F 50 12.04 -22.81 23.52
CA ALA F 50 11.64 -22.79 24.92
C ALA F 50 10.13 -22.99 25.03
N ALA F 51 9.39 -22.20 24.27
CA ALA F 51 7.93 -22.29 24.26
C ALA F 51 7.47 -23.65 23.75
N TYR F 52 8.08 -24.11 22.65
CA TYR F 52 7.74 -25.39 22.05
C TYR F 52 7.91 -26.56 23.02
N ASN F 53 8.85 -26.42 23.95
CA ASN F 53 9.12 -27.47 24.93
C ASN F 53 8.27 -27.32 26.19
N LYS F 54 7.39 -26.33 26.19
CA LYS F 54 6.55 -26.03 27.35
C LYS F 54 7.39 -25.62 28.54
N LYS F 55 8.38 -24.76 28.30
CA LYS F 55 9.23 -24.25 29.37
C LYS F 55 9.29 -22.73 29.33
N SER F 56 9.53 -22.13 30.49
CA SER F 56 9.74 -20.69 30.58
C SER F 56 11.20 -20.37 30.87
N THR F 57 12.03 -21.41 30.79
CA THR F 57 13.46 -21.27 31.05
C THR F 57 14.29 -21.62 29.82
N ILE F 58 15.10 -20.70 29.34
CA ILE F 58 15.93 -21.02 28.21
C ILE F 58 17.19 -21.63 28.73
N SER F 59 17.43 -22.89 28.46
CA SER F 59 18.64 -23.45 28.97
C SER F 59 19.63 -23.75 27.90
N ALA F 60 20.60 -24.57 28.25
CA ALA F 60 21.70 -24.84 27.36
C ALA F 60 21.21 -25.70 26.25
N ARG F 61 20.18 -26.45 26.56
CA ARG F 61 19.52 -27.27 25.55
C ARG F 61 19.05 -26.42 24.38
N GLU F 62 18.27 -25.39 24.70
CA GLU F 62 17.67 -24.52 23.69
C GLU F 62 18.72 -23.79 22.86
N ILE F 63 19.81 -23.40 23.50
CA ILE F 63 20.89 -22.70 22.82
C ILE F 63 21.60 -23.62 21.82
N GLN F 64 21.95 -24.83 22.27
CA GLN F 64 22.63 -25.79 21.42
C GLN F 64 21.76 -26.20 20.23
N THR F 65 20.47 -26.39 20.47
CA THR F 65 19.54 -26.77 19.42
C THR F 65 19.37 -25.63 18.42
N ALA F 66 19.23 -24.41 18.93
CA ALA F 66 19.07 -23.24 18.09
C ALA F 66 20.29 -23.00 17.22
N VAL F 67 21.46 -23.35 17.75
CA VAL F 67 22.71 -23.20 17.01
C VAL F 67 22.79 -24.13 15.81
N ARG F 68 22.37 -25.38 16.00
CA ARG F 68 22.40 -26.37 14.93
C ARG F 68 21.47 -25.98 13.79
N LEU F 69 20.33 -25.38 14.14
CA LEU F 69 19.31 -25.02 13.17
C LEU F 69 19.69 -23.76 12.37
N ILE F 70 20.48 -22.89 13.00
CA ILE F 70 20.78 -21.58 12.42
C ILE F 70 22.11 -21.53 11.67
N LEU F 71 23.12 -22.22 12.18
CA LEU F 71 24.42 -22.24 11.52
C LEU F 71 24.52 -23.36 10.50
N PRO F 72 25.16 -23.07 9.34
CA PRO F 72 25.39 -24.07 8.30
C PRO F 72 26.29 -25.21 8.78
N GLY F 73 26.43 -26.23 7.95
CA GLY F 73 27.11 -27.47 8.31
C GLY F 73 28.32 -27.41 9.22
N GLU F 74 29.48 -27.12 8.64
CA GLU F 74 30.73 -27.18 9.39
C GLU F 74 30.83 -26.14 10.50
N LEU F 75 30.23 -24.97 10.29
CA LEU F 75 30.25 -23.92 11.31
C LEU F 75 29.51 -24.35 12.58
N ALA F 76 28.41 -25.07 12.40
CA ALA F 76 27.58 -25.50 13.51
C ALA F 76 28.23 -26.60 14.34
N LYS F 77 28.87 -27.54 13.66
CA LYS F 77 29.52 -28.67 14.33
C LYS F 77 30.62 -28.20 15.28
N HIS F 78 31.32 -27.15 14.88
CA HIS F 78 32.40 -26.60 15.70
C HIS F 78 31.85 -25.63 16.74
N ALA F 79 30.75 -24.97 16.43
CA ALA F 79 30.12 -24.05 17.37
C ALA F 79 29.58 -24.83 18.57
N VAL F 80 28.84 -25.90 18.29
CA VAL F 80 28.32 -26.77 19.33
C VAL F 80 29.45 -27.37 20.17
N SER F 81 30.54 -27.72 19.50
CA SER F 81 31.71 -28.28 20.19
C SER F 81 32.36 -27.27 21.13
N GLU F 82 32.46 -26.02 20.68
CA GLU F 82 33.03 -24.95 21.47
C GLU F 82 32.07 -24.54 22.60
N GLY F 83 30.77 -24.53 22.29
CA GLY F 83 29.76 -24.23 23.28
C GLY F 83 29.72 -25.30 24.35
N THR F 84 29.86 -26.56 23.93
CA THR F 84 29.87 -27.68 24.85
C THR F 84 31.11 -27.64 25.75
N ARG F 85 32.24 -27.29 25.17
CA ARG F 85 33.51 -27.25 25.90
C ARG F 85 33.51 -26.16 26.97
N ALA F 86 32.81 -25.06 26.69
CA ALA F 86 32.74 -23.94 27.62
C ALA F 86 31.93 -24.31 28.86
N VAL F 87 30.82 -25.01 28.66
CA VAL F 87 29.98 -25.46 29.76
C VAL F 87 30.65 -26.58 30.54
N THR F 88 31.32 -27.47 29.81
CA THR F 88 32.00 -28.60 30.43
C THR F 88 33.11 -28.14 31.37
N LYS F 89 33.80 -27.06 30.99
CA LYS F 89 34.91 -26.54 31.79
C LYS F 89 34.41 -25.78 33.02
N TYR F 90 33.32 -25.04 32.84
CA TYR F 90 32.72 -24.28 33.94
C TYR F 90 32.23 -25.23 35.03
N SER F 91 31.65 -26.35 34.61
CA SER F 91 31.12 -27.33 35.54
C SER F 91 32.25 -28.04 36.30
N SER F 92 33.31 -28.40 35.59
CA SER F 92 34.45 -29.07 36.22
C SER F 92 35.13 -28.16 37.23
N SER F 93 35.17 -26.86 36.91
CA SER F 93 35.70 -25.88 37.84
C SER F 93 34.72 -25.65 38.98
N THR F 94 33.47 -26.08 38.77
CA THR F 94 32.42 -25.91 39.76
C THR F 94 32.12 -24.43 40.00
N SER F 113 35.44 -15.01 37.36
CA SER F 113 34.24 -14.85 36.54
C SER F 113 33.92 -16.12 35.76
N ARG F 114 32.68 -16.22 35.30
CA ARG F 114 32.24 -17.37 34.53
C ARG F 114 33.01 -17.51 33.22
N SER F 115 33.44 -16.39 32.65
CA SER F 115 34.27 -16.43 31.45
C SER F 115 35.59 -17.13 31.74
N ALA F 116 36.26 -16.72 32.82
CA ALA F 116 37.52 -17.31 33.21
C ALA F 116 37.37 -18.80 33.52
N LYS F 117 36.33 -19.14 34.28
CA LYS F 117 36.07 -20.53 34.63
C LYS F 117 35.73 -21.40 33.41
N ALA F 118 35.36 -20.75 32.32
CA ALA F 118 34.99 -21.46 31.10
C ALA F 118 36.02 -21.27 30.00
N GLY F 119 37.15 -20.67 30.34
CA GLY F 119 38.23 -20.46 29.39
C GLY F 119 37.85 -19.60 28.20
N LEU F 120 36.95 -18.64 28.43
CA LEU F 120 36.50 -17.75 27.37
C LEU F 120 37.16 -16.37 27.48
N THR F 121 37.03 -15.59 26.44
CA THR F 121 37.51 -14.25 26.46
C THR F 121 36.37 -13.25 26.44
N PHE F 122 35.29 -13.56 25.77
CA PHE F 122 34.13 -12.70 25.76
C PHE F 122 33.59 -12.79 27.17
N PRO F 123 32.77 -11.84 27.56
CA PRO F 123 32.24 -11.78 28.91
C PRO F 123 30.88 -12.39 29.07
N VAL F 124 30.80 -13.50 29.76
CA VAL F 124 29.52 -14.20 29.86
C VAL F 124 28.47 -13.30 30.50
N GLY F 125 28.91 -12.45 31.41
CA GLY F 125 28.03 -11.53 32.11
C GLY F 125 27.23 -10.64 31.17
N ARG F 126 27.91 -10.08 30.16
CA ARG F 126 27.25 -9.26 29.15
C ARG F 126 26.14 -10.02 28.44
N VAL F 127 26.47 -11.22 27.97
CA VAL F 127 25.53 -12.03 27.19
C VAL F 127 24.31 -12.43 28.03
N HIS F 128 24.54 -12.71 29.30
CA HIS F 128 23.45 -13.10 30.19
C HIS F 128 22.51 -11.91 30.43
N ARG F 129 23.06 -10.71 30.42
CA ARG F 129 22.26 -9.50 30.61
C ARG F 129 21.44 -9.18 29.35
N LEU F 130 21.93 -9.62 28.20
CA LEU F 130 21.20 -9.43 26.94
C LEU F 130 20.17 -10.52 26.73
N LEU F 131 20.51 -11.75 27.14
CA LEU F 131 19.56 -12.85 27.10
C LEU F 131 18.46 -12.64 28.12
N ARG F 132 18.75 -11.85 29.15
CA ARG F 132 17.79 -11.56 30.21
C ARG F 132 16.93 -10.34 29.86
N ARG F 133 17.49 -9.44 29.07
CA ARG F 133 16.77 -8.23 28.68
C ARG F 133 16.29 -8.30 27.24
N GLY F 134 15.50 -9.34 26.94
CA GLY F 134 14.95 -9.51 25.61
C GLY F 134 13.58 -10.17 25.68
N ASN F 135 13.22 -10.63 26.87
CA ASN F 135 11.94 -11.31 27.08
C ASN F 135 11.79 -12.58 26.27
N TYR F 136 12.92 -13.19 25.91
CA TYR F 136 12.91 -14.45 25.17
C TYR F 136 12.25 -15.53 26.02
N ALA F 137 12.37 -15.40 27.33
CA ALA F 137 11.78 -16.34 28.26
C ALA F 137 11.77 -15.74 29.67
N GLN F 138 11.15 -16.43 30.61
CA GLN F 138 11.10 -15.95 32.00
C GLN F 138 12.49 -15.95 32.62
N ARG F 139 13.16 -17.09 32.55
CA ARG F 139 14.47 -17.26 33.17
C ARG F 139 15.54 -17.63 32.15
N ILE F 140 16.75 -17.12 32.36
CA ILE F 140 17.89 -17.46 31.52
C ILE F 140 18.93 -18.21 32.33
N GLY F 141 19.14 -19.49 32.01
CA GLY F 141 20.12 -20.29 32.71
C GLY F 141 21.52 -19.76 32.56
N SER F 142 22.32 -19.85 33.62
CA SER F 142 23.69 -19.36 33.58
C SER F 142 24.50 -20.08 32.52
N LYS F 143 24.35 -21.40 32.45
CA LYS F 143 25.07 -22.21 31.48
C LYS F 143 24.62 -21.92 30.03
N ALA F 144 23.42 -21.35 29.89
CA ALA F 144 22.91 -20.97 28.58
C ALA F 144 23.71 -19.80 28.01
N ALA F 145 24.00 -18.82 28.86
CA ALA F 145 24.78 -17.66 28.47
C ALA F 145 26.24 -18.04 28.18
N ILE F 146 26.74 -19.01 28.95
CA ILE F 146 28.10 -19.50 28.76
C ILE F 146 28.25 -20.17 27.40
N TYR F 147 27.30 -21.05 27.08
CA TYR F 147 27.28 -21.75 25.80
C TYR F 147 27.21 -20.76 24.65
N LEU F 148 26.26 -19.82 24.75
CA LEU F 148 26.04 -18.81 23.72
C LEU F 148 27.24 -17.89 23.55
N THR F 149 27.90 -17.54 24.66
CA THR F 149 29.07 -16.69 24.61
C THR F 149 30.20 -17.38 23.86
N ALA F 150 30.34 -18.69 24.07
CA ALA F 150 31.40 -19.45 23.43
C ALA F 150 31.20 -19.52 21.92
N VAL F 151 29.95 -19.63 21.50
CA VAL F 151 29.61 -19.70 20.08
C VAL F 151 29.95 -18.39 19.35
N LEU F 152 29.57 -17.27 19.95
CA LEU F 152 29.82 -15.96 19.36
C LEU F 152 31.31 -15.65 19.30
N GLU F 153 32.04 -16.09 20.31
CA GLU F 153 33.48 -15.90 20.35
C GLU F 153 34.15 -16.73 19.26
N TYR F 154 33.60 -17.91 19.00
CA TYR F 154 34.11 -18.78 17.95
C TYR F 154 33.86 -18.18 16.57
N LEU F 155 32.63 -17.72 16.34
CA LEU F 155 32.27 -17.11 15.07
C LEU F 155 33.11 -15.86 14.78
N THR F 156 33.33 -15.05 15.82
CA THR F 156 34.13 -13.85 15.68
C THR F 156 35.57 -14.17 15.29
N ALA F 157 36.12 -15.22 15.90
CA ALA F 157 37.47 -15.66 15.59
C ALA F 157 37.55 -16.22 14.17
N GLU F 158 36.44 -16.77 13.70
CA GLU F 158 36.37 -17.31 12.35
C GLU F 158 36.47 -16.19 11.34
N VAL F 159 35.70 -15.13 11.56
CA VAL F 159 35.66 -13.99 10.65
C VAL F 159 36.99 -13.23 10.63
N LEU F 160 37.51 -12.92 11.82
CA LEU F 160 38.78 -12.22 11.96
C LEU F 160 39.93 -12.97 11.27
N GLU F 161 39.97 -14.28 11.46
CA GLU F 161 40.99 -15.13 10.84
C GLU F 161 40.91 -15.07 9.31
N LEU F 162 39.70 -15.15 8.79
CA LEU F 162 39.49 -15.09 7.35
C LEU F 162 39.57 -13.67 6.81
N ALA F 163 39.25 -12.70 7.67
CA ALA F 163 39.38 -11.29 7.29
C ALA F 163 40.85 -10.89 7.26
N GLY F 164 41.62 -11.41 8.21
CA GLY F 164 43.05 -11.17 8.26
C GLY F 164 43.75 -11.81 7.08
N ASN F 165 43.31 -13.00 6.70
CA ASN F 165 43.87 -13.69 5.55
C ASN F 165 43.59 -12.93 4.26
N ALA F 166 42.39 -12.37 4.15
CA ALA F 166 42.00 -11.58 2.99
C ALA F 166 42.91 -10.35 2.86
N ALA F 167 43.50 -9.94 3.98
CA ALA F 167 44.43 -8.82 3.99
C ALA F 167 45.88 -9.31 3.95
N ARG F 168 46.10 -10.51 4.49
CA ARG F 168 47.44 -11.08 4.53
C ARG F 168 47.90 -11.56 3.16
N ASP F 169 46.95 -11.72 2.25
CA ASP F 169 47.28 -12.08 0.87
C ASP F 169 47.41 -10.84 0.00
N ASN F 170 46.90 -9.72 0.50
CA ASN F 170 47.02 -8.44 -0.20
C ASN F 170 48.14 -7.56 0.36
N LYS F 171 48.96 -8.15 1.23
CA LYS F 171 50.10 -7.46 1.82
C LYS F 171 49.69 -6.28 2.68
N LYS F 172 48.54 -6.41 3.36
CA LYS F 172 48.07 -5.37 4.27
C LYS F 172 48.29 -5.80 5.73
N THR F 173 48.28 -4.81 6.61
CA THR F 173 48.42 -5.08 8.04
C THR F 173 47.21 -4.53 8.81
N ARG F 174 46.28 -3.94 8.08
CA ARG F 174 45.07 -3.38 8.67
C ARG F 174 43.82 -3.84 7.94
N ILE F 175 42.99 -4.61 8.64
CA ILE F 175 41.73 -5.09 8.07
C ILE F 175 40.75 -3.95 7.87
N ILE F 176 40.34 -3.73 6.62
CA ILE F 176 39.35 -2.70 6.32
C ILE F 176 38.04 -3.37 5.88
N PRO F 177 36.95 -2.58 5.88
CA PRO F 177 35.60 -3.06 5.53
C PRO F 177 35.59 -3.88 4.24
N ARG F 178 36.54 -3.64 3.35
CA ARG F 178 36.67 -4.38 2.11
C ARG F 178 37.00 -5.85 2.38
N HIS F 179 37.90 -6.07 3.33
CA HIS F 179 38.38 -7.41 3.65
C HIS F 179 37.33 -8.26 4.36
N LEU F 180 36.44 -7.60 5.09
CA LEU F 180 35.34 -8.30 5.74
C LEU F 180 34.35 -8.84 4.72
N GLN F 181 34.05 -8.03 3.71
CA GLN F 181 33.12 -8.40 2.67
C GLN F 181 33.65 -9.57 1.85
N LEU F 182 34.95 -9.55 1.59
CA LEU F 182 35.61 -10.58 0.79
C LEU F 182 35.78 -11.89 1.57
N ALA F 183 36.19 -11.78 2.83
CA ALA F 183 36.41 -12.96 3.67
C ALA F 183 35.14 -13.79 3.82
N ILE F 184 34.01 -13.11 4.00
CA ILE F 184 32.73 -13.78 4.16
C ILE F 184 32.21 -14.32 2.84
N ARG F 185 32.33 -13.52 1.78
CA ARG F 185 31.89 -13.93 0.45
C ARG F 185 32.68 -15.11 -0.08
N ASN F 186 33.98 -15.13 0.22
CA ASN F 186 34.86 -16.18 -0.26
C ASN F 186 34.78 -17.47 0.56
N ASP F 187 34.09 -17.40 1.69
CA ASP F 187 33.88 -18.58 2.52
C ASP F 187 32.48 -19.16 2.24
N ASP F 188 32.41 -20.48 2.08
CA ASP F 188 31.15 -21.14 1.75
C ASP F 188 30.08 -20.91 2.80
N GLU F 189 30.38 -21.27 4.05
CA GLU F 189 29.38 -21.25 5.12
C GLU F 189 29.11 -19.86 5.67
N LEU F 190 30.15 -19.05 5.79
CA LEU F 190 29.98 -17.66 6.24
C LEU F 190 29.10 -16.88 5.28
N ASN F 191 29.19 -17.22 4.00
CA ASN F 191 28.39 -16.57 2.97
C ASN F 191 26.91 -16.85 3.14
N LYS F 192 26.58 -18.10 3.42
CA LYS F 192 25.19 -18.50 3.63
C LYS F 192 24.60 -17.76 4.83
N LEU F 193 25.40 -17.63 5.88
CA LEU F 193 24.96 -16.98 7.12
C LEU F 193 24.53 -15.54 6.85
N LEU F 194 25.48 -14.71 6.43
CA LEU F 194 25.18 -13.31 6.10
C LEU F 194 26.19 -12.75 5.10
N GLU G 4 -13.28 56.52 4.16
CA GLU G 4 -14.64 56.49 3.64
C GLU G 4 -14.62 56.46 2.11
N THR G 5 -13.47 56.17 1.54
CA THR G 5 -13.31 56.12 0.09
C THR G 5 -12.77 54.77 -0.37
N TYR G 6 -13.29 54.29 -1.50
CA TYR G 6 -12.86 53.01 -2.06
C TYR G 6 -12.73 53.12 -3.57
N SER G 7 -12.61 54.35 -4.06
CA SER G 7 -12.55 54.63 -5.49
C SER G 7 -11.50 53.80 -6.23
N SER G 8 -10.30 53.73 -5.66
CA SER G 8 -9.24 52.94 -6.26
C SER G 8 -9.64 51.46 -6.34
N TYR G 9 -10.00 50.90 -5.20
CA TYR G 9 -10.38 49.49 -5.14
C TYR G 9 -11.60 49.19 -6.01
N ILE G 10 -12.59 50.07 -5.96
CA ILE G 10 -13.81 49.90 -6.74
C ILE G 10 -13.54 49.98 -8.24
N TYR G 11 -12.80 51.01 -8.63
CA TYR G 11 -12.42 51.19 -10.03
C TYR G 11 -11.55 50.03 -10.51
N LYS G 12 -10.81 49.43 -9.59
CA LYS G 12 -10.00 48.25 -9.89
C LYS G 12 -10.91 47.04 -10.15
N VAL G 13 -11.84 46.81 -9.23
CA VAL G 13 -12.74 45.66 -9.27
C VAL G 13 -13.52 45.58 -10.58
N LEU G 14 -13.92 46.73 -11.11
CA LEU G 14 -14.65 46.76 -12.37
C LEU G 14 -13.77 46.25 -13.51
N LYS G 15 -12.56 46.78 -13.61
CA LYS G 15 -11.62 46.40 -14.66
C LYS G 15 -11.22 44.94 -14.53
N GLN G 16 -11.42 44.37 -13.34
CA GLN G 16 -11.08 42.98 -13.07
C GLN G 16 -11.93 42.00 -13.88
N THR G 17 -12.91 42.53 -14.60
CA THR G 17 -13.80 41.70 -15.41
C THR G 17 -13.99 42.30 -16.80
N HIS G 18 -14.34 43.58 -16.83
CA HIS G 18 -14.57 44.28 -18.10
C HIS G 18 -13.78 45.58 -18.15
N PRO G 19 -12.51 45.51 -18.58
CA PRO G 19 -11.62 46.67 -18.68
C PRO G 19 -12.19 47.74 -19.62
N ASP G 20 -13.02 47.30 -20.56
CA ASP G 20 -13.63 48.20 -21.54
C ASP G 20 -14.78 49.00 -20.93
N THR G 21 -14.90 48.95 -19.61
CA THR G 21 -15.98 49.64 -18.91
C THR G 21 -15.45 50.77 -18.02
N GLY G 22 -16.04 51.95 -18.16
CA GLY G 22 -15.66 53.09 -17.35
C GLY G 22 -16.78 53.53 -16.43
N ILE G 23 -16.43 54.24 -15.37
CA ILE G 23 -17.44 54.72 -14.41
C ILE G 23 -17.24 56.20 -14.08
N SER G 24 -18.35 56.93 -14.00
CA SER G 24 -18.31 58.38 -13.82
C SER G 24 -18.14 58.80 -12.36
N GLN G 25 -17.80 60.07 -12.17
CA GLN G 25 -17.58 60.64 -10.84
C GLN G 25 -18.88 60.67 -10.03
N LYS G 26 -20.01 60.78 -10.72
CA LYS G 26 -21.31 60.82 -10.07
C LYS G 26 -21.75 59.42 -9.63
N SER G 27 -21.31 58.40 -10.37
CA SER G 27 -21.65 57.01 -10.05
C SER G 27 -20.75 56.45 -8.95
N MET G 28 -19.51 56.93 -8.92
CA MET G 28 -18.53 56.46 -7.94
C MET G 28 -18.94 56.85 -6.52
N SER G 29 -19.53 58.03 -6.38
CA SER G 29 -19.93 58.53 -5.07
C SER G 29 -21.07 57.71 -4.47
N ILE G 30 -22.07 57.41 -5.30
CA ILE G 30 -23.21 56.63 -4.84
C ILE G 30 -22.80 55.18 -4.60
N LEU G 31 -21.84 54.70 -5.38
CA LEU G 31 -21.30 53.37 -5.17
C LEU G 31 -20.41 53.38 -3.92
N ASN G 32 -19.80 54.54 -3.67
CA ASN G 32 -18.98 54.74 -2.49
C ASN G 32 -19.81 54.64 -1.21
N SER G 33 -20.97 55.29 -1.22
CA SER G 33 -21.85 55.29 -0.05
C SER G 33 -22.59 53.97 0.11
N PHE G 34 -22.75 53.24 -0.99
CA PHE G 34 -23.35 51.90 -0.94
C PHE G 34 -22.50 50.98 -0.08
N VAL G 35 -21.18 51.05 -0.28
CA VAL G 35 -20.24 50.24 0.50
C VAL G 35 -20.28 50.65 1.96
N ASN G 36 -20.23 51.96 2.21
CA ASN G 36 -20.29 52.50 3.57
C ASN G 36 -21.59 52.14 4.28
N ASP G 37 -22.69 52.10 3.54
CA ASP G 37 -24.00 51.79 4.11
C ASP G 37 -24.10 50.32 4.48
N ILE G 38 -23.71 49.44 3.55
CA ILE G 38 -23.72 48.00 3.79
C ILE G 38 -22.73 47.64 4.90
N PHE G 39 -21.73 48.50 5.09
CA PHE G 39 -20.73 48.30 6.13
C PHE G 39 -21.34 48.43 7.52
N GLU G 40 -21.90 49.61 7.81
CA GLU G 40 -22.48 49.86 9.13
C GLU G 40 -23.60 48.89 9.45
N ARG G 41 -24.43 48.59 8.46
CA ARG G 41 -25.55 47.67 8.65
C ARG G 41 -25.08 46.29 9.08
N ILE G 42 -23.99 45.81 8.48
CA ILE G 42 -23.39 44.55 8.88
C ILE G 42 -22.66 44.70 10.21
N ALA G 43 -21.82 45.72 10.31
CA ALA G 43 -21.05 45.97 11.53
C ALA G 43 -21.95 46.18 12.74
N THR G 44 -23.07 46.86 12.52
CA THR G 44 -24.04 47.12 13.58
C THR G 44 -24.74 45.84 14.00
N GLU G 45 -25.18 45.05 13.02
CA GLU G 45 -25.83 43.78 13.29
C GLU G 45 -24.85 42.83 13.97
N ALA G 46 -23.61 42.86 13.50
CA ALA G 46 -22.54 42.07 14.10
C ALA G 46 -22.29 42.52 15.54
N SER G 47 -22.42 43.81 15.78
CA SER G 47 -22.23 44.36 17.12
C SER G 47 -23.33 43.86 18.05
N LYS G 48 -24.54 43.73 17.52
CA LYS G 48 -25.68 43.28 18.31
C LYS G 48 -25.59 41.78 18.62
N LEU G 49 -25.22 40.99 17.61
CA LEU G 49 -25.05 39.55 17.78
C LEU G 49 -23.98 39.23 18.82
N ALA G 50 -22.93 40.06 18.87
CA ALA G 50 -21.83 39.85 19.80
C ALA G 50 -22.27 40.04 21.25
N ALA G 51 -22.97 41.13 21.53
CA ALA G 51 -23.47 41.41 22.86
C ALA G 51 -24.44 40.33 23.34
N TYR G 52 -25.29 39.85 22.42
CA TYR G 52 -26.29 38.85 22.73
C TYR G 52 -25.69 37.51 23.16
N ASN G 53 -24.55 37.16 22.58
CA ASN G 53 -23.92 35.87 22.86
C ASN G 53 -22.81 35.93 23.91
N LYS G 54 -22.86 36.96 24.76
CA LYS G 54 -21.90 37.08 25.86
C LYS G 54 -20.47 37.22 25.35
N LYS G 55 -20.27 38.08 24.36
CA LYS G 55 -18.95 38.24 23.76
C LYS G 55 -18.46 39.69 23.82
N SER G 56 -17.14 39.86 23.76
CA SER G 56 -16.54 41.17 23.65
C SER G 56 -15.62 41.19 22.43
N THR G 57 -15.53 40.04 21.76
CA THR G 57 -14.71 39.90 20.56
C THR G 57 -15.59 39.56 19.36
N ILE G 58 -15.73 40.46 18.43
CA ILE G 58 -16.51 40.22 17.27
C ILE G 58 -15.73 39.39 16.34
N SER G 59 -16.10 38.14 16.16
CA SER G 59 -15.36 37.26 15.29
C SER G 59 -16.01 37.11 13.93
N ALA G 60 -15.48 36.24 13.10
CA ALA G 60 -15.95 36.07 11.77
C ALA G 60 -17.20 35.28 11.81
N ARG G 61 -17.39 34.58 12.91
CA ARG G 61 -18.59 33.81 13.18
C ARG G 61 -19.79 34.71 13.38
N GLU G 62 -19.55 35.91 13.90
CA GLU G 62 -20.60 36.91 14.06
C GLU G 62 -20.84 37.66 12.75
N ILE G 63 -19.77 37.88 11.99
CA ILE G 63 -19.89 38.54 10.69
C ILE G 63 -20.73 37.70 9.74
N GLN G 64 -20.46 36.39 9.72
CA GLN G 64 -21.18 35.46 8.86
C GLN G 64 -22.67 35.41 9.20
N THR G 65 -22.98 35.44 10.49
CA THR G 65 -24.36 35.41 10.95
C THR G 65 -25.07 36.70 10.57
N ALA G 66 -24.41 37.82 10.84
CA ALA G 66 -24.95 39.13 10.50
C ALA G 66 -25.16 39.27 9.00
N VAL G 67 -24.28 38.65 8.20
CA VAL G 67 -24.43 38.67 6.76
C VAL G 67 -25.69 37.92 6.32
N ARG G 68 -26.00 36.85 7.03
CA ARG G 68 -27.16 36.03 6.71
C ARG G 68 -28.46 36.70 7.18
N LEU G 69 -28.33 37.62 8.13
CA LEU G 69 -29.47 38.33 8.69
C LEU G 69 -29.80 39.62 7.93
N ILE G 70 -28.86 40.07 7.10
CA ILE G 70 -29.00 41.36 6.43
C ILE G 70 -29.10 41.24 4.90
N LEU G 71 -28.42 40.25 4.33
CA LEU G 71 -28.41 40.06 2.90
C LEU G 71 -29.50 39.09 2.43
N PRO G 72 -30.19 39.44 1.33
CA PRO G 72 -31.18 38.55 0.68
C PRO G 72 -30.55 37.21 0.32
N GLY G 73 -31.36 36.16 0.34
CA GLY G 73 -30.92 34.78 0.17
C GLY G 73 -29.74 34.46 -0.73
N GLU G 74 -29.81 34.89 -1.98
CA GLU G 74 -28.77 34.54 -2.95
C GLU G 74 -27.49 35.38 -2.76
N LEU G 75 -27.66 36.65 -2.42
CA LEU G 75 -26.52 37.51 -2.14
C LEU G 75 -25.81 37.07 -0.86
N ALA G 76 -26.58 36.46 0.05
CA ALA G 76 -26.05 36.00 1.32
C ALA G 76 -25.18 34.75 1.15
N LYS G 77 -25.66 33.78 0.39
CA LYS G 77 -24.96 32.52 0.19
C LYS G 77 -23.61 32.75 -0.49
N HIS G 78 -23.60 33.57 -1.54
CA HIS G 78 -22.37 33.88 -2.25
C HIS G 78 -21.43 34.75 -1.40
N ALA G 79 -22.01 35.69 -0.67
CA ALA G 79 -21.23 36.55 0.22
C ALA G 79 -20.56 35.72 1.30
N VAL G 80 -21.33 34.83 1.92
CA VAL G 80 -20.82 33.90 2.91
C VAL G 80 -19.75 33.02 2.28
N SER G 81 -19.89 32.76 0.99
CA SER G 81 -18.93 31.95 0.24
C SER G 81 -17.63 32.72 -0.01
N GLU G 82 -17.76 34.01 -0.30
CA GLU G 82 -16.61 34.87 -0.58
C GLU G 82 -15.81 35.13 0.69
N GLY G 83 -16.51 35.38 1.78
CA GLY G 83 -15.87 35.63 3.06
C GLY G 83 -15.13 34.40 3.56
N THR G 84 -15.78 33.25 3.45
CA THR G 84 -15.19 31.98 3.88
C THR G 84 -13.92 31.65 3.09
N ARG G 85 -13.96 31.89 1.79
CA ARG G 85 -12.81 31.62 0.92
C ARG G 85 -11.63 32.52 1.24
N ALA G 86 -11.91 33.79 1.52
CA ALA G 86 -10.87 34.77 1.84
C ALA G 86 -10.18 34.41 3.14
N VAL G 87 -10.96 34.09 4.17
CA VAL G 87 -10.41 33.68 5.47
C VAL G 87 -9.63 32.38 5.32
N THR G 88 -10.09 31.51 4.43
CA THR G 88 -9.42 30.23 4.18
C THR G 88 -8.11 30.43 3.41
N LYS G 89 -8.15 31.23 2.36
CA LYS G 89 -6.97 31.54 1.58
C LYS G 89 -5.93 32.24 2.45
N TYR G 90 -6.34 33.15 3.27
CA TYR G 90 -5.44 33.82 4.15
C TYR G 90 -4.87 32.85 5.13
N SER G 91 -5.65 31.89 5.57
CA SER G 91 -5.16 30.90 6.48
C SER G 91 -4.12 30.01 5.80
N SER G 92 -4.35 29.69 4.55
CA SER G 92 -3.46 28.87 3.73
C SER G 92 -2.06 29.50 3.66
N SER G 93 -2.02 30.82 3.44
CA SER G 93 -0.77 31.55 3.50
C SER G 93 -0.64 32.14 4.90
N THR G 94 -0.60 31.25 5.90
CA THR G 94 -0.60 31.60 7.31
C THR G 94 -0.02 32.96 7.66
N SER G 113 0.52 42.21 2.27
CA SER G 113 -0.63 42.66 3.06
C SER G 113 -1.67 41.56 3.21
N ARG G 114 -2.50 41.68 4.25
CA ARG G 114 -3.57 40.72 4.50
C ARG G 114 -4.53 40.62 3.32
N SER G 115 -4.77 41.73 2.64
CA SER G 115 -5.62 41.72 1.44
C SER G 115 -5.02 40.80 0.38
N ALA G 116 -3.70 40.82 0.28
CA ALA G 116 -2.99 39.99 -0.68
C ALA G 116 -3.04 38.52 -0.25
N LYS G 117 -2.74 38.27 1.02
CA LYS G 117 -2.75 36.92 1.56
C LYS G 117 -4.13 36.27 1.45
N ALA G 118 -5.17 37.10 1.44
CA ALA G 118 -6.54 36.61 1.40
C ALA G 118 -7.15 36.73 0.01
N GLY G 119 -6.32 37.02 -0.98
CA GLY G 119 -6.77 37.13 -2.37
C GLY G 119 -7.80 38.21 -2.60
N LEU G 120 -7.82 39.22 -1.74
CA LEU G 120 -8.79 40.30 -1.88
C LEU G 120 -8.18 41.56 -2.52
N THR G 121 -9.04 42.41 -3.07
CA THR G 121 -8.59 43.66 -3.66
C THR G 121 -8.95 44.83 -2.73
N PHE G 122 -10.04 44.68 -1.99
CA PHE G 122 -10.46 45.70 -1.03
C PHE G 122 -9.50 45.77 0.16
N PRO G 123 -9.41 46.97 0.77
CA PRO G 123 -8.46 47.25 1.85
C PRO G 123 -8.85 46.60 3.18
N VAL G 124 -8.24 45.47 3.50
CA VAL G 124 -8.54 44.76 4.75
C VAL G 124 -8.13 45.60 5.96
N GLY G 125 -7.01 46.29 5.86
CA GLY G 125 -6.52 47.12 6.94
C GLY G 125 -7.44 48.27 7.26
N ARG G 126 -8.00 48.89 6.22
CA ARG G 126 -8.95 50.00 6.40
C ARG G 126 -10.25 49.52 7.02
N VAL G 127 -10.68 48.32 6.66
CA VAL G 127 -11.91 47.74 7.19
C VAL G 127 -11.76 47.37 8.67
N HIS G 128 -10.60 46.81 9.01
CA HIS G 128 -10.32 46.41 10.39
C HIS G 128 -10.25 47.64 11.30
N ARG G 129 -9.74 48.74 10.76
CA ARG G 129 -9.59 49.96 11.53
C ARG G 129 -10.93 50.67 11.69
N LEU G 130 -11.68 50.75 10.59
CA LEU G 130 -12.98 51.39 10.60
C LEU G 130 -13.93 50.72 11.58
N LEU G 131 -13.77 49.40 11.74
CA LEU G 131 -14.57 48.64 12.68
C LEU G 131 -14.15 48.96 14.12
N ARG G 132 -12.84 49.15 14.31
CA ARG G 132 -12.29 49.48 15.62
C ARG G 132 -12.63 50.91 16.04
N ARG G 133 -12.59 51.83 15.07
CA ARG G 133 -12.92 53.23 15.33
C ARG G 133 -14.43 53.43 15.25
N GLY G 134 -15.18 52.34 15.29
CA GLY G 134 -16.62 52.40 15.17
C GLY G 134 -17.36 52.08 16.46
N ASN G 135 -16.65 51.51 17.42
CA ASN G 135 -17.24 51.16 18.71
C ASN G 135 -18.39 50.17 18.60
N TYR G 136 -18.10 48.97 18.09
CA TYR G 136 -19.11 47.94 17.94
C TYR G 136 -18.91 46.84 18.98
N ALA G 137 -17.68 46.74 19.48
CA ALA G 137 -17.33 45.75 20.51
C ALA G 137 -15.90 46.03 20.99
N GLN G 138 -15.49 45.34 22.06
CA GLN G 138 -14.16 45.51 22.61
C GLN G 138 -13.07 45.20 21.58
N ARG G 139 -13.01 43.95 21.16
CA ARG G 139 -11.98 43.50 20.22
C ARG G 139 -12.59 43.05 18.90
N ILE G 140 -11.81 43.21 17.83
CA ILE G 140 -12.24 42.79 16.50
C ILE G 140 -11.20 41.89 15.85
N GLY G 141 -11.54 40.61 15.73
CA GLY G 141 -10.64 39.64 15.14
C GLY G 141 -10.24 39.99 13.73
N SER G 142 -9.00 39.68 13.38
CA SER G 142 -8.48 40.00 12.06
C SER G 142 -9.25 39.28 10.96
N LYS G 143 -9.66 38.04 11.24
CA LYS G 143 -10.42 37.26 10.27
C LYS G 143 -11.85 37.79 10.13
N ALA G 144 -12.33 38.46 11.16
CA ALA G 144 -13.63 39.12 11.10
C ALA G 144 -13.57 40.26 10.09
N ALA G 145 -12.45 40.98 10.11
CA ALA G 145 -12.23 42.09 9.20
C ALA G 145 -12.04 41.58 7.77
N ILE G 146 -11.29 40.49 7.64
CA ILE G 146 -11.06 39.88 6.33
C ILE G 146 -12.38 39.40 5.73
N TYR G 147 -13.21 38.78 6.57
CA TYR G 147 -14.50 38.26 6.13
C TYR G 147 -15.35 39.40 5.57
N LEU G 148 -15.45 40.48 6.33
CA LEU G 148 -16.27 41.63 5.94
C LEU G 148 -15.74 42.29 4.67
N THR G 149 -14.42 42.36 4.54
CA THR G 149 -13.80 42.98 3.38
C THR G 149 -14.13 42.22 2.10
N ALA G 150 -14.13 40.90 2.18
CA ALA G 150 -14.49 40.06 1.04
C ALA G 150 -15.95 40.23 0.66
N VAL G 151 -16.80 40.39 1.67
CA VAL G 151 -18.23 40.60 1.45
C VAL G 151 -18.47 41.95 0.78
N LEU G 152 -17.76 42.97 1.25
CA LEU G 152 -17.87 44.31 0.68
C LEU G 152 -17.38 44.35 -0.75
N GLU G 153 -16.35 43.56 -1.05
CA GLU G 153 -15.81 43.48 -2.40
C GLU G 153 -16.73 42.68 -3.32
N TYR G 154 -17.29 41.59 -2.81
CA TYR G 154 -18.20 40.77 -3.60
C TYR G 154 -19.46 41.54 -3.98
N LEU G 155 -20.05 42.22 -3.01
CA LEU G 155 -21.27 42.99 -3.25
C LEU G 155 -21.06 44.08 -4.28
N THR G 156 -19.94 44.79 -4.16
CA THR G 156 -19.60 45.86 -5.08
C THR G 156 -19.38 45.31 -6.49
N ALA G 157 -18.75 44.15 -6.57
CA ALA G 157 -18.51 43.50 -7.86
C ALA G 157 -19.83 43.18 -8.57
N GLU G 158 -20.81 42.73 -7.81
CA GLU G 158 -22.12 42.38 -8.36
C GLU G 158 -22.84 43.60 -8.92
N VAL G 159 -22.80 44.70 -8.17
CA VAL G 159 -23.41 45.96 -8.61
C VAL G 159 -22.75 46.47 -9.89
N LEU G 160 -21.42 46.51 -9.89
CA LEU G 160 -20.66 46.90 -11.07
C LEU G 160 -20.89 45.92 -12.20
N GLU G 161 -21.16 44.67 -11.84
CA GLU G 161 -21.45 43.62 -12.81
C GLU G 161 -22.74 43.91 -13.57
N LEU G 162 -23.79 44.23 -12.82
CA LEU G 162 -25.09 44.51 -13.42
C LEU G 162 -25.18 45.91 -14.00
N ALA G 163 -24.74 46.89 -13.21
CA ALA G 163 -24.72 48.27 -13.66
C ALA G 163 -23.82 48.42 -14.89
N GLY G 164 -22.80 47.59 -14.97
CA GLY G 164 -21.92 47.56 -16.12
C GLY G 164 -22.66 46.98 -17.32
N ASN G 165 -23.41 45.91 -17.09
CA ASN G 165 -24.22 45.30 -18.13
C ASN G 165 -25.31 46.24 -18.62
N ALA G 166 -25.94 46.95 -17.70
CA ALA G 166 -27.02 47.87 -18.04
C ALA G 166 -26.50 49.01 -18.93
N ALA G 167 -25.19 49.24 -18.86
CA ALA G 167 -24.56 50.29 -19.67
C ALA G 167 -24.17 49.75 -21.04
N ARG G 168 -23.60 48.57 -21.06
CA ARG G 168 -23.11 48.00 -22.34
C ARG G 168 -24.29 47.74 -23.28
N ASP G 169 -25.26 46.96 -22.86
CA ASP G 169 -26.40 46.65 -23.72
C ASP G 169 -27.08 47.94 -24.20
N ASN G 170 -27.05 48.96 -23.36
CA ASN G 170 -27.59 50.27 -23.72
C ASN G 170 -26.61 51.01 -24.63
N LYS G 171 -25.55 50.32 -25.02
CA LYS G 171 -24.52 50.87 -25.90
C LYS G 171 -23.85 52.09 -25.28
N LYS G 172 -23.43 51.95 -24.03
CA LYS G 172 -22.68 52.98 -23.33
C LYS G 172 -21.36 52.41 -22.82
N THR G 173 -20.31 53.23 -22.84
CA THR G 173 -19.00 52.80 -22.38
C THR G 173 -18.68 53.31 -20.99
N ARG G 174 -19.50 54.25 -20.50
CA ARG G 174 -19.29 54.84 -19.18
C ARG G 174 -20.50 54.63 -18.29
N ILE G 175 -20.28 54.02 -17.12
CA ILE G 175 -21.36 53.72 -16.20
C ILE G 175 -21.96 54.99 -15.58
N ILE G 176 -23.21 55.27 -15.97
CA ILE G 176 -23.90 56.48 -15.52
C ILE G 176 -24.83 56.14 -14.36
N PRO G 177 -25.09 57.12 -13.48
CA PRO G 177 -25.99 56.97 -12.32
C PRO G 177 -27.31 56.25 -12.66
N ARG G 178 -27.68 56.32 -13.92
CA ARG G 178 -28.91 55.63 -14.30
C ARG G 178 -28.58 54.15 -14.28
N HIS G 179 -27.46 53.78 -14.90
CA HIS G 179 -27.31 52.34 -15.07
C HIS G 179 -27.34 51.62 -13.74
N LEU G 180 -26.94 52.32 -12.69
CA LEU G 180 -27.01 51.79 -11.33
C LEU G 180 -28.47 51.74 -10.86
N GLN G 181 -29.24 52.73 -11.30
CA GLN G 181 -30.67 52.78 -10.98
C GLN G 181 -31.39 51.60 -11.61
N LEU G 182 -31.08 51.32 -12.88
CA LEU G 182 -31.68 50.20 -13.58
C LEU G 182 -31.22 48.86 -13.00
N ALA G 183 -29.92 48.75 -12.76
CA ALA G 183 -29.32 47.51 -12.27
C ALA G 183 -29.90 47.08 -10.92
N ILE G 184 -30.00 48.03 -10.00
CA ILE G 184 -30.49 47.76 -8.66
C ILE G 184 -31.99 47.45 -8.64
N ARG G 185 -32.72 48.05 -9.58
CA ARG G 185 -34.17 47.86 -9.65
C ARG G 185 -34.56 46.60 -10.43
N ASN G 186 -33.84 46.33 -11.51
CA ASN G 186 -34.11 45.16 -12.33
C ASN G 186 -33.63 43.85 -11.70
N ASP G 187 -32.92 43.97 -10.58
CA ASP G 187 -32.49 42.79 -9.83
C ASP G 187 -33.24 42.68 -8.51
N ASP G 188 -33.68 41.46 -8.20
CA ASP G 188 -34.50 41.19 -7.03
C ASP G 188 -33.86 41.60 -5.70
N GLU G 189 -32.70 41.02 -5.41
CA GLU G 189 -32.10 41.14 -4.08
C GLU G 189 -31.33 42.44 -3.85
N LEU G 190 -30.84 43.06 -4.93
CA LEU G 190 -30.22 44.38 -4.82
C LEU G 190 -31.29 45.43 -4.58
N ASN G 191 -32.49 45.16 -5.07
CA ASN G 191 -33.62 46.04 -4.87
C ASN G 191 -34.05 46.08 -3.41
N LYS G 192 -34.06 44.92 -2.76
CA LYS G 192 -34.38 44.82 -1.35
C LYS G 192 -33.28 45.43 -0.49
N LEU G 193 -32.04 45.06 -0.79
CA LEU G 193 -30.88 45.50 -0.02
C LEU G 193 -30.71 47.01 -0.09
N LEU G 194 -30.69 47.55 -1.31
CA LEU G 194 -30.52 48.97 -1.51
C LEU G 194 -31.37 49.47 -2.67
N GLU H 4 5.58 -52.44 10.37
CA GLU H 4 6.61 -52.87 11.30
C GLU H 4 7.78 -53.52 10.57
N THR H 5 7.56 -53.91 9.32
CA THR H 5 8.60 -54.52 8.51
C THR H 5 8.67 -53.90 7.11
N TYR H 6 9.88 -53.73 6.61
CA TYR H 6 10.08 -53.13 5.29
C TYR H 6 11.08 -53.96 4.49
N SER H 7 11.17 -55.25 4.81
CA SER H 7 12.14 -56.15 4.20
C SER H 7 12.07 -56.16 2.67
N SER H 8 10.85 -56.06 2.14
CA SER H 8 10.63 -56.02 0.70
C SER H 8 11.30 -54.82 0.03
N TYR H 9 11.44 -53.73 0.79
CA TYR H 9 11.94 -52.49 0.23
C TYR H 9 13.39 -52.20 0.63
N ILE H 10 13.79 -52.68 1.81
CA ILE H 10 15.16 -52.53 2.27
C ILE H 10 16.11 -53.34 1.40
N TYR H 11 15.77 -54.60 1.17
CA TYR H 11 16.57 -55.49 0.34
C TYR H 11 16.58 -55.00 -1.11
N LYS H 12 15.55 -54.25 -1.48
CA LYS H 12 15.42 -53.74 -2.83
C LYS H 12 16.28 -52.49 -3.04
N VAL H 13 16.46 -51.73 -1.96
CA VAL H 13 17.27 -50.52 -1.98
C VAL H 13 18.76 -50.87 -1.91
N LEU H 14 19.07 -51.96 -1.22
CA LEU H 14 20.45 -52.43 -1.12
C LEU H 14 20.97 -52.85 -2.49
N LYS H 15 20.12 -53.51 -3.27
CA LYS H 15 20.50 -54.00 -4.59
C LYS H 15 20.48 -52.91 -5.65
N GLN H 16 20.16 -51.68 -5.23
CA GLN H 16 20.18 -50.54 -6.13
C GLN H 16 21.61 -50.05 -6.32
N THR H 17 22.29 -49.81 -5.21
CA THR H 17 23.64 -49.27 -5.22
C THR H 17 24.70 -50.37 -5.22
N HIS H 18 24.41 -51.46 -4.52
CA HIS H 18 25.36 -52.56 -4.43
C HIS H 18 24.68 -53.90 -4.67
N PRO H 19 24.43 -54.24 -5.95
CA PRO H 19 23.79 -55.49 -6.36
C PRO H 19 24.66 -56.72 -6.09
N ASP H 20 25.78 -56.49 -5.39
CA ASP H 20 26.72 -57.56 -5.08
C ASP H 20 26.80 -57.83 -3.59
N THR H 21 26.12 -57.01 -2.80
CA THR H 21 26.13 -57.15 -1.34
C THR H 21 24.80 -57.71 -0.82
N GLY H 22 24.88 -58.73 0.03
CA GLY H 22 23.70 -59.33 0.62
C GLY H 22 23.50 -58.89 2.06
N ILE H 23 22.38 -59.30 2.64
CA ILE H 23 22.07 -58.97 4.03
C ILE H 23 21.27 -60.10 4.68
N SER H 24 21.67 -60.47 5.90
CA SER H 24 21.07 -61.62 6.59
C SER H 24 19.78 -61.27 7.32
N GLN H 25 19.05 -62.30 7.75
CA GLN H 25 17.77 -62.12 8.43
C GLN H 25 17.90 -61.38 9.76
N LYS H 26 18.93 -61.70 10.53
CA LYS H 26 19.15 -61.04 11.81
C LYS H 26 19.49 -59.56 11.61
N SER H 27 20.18 -59.26 10.52
CA SER H 27 20.51 -57.88 10.18
C SER H 27 19.28 -57.14 9.68
N MET H 28 18.42 -57.86 8.96
CA MET H 28 17.21 -57.27 8.40
C MET H 28 16.27 -56.76 9.49
N SER H 29 15.97 -57.62 10.46
CA SER H 29 15.08 -57.25 11.57
C SER H 29 15.65 -56.09 12.38
N ILE H 30 16.96 -56.12 12.62
CA ILE H 30 17.65 -55.03 13.31
C ILE H 30 17.50 -53.73 12.52
N LEU H 31 17.72 -53.82 11.21
CA LEU H 31 17.59 -52.66 10.34
C LEU H 31 16.13 -52.26 10.19
N ASN H 32 15.24 -53.24 10.28
CA ASN H 32 13.80 -52.98 10.28
C ASN H 32 13.39 -52.15 11.49
N SER H 33 13.92 -52.51 12.66
CA SER H 33 13.62 -51.81 13.89
C SER H 33 14.22 -50.40 13.90
N PHE H 34 15.32 -50.24 13.17
CA PHE H 34 15.94 -48.92 13.00
C PHE H 34 14.97 -47.99 12.27
N VAL H 35 14.34 -48.50 11.22
CA VAL H 35 13.37 -47.72 10.45
C VAL H 35 12.18 -47.33 11.31
N ASN H 36 11.70 -48.29 12.10
CA ASN H 36 10.56 -48.04 12.99
C ASN H 36 10.87 -47.02 14.08
N ASP H 37 12.08 -47.09 14.62
CA ASP H 37 12.48 -46.19 15.70
C ASP H 37 12.61 -44.75 15.21
N ILE H 38 13.29 -44.57 14.07
CA ILE H 38 13.45 -43.25 13.47
C ILE H 38 12.09 -42.70 13.05
N PHE H 39 11.23 -43.57 12.54
CA PHE H 39 9.88 -43.19 12.14
C PHE H 39 9.09 -42.67 13.34
N GLU H 40 9.09 -43.44 14.43
CA GLU H 40 8.35 -43.06 15.63
C GLU H 40 8.87 -41.78 16.24
N ARG H 41 10.18 -41.56 16.13
CA ARG H 41 10.80 -40.37 16.69
C ARG H 41 10.50 -39.12 15.86
N ILE H 42 10.49 -39.28 14.55
CA ILE H 42 10.10 -38.19 13.66
C ILE H 42 8.60 -37.94 13.81
N ALA H 43 7.83 -39.01 13.88
CA ALA H 43 6.38 -38.92 14.01
C ALA H 43 5.96 -38.25 15.31
N THR H 44 6.65 -38.60 16.40
CA THR H 44 6.34 -38.05 17.71
C THR H 44 6.69 -36.57 17.81
N GLU H 45 7.82 -36.18 17.22
CA GLU H 45 8.28 -34.80 17.26
C GLU H 45 7.38 -33.92 16.39
N ALA H 46 7.06 -34.41 15.20
CA ALA H 46 6.19 -33.69 14.28
C ALA H 46 4.81 -33.46 14.89
N SER H 47 4.38 -34.41 15.74
CA SER H 47 3.11 -34.28 16.44
C SER H 47 3.11 -33.08 17.39
N LYS H 48 4.20 -32.94 18.13
CA LYS H 48 4.34 -31.85 19.09
C LYS H 48 4.41 -30.50 18.38
N LEU H 49 5.11 -30.46 17.26
CA LEU H 49 5.22 -29.26 16.44
C LEU H 49 3.86 -28.82 15.91
N ALA H 50 3.06 -29.79 15.46
CA ALA H 50 1.73 -29.50 14.92
C ALA H 50 0.81 -28.93 16.00
N ALA H 51 0.87 -29.50 17.20
CA ALA H 51 0.08 -29.02 18.33
C ALA H 51 0.56 -27.64 18.78
N TYR H 52 1.88 -27.45 18.77
CA TYR H 52 2.49 -26.17 19.12
C TYR H 52 2.12 -25.09 18.12
N ASN H 53 1.87 -25.50 16.87
CA ASN H 53 1.50 -24.58 15.81
C ASN H 53 -0.01 -24.48 15.65
N LYS H 54 -0.74 -24.83 16.71
CA LYS H 54 -2.21 -24.86 16.70
C LYS H 54 -2.79 -25.46 15.42
N LYS H 55 -2.18 -26.56 14.98
CA LYS H 55 -2.59 -27.22 13.74
C LYS H 55 -3.32 -28.53 14.01
N SER H 56 -4.20 -28.92 13.09
CA SER H 56 -4.89 -30.20 13.19
C SER H 56 -4.29 -31.18 12.18
N THR H 57 -3.52 -30.65 11.25
CA THR H 57 -2.92 -31.45 10.19
C THR H 57 -1.39 -31.47 10.26
N ILE H 58 -0.82 -32.64 10.47
CA ILE H 58 0.62 -32.81 10.35
C ILE H 58 0.99 -32.67 8.88
N SER H 59 1.71 -31.59 8.56
CA SER H 59 2.09 -31.31 7.18
C SER H 59 3.56 -31.63 6.92
N ALA H 60 3.97 -31.51 5.66
CA ALA H 60 5.37 -31.71 5.28
C ALA H 60 6.27 -30.69 5.96
N ARG H 61 5.68 -29.58 6.39
CA ARG H 61 6.41 -28.54 7.10
C ARG H 61 6.86 -29.05 8.47
N GLU H 62 5.92 -29.64 9.21
CA GLU H 62 6.23 -30.21 10.52
C GLU H 62 7.17 -31.41 10.39
N ILE H 63 6.98 -32.20 9.34
CA ILE H 63 7.88 -33.31 9.06
C ILE H 63 9.30 -32.80 8.84
N GLN H 64 9.42 -31.72 8.08
CA GLN H 64 10.70 -31.12 7.77
C GLN H 64 11.39 -30.55 9.01
N THR H 65 10.64 -29.76 9.78
CA THR H 65 11.15 -29.16 11.01
C THR H 65 11.52 -30.24 12.01
N ALA H 66 10.76 -31.33 12.01
CA ALA H 66 11.01 -32.44 12.92
C ALA H 66 12.29 -33.19 12.52
N VAL H 67 12.53 -33.29 11.22
CA VAL H 67 13.75 -33.95 10.74
C VAL H 67 14.99 -33.17 11.17
N ARG H 68 14.86 -31.85 11.26
CA ARG H 68 15.97 -31.00 11.69
C ARG H 68 16.20 -31.09 13.21
N LEU H 69 15.25 -31.68 13.91
CA LEU H 69 15.33 -31.80 15.37
C LEU H 69 15.86 -33.17 15.81
N ILE H 70 15.55 -34.20 15.03
CA ILE H 70 15.98 -35.56 15.35
C ILE H 70 17.33 -35.92 14.74
N LEU H 71 17.54 -35.52 13.48
CA LEU H 71 18.74 -35.90 12.74
C LEU H 71 19.87 -34.88 12.88
N PRO H 72 21.11 -35.38 12.99
CA PRO H 72 22.32 -34.54 12.98
C PRO H 72 22.45 -33.79 11.64
N GLY H 73 23.15 -32.67 11.66
CA GLY H 73 23.22 -31.75 10.53
C GLY H 73 23.43 -32.34 9.16
N GLU H 74 24.50 -33.12 8.99
CA GLU H 74 24.84 -33.68 7.69
C GLU H 74 23.83 -34.71 7.19
N LEU H 75 23.15 -35.36 8.13
CA LEU H 75 22.09 -36.31 7.78
C LEU H 75 20.78 -35.55 7.53
N ALA H 76 20.56 -34.51 8.31
CA ALA H 76 19.33 -33.72 8.20
C ALA H 76 19.31 -32.84 6.95
N LYS H 77 20.49 -32.55 6.41
CA LYS H 77 20.58 -31.73 5.19
C LYS H 77 20.32 -32.57 3.94
N HIS H 78 20.83 -33.80 3.94
CA HIS H 78 20.56 -34.73 2.85
C HIS H 78 19.15 -35.30 2.95
N ALA H 79 18.67 -35.49 4.17
CA ALA H 79 17.32 -36.00 4.40
C ALA H 79 16.29 -34.98 3.94
N VAL H 80 16.49 -33.72 4.32
CA VAL H 80 15.60 -32.64 3.91
C VAL H 80 15.67 -32.44 2.39
N SER H 81 16.83 -32.71 1.81
CA SER H 81 17.01 -32.58 0.37
C SER H 81 16.26 -33.70 -0.35
N GLU H 82 16.28 -34.89 0.24
CA GLU H 82 15.65 -36.05 -0.36
C GLU H 82 14.13 -35.97 -0.30
N GLY H 83 13.62 -35.46 0.82
CA GLY H 83 12.18 -35.31 1.01
C GLY H 83 11.59 -34.23 0.13
N THR H 84 12.25 -33.07 0.11
CA THR H 84 11.83 -31.97 -0.73
C THR H 84 11.93 -32.36 -2.21
N ARG H 85 12.90 -33.22 -2.52
CA ARG H 85 13.11 -33.70 -3.88
C ARG H 85 12.01 -34.66 -4.30
N ALA H 86 11.48 -35.39 -3.31
CA ALA H 86 10.40 -36.34 -3.56
C ALA H 86 9.04 -35.65 -3.62
N VAL H 87 8.86 -34.63 -2.78
CA VAL H 87 7.60 -33.89 -2.75
C VAL H 87 7.45 -33.03 -4.01
N THR H 88 8.56 -32.45 -4.44
CA THR H 88 8.59 -31.63 -5.66
C THR H 88 8.29 -32.50 -6.89
N LYS H 89 8.85 -33.71 -6.90
CA LYS H 89 8.63 -34.63 -8.00
C LYS H 89 7.17 -35.06 -8.08
N TYR H 90 6.58 -35.38 -6.93
CA TYR H 90 5.17 -35.75 -6.86
C TYR H 90 4.27 -34.60 -7.31
N SER H 91 4.65 -33.38 -6.94
CA SER H 91 3.87 -32.20 -7.29
C SER H 91 3.93 -31.91 -8.79
N SER H 92 5.12 -32.06 -9.37
CA SER H 92 5.31 -31.79 -10.80
C SER H 92 4.44 -32.70 -11.65
N SER H 93 4.37 -33.97 -11.30
CA SER H 93 3.50 -34.91 -12.00
C SER H 93 2.13 -34.96 -11.36
N THR H 94 1.73 -33.83 -10.77
CA THR H 94 0.43 -33.65 -10.13
C THR H 94 -0.16 -34.90 -9.47
N SER H 113 1.14 -45.26 -8.44
CA SER H 113 1.16 -44.96 -7.01
C SER H 113 1.96 -43.71 -6.68
N ARG H 114 1.75 -43.19 -5.48
CA ARG H 114 2.46 -42.02 -5.00
C ARG H 114 3.98 -42.24 -4.91
N SER H 115 4.39 -43.47 -4.63
CA SER H 115 5.81 -43.78 -4.57
C SER H 115 6.52 -43.54 -5.90
N ALA H 116 5.93 -44.07 -6.97
CA ALA H 116 6.50 -43.94 -8.31
C ALA H 116 6.47 -42.49 -8.79
N LYS H 117 5.37 -41.80 -8.49
CA LYS H 117 5.23 -40.40 -8.85
C LYS H 117 6.22 -39.53 -8.09
N ALA H 118 6.81 -40.09 -7.03
CA ALA H 118 7.77 -39.36 -6.22
C ALA H 118 9.17 -39.95 -6.32
N GLY H 119 9.34 -40.88 -7.27
CA GLY H 119 10.63 -41.51 -7.50
C GLY H 119 11.17 -42.26 -6.30
N LEU H 120 10.27 -42.76 -5.46
CA LEU H 120 10.67 -43.47 -4.24
C LEU H 120 10.49 -44.98 -4.38
N THR H 121 11.33 -45.74 -3.69
CA THR H 121 11.24 -47.18 -3.71
C THR H 121 10.51 -47.69 -2.47
N PHE H 122 10.52 -46.91 -1.40
CA PHE H 122 9.74 -47.22 -0.21
C PHE H 122 8.26 -46.92 -0.44
N PRO H 123 7.38 -47.64 0.27
CA PRO H 123 5.92 -47.54 0.11
C PRO H 123 5.32 -46.35 0.83
N VAL H 124 4.91 -45.34 0.07
CA VAL H 124 4.31 -44.14 0.66
C VAL H 124 2.97 -44.47 1.31
N GLY H 125 2.28 -45.46 0.76
CA GLY H 125 1.00 -45.89 1.30
C GLY H 125 1.09 -46.46 2.70
N ARG H 126 2.11 -47.30 2.92
CA ARG H 126 2.29 -47.93 4.23
C ARG H 126 2.75 -46.92 5.28
N VAL H 127 3.42 -45.86 4.84
CA VAL H 127 3.89 -44.82 5.74
C VAL H 127 2.77 -43.88 6.14
N HIS H 128 1.96 -43.48 5.16
CA HIS H 128 0.81 -42.62 5.43
C HIS H 128 -0.13 -43.30 6.40
N ARG H 129 -0.21 -44.62 6.29
CA ARG H 129 -1.03 -45.44 7.17
C ARG H 129 -0.59 -45.30 8.62
N LEU H 130 0.69 -45.52 8.85
CA LEU H 130 1.25 -45.47 10.20
C LEU H 130 1.10 -44.09 10.84
N LEU H 131 1.30 -43.05 10.05
CA LEU H 131 1.12 -41.68 10.53
C LEU H 131 -0.34 -41.44 10.93
N ARG H 132 -1.23 -42.28 10.40
CA ARG H 132 -2.66 -42.12 10.59
C ARG H 132 -3.21 -43.15 11.56
N ARG H 133 -2.51 -44.26 11.71
CA ARG H 133 -2.90 -45.30 12.67
C ARG H 133 -2.08 -45.20 13.94
N GLY H 134 -1.54 -44.01 14.20
CA GLY H 134 -0.71 -43.78 15.37
C GLY H 134 -1.18 -42.60 16.21
N ASN H 135 -2.19 -41.91 15.71
CA ASN H 135 -2.77 -40.75 16.40
C ASN H 135 -1.75 -39.73 16.87
N TYR H 136 -0.91 -39.27 15.95
CA TYR H 136 0.02 -38.19 16.24
C TYR H 136 -0.69 -36.87 16.06
N ALA H 137 -1.80 -36.91 15.32
CA ALA H 137 -2.64 -35.75 15.07
C ALA H 137 -3.90 -36.22 14.34
N GLN H 138 -4.87 -35.32 14.19
CA GLN H 138 -6.11 -35.66 13.51
C GLN H 138 -5.87 -36.04 12.06
N ARG H 139 -5.41 -35.08 11.26
CA ARG H 139 -5.19 -35.32 9.84
C ARG H 139 -3.72 -35.33 9.47
N ILE H 140 -3.36 -36.19 8.52
CA ILE H 140 -2.00 -36.30 8.04
C ILE H 140 -1.95 -36.04 6.53
N GLY H 141 -1.31 -34.95 6.15
CA GLY H 141 -1.18 -34.59 4.74
C GLY H 141 -0.47 -35.67 3.94
N SER H 142 -0.80 -35.76 2.65
CA SER H 142 -0.21 -36.76 1.79
C SER H 142 1.27 -36.49 1.55
N LYS H 143 1.60 -35.22 1.31
CA LYS H 143 2.99 -34.82 1.09
C LYS H 143 3.84 -35.02 2.34
N ALA H 144 3.21 -35.03 3.50
CA ALA H 144 3.90 -35.33 4.76
C ALA H 144 4.42 -36.76 4.73
N ALA H 145 3.55 -37.68 4.33
CA ALA H 145 3.90 -39.09 4.22
C ALA H 145 4.97 -39.32 3.16
N ILE H 146 4.86 -38.58 2.06
CA ILE H 146 5.82 -38.64 0.98
C ILE H 146 7.19 -38.15 1.44
N TYR H 147 7.20 -37.02 2.13
CA TYR H 147 8.42 -36.44 2.66
C TYR H 147 9.08 -37.43 3.60
N LEU H 148 8.31 -37.93 4.56
CA LEU H 148 8.83 -38.86 5.56
C LEU H 148 9.28 -40.18 4.93
N THR H 149 8.57 -40.61 3.89
CA THR H 149 8.92 -41.84 3.19
C THR H 149 10.29 -41.72 2.53
N ALA H 150 10.56 -40.59 1.88
CA ALA H 150 11.84 -40.36 1.23
C ALA H 150 12.98 -40.27 2.27
N VAL H 151 12.69 -39.61 3.38
CA VAL H 151 13.66 -39.50 4.47
C VAL H 151 14.02 -40.86 5.05
N LEU H 152 13.01 -41.70 5.25
CA LEU H 152 13.22 -43.04 5.78
C LEU H 152 14.03 -43.89 4.81
N GLU H 153 13.69 -43.77 3.53
CA GLU H 153 14.40 -44.50 2.47
C GLU H 153 15.85 -44.06 2.40
N TYR H 154 16.08 -42.75 2.48
CA TYR H 154 17.44 -42.20 2.43
C TYR H 154 18.30 -42.67 3.60
N LEU H 155 17.74 -42.59 4.79
CA LEU H 155 18.46 -43.00 6.00
C LEU H 155 18.85 -44.47 5.94
N THR H 156 17.95 -45.29 5.44
CA THR H 156 18.21 -46.73 5.30
C THR H 156 19.37 -46.98 4.35
N ALA H 157 19.42 -46.21 3.26
CA ALA H 157 20.50 -46.32 2.28
C ALA H 157 21.84 -45.93 2.90
N GLU H 158 21.84 -44.83 3.65
CA GLU H 158 23.04 -44.38 4.36
C GLU H 158 23.57 -45.45 5.30
N VAL H 159 22.66 -46.05 6.06
CA VAL H 159 23.01 -47.14 6.97
C VAL H 159 23.40 -48.39 6.19
N LEU H 160 22.70 -48.65 5.09
CA LEU H 160 23.04 -49.77 4.21
C LEU H 160 24.39 -49.52 3.56
N GLU H 161 24.70 -48.26 3.30
CA GLU H 161 25.97 -47.86 2.71
C GLU H 161 27.13 -48.14 3.66
N LEU H 162 27.06 -47.56 4.85
CA LEU H 162 28.10 -47.71 5.85
C LEU H 162 28.17 -49.12 6.43
N ALA H 163 27.09 -49.89 6.26
CA ALA H 163 27.06 -51.28 6.70
C ALA H 163 27.75 -52.18 5.69
N GLY H 164 27.55 -51.88 4.40
CA GLY H 164 28.19 -52.62 3.33
C GLY H 164 29.68 -52.39 3.33
N ASN H 165 30.08 -51.13 3.48
CA ASN H 165 31.50 -50.78 3.55
C ASN H 165 32.18 -51.43 4.75
N ALA H 166 31.46 -51.51 5.87
CA ALA H 166 31.97 -52.18 7.05
C ALA H 166 32.13 -53.68 6.77
N ALA H 167 31.29 -54.18 5.88
CA ALA H 167 31.37 -55.57 5.44
C ALA H 167 32.42 -55.72 4.33
N ARG H 168 32.47 -54.73 3.43
CA ARG H 168 33.45 -54.74 2.35
C ARG H 168 34.87 -54.49 2.87
N ASP H 169 35.00 -53.53 3.79
CA ASP H 169 36.29 -53.30 4.43
C ASP H 169 36.55 -54.37 5.49
N ASN H 170 36.05 -55.57 5.22
CA ASN H 170 36.24 -56.74 6.07
C ASN H 170 36.25 -57.98 5.18
N LYS H 171 36.45 -57.73 3.89
CA LYS H 171 36.48 -58.77 2.85
C LYS H 171 35.34 -59.79 2.93
N LYS H 172 34.19 -59.35 3.44
CA LYS H 172 33.01 -60.20 3.48
C LYS H 172 31.92 -59.62 2.58
N THR H 173 31.00 -60.47 2.13
CA THR H 173 30.00 -60.05 1.16
C THR H 173 28.56 -60.09 1.69
N ARG H 174 28.36 -60.63 2.90
CA ARG H 174 27.04 -60.67 3.49
C ARG H 174 26.96 -59.84 4.77
N ILE H 175 26.07 -58.85 4.77
CA ILE H 175 25.94 -57.94 5.92
C ILE H 175 25.41 -58.66 7.16
N ILE H 176 26.10 -58.45 8.27
CA ILE H 176 25.81 -59.14 9.52
C ILE H 176 25.63 -58.13 10.64
N PRO H 177 24.85 -58.49 11.68
CA PRO H 177 24.58 -57.60 12.82
C PRO H 177 25.83 -56.90 13.36
N ARG H 178 26.99 -57.53 13.22
CA ARG H 178 28.24 -56.91 13.66
C ARG H 178 28.62 -55.74 12.74
N HIS H 179 28.35 -55.91 11.45
CA HIS H 179 28.64 -54.87 10.47
C HIS H 179 27.81 -53.61 10.74
N LEU H 180 26.55 -53.81 11.10
CA LEU H 180 25.68 -52.70 11.47
C LEU H 180 26.18 -52.04 12.73
N GLN H 181 26.72 -52.84 13.65
CA GLN H 181 27.27 -52.34 14.91
C GLN H 181 28.43 -51.39 14.65
N LEU H 182 29.38 -51.84 13.83
CA LEU H 182 30.55 -51.03 13.49
C LEU H 182 30.17 -49.82 12.63
N ALA H 183 29.16 -50.00 11.80
CA ALA H 183 28.69 -48.93 10.90
C ALA H 183 28.21 -47.71 11.67
N ILE H 184 27.27 -47.92 12.59
CA ILE H 184 26.72 -46.84 13.39
C ILE H 184 27.73 -46.31 14.40
N ARG H 185 28.60 -47.20 14.89
CA ARG H 185 29.58 -46.83 15.90
C ARG H 185 30.69 -45.94 15.34
N ASN H 186 31.03 -46.13 14.07
CA ASN H 186 32.13 -45.41 13.46
C ASN H 186 31.73 -44.17 12.66
N ASP H 187 30.43 -43.89 12.62
CA ASP H 187 29.95 -42.64 12.05
C ASP H 187 29.44 -41.73 13.15
N ASP H 188 30.03 -40.54 13.25
CA ASP H 188 29.70 -39.58 14.30
C ASP H 188 28.20 -39.32 14.39
N GLU H 189 27.58 -39.13 13.22
CA GLU H 189 26.18 -38.77 13.16
C GLU H 189 25.25 -39.96 13.33
N LEU H 190 25.64 -41.11 12.77
CA LEU H 190 24.86 -42.33 12.96
C LEU H 190 24.85 -42.74 14.43
N ASN H 191 25.98 -42.56 15.11
CA ASN H 191 26.08 -42.90 16.52
C ASN H 191 25.26 -41.94 17.39
N LYS H 192 25.21 -40.68 16.97
CA LYS H 192 24.35 -39.70 17.63
C LYS H 192 22.89 -40.14 17.57
N LEU H 193 22.43 -40.45 16.36
CA LEU H 193 21.05 -40.84 16.12
C LEU H 193 20.75 -42.21 16.74
N LEU H 194 21.42 -43.24 16.22
CA LEU H 194 21.20 -44.60 16.68
C LEU H 194 22.19 -44.97 17.79
#